data_2DIR
#
_entry.id   2DIR
#
_entity_poly.entity_id   1
_entity_poly.type   'polypeptide(L)'
_entity_poly.pdbx_seq_one_letter_code
;GSSGSSGKAFLEDMKKYAETFLEPWFKAPNKGTFQIVYKSRNNSHVNREEVIRELAGIVCTLNSENKVDLTNPQYTVVVE
IIKAVCCLSVVKSGPSSG
;
_entity_poly.pdbx_strand_id   A
#
# COMPACT_ATOMS: atom_id res chain seq x y z
N GLY A 1 -5.70 -14.05 5.68
CA GLY A 1 -4.85 -12.88 5.79
C GLY A 1 -4.14 -12.80 7.13
N SER A 2 -3.42 -11.71 7.36
CA SER A 2 -2.68 -11.53 8.61
C SER A 2 -3.54 -11.92 9.81
N SER A 3 -2.98 -12.76 10.67
CA SER A 3 -3.69 -13.21 11.86
C SER A 3 -4.39 -12.05 12.56
N GLY A 4 -3.67 -10.94 12.72
CA GLY A 4 -4.23 -9.77 13.36
C GLY A 4 -3.80 -9.65 14.81
N SER A 5 -2.63 -9.05 15.03
CA SER A 5 -2.10 -8.87 16.37
C SER A 5 -1.20 -7.64 16.44
N SER A 6 -1.50 -6.76 17.39
CA SER A 6 -0.72 -5.53 17.57
C SER A 6 0.76 -5.86 17.79
N GLY A 7 1.57 -4.82 17.97
CA GLY A 7 2.98 -5.01 18.19
C GLY A 7 3.82 -3.87 17.63
N LYS A 8 4.17 -3.97 16.35
CA LYS A 8 4.97 -2.95 15.70
C LYS A 8 4.12 -1.73 15.35
N ALA A 9 3.96 -0.83 16.32
CA ALA A 9 3.17 0.38 16.12
C ALA A 9 3.46 1.01 14.77
N PHE A 10 4.74 1.18 14.46
CA PHE A 10 5.16 1.77 13.20
C PHE A 10 4.27 1.29 12.05
N LEU A 11 3.87 0.02 12.12
CA LEU A 11 3.01 -0.55 11.09
C LEU A 11 1.54 -0.32 11.40
N GLU A 12 1.12 -0.74 12.60
CA GLU A 12 -0.26 -0.57 13.02
C GLU A 12 -0.85 0.73 12.48
N ASP A 13 -0.17 1.83 12.77
CA ASP A 13 -0.62 3.15 12.33
C ASP A 13 -0.74 3.19 10.80
N MET A 14 0.37 2.95 10.12
CA MET A 14 0.39 2.95 8.66
C MET A 14 -0.83 2.23 8.09
N LYS A 15 -1.30 1.22 8.82
CA LYS A 15 -2.48 0.46 8.41
C LYS A 15 -3.74 1.30 8.51
N LYS A 16 -4.08 1.70 9.73
CA LYS A 16 -5.27 2.51 9.97
C LYS A 16 -5.34 3.67 9.00
N TYR A 17 -4.17 4.21 8.64
CA TYR A 17 -4.10 5.34 7.71
C TYR A 17 -4.27 4.87 6.27
N ALA A 18 -3.28 4.14 5.76
CA ALA A 18 -3.33 3.63 4.40
C ALA A 18 -4.72 3.12 4.05
N GLU A 19 -5.45 2.66 5.07
CA GLU A 19 -6.80 2.14 4.87
C GLU A 19 -7.79 3.27 4.63
N THR A 20 -8.07 4.03 5.69
CA THR A 20 -9.00 5.14 5.60
C THR A 20 -8.53 6.18 4.60
N PHE A 21 -7.29 6.04 4.15
CA PHE A 21 -6.71 6.97 3.18
C PHE A 21 -6.90 6.45 1.76
N LEU A 22 -6.75 5.14 1.59
CA LEU A 22 -6.89 4.52 0.27
C LEU A 22 -8.31 4.01 0.08
N GLU A 23 -9.14 4.15 1.11
CA GLU A 23 -10.52 3.70 1.04
C GLU A 23 -11.17 4.10 -0.29
N PRO A 24 -11.17 5.42 -0.56
CA PRO A 24 -11.75 5.96 -1.80
C PRO A 24 -10.93 5.59 -3.03
N TRP A 25 -9.77 4.99 -2.81
CA TRP A 25 -8.89 4.58 -3.90
C TRP A 25 -8.92 3.07 -4.11
N PHE A 26 -9.39 2.36 -3.09
CA PHE A 26 -9.48 0.91 -3.16
C PHE A 26 -10.85 0.42 -2.70
N LYS A 27 -11.34 0.99 -1.61
CA LYS A 27 -12.64 0.61 -1.07
C LYS A 27 -13.77 1.24 -1.89
N ALA A 28 -14.80 0.44 -2.19
CA ALA A 28 -15.93 0.92 -2.96
C ALA A 28 -16.35 2.32 -2.52
N PRO A 29 -17.05 3.04 -3.41
CA PRO A 29 -17.40 2.53 -4.73
C PRO A 29 -16.20 2.39 -5.64
N ASN A 30 -15.03 2.79 -5.15
CA ASN A 30 -13.80 2.72 -5.92
C ASN A 30 -13.22 1.31 -5.88
N LYS A 31 -12.51 0.94 -6.95
CA LYS A 31 -11.90 -0.38 -7.03
C LYS A 31 -11.03 -0.50 -8.27
N GLY A 32 -10.22 -1.54 -8.32
CA GLY A 32 -9.34 -1.75 -9.46
C GLY A 32 -8.02 -2.39 -9.08
N THR A 33 -7.00 -2.17 -9.90
CA THR A 33 -5.67 -2.74 -9.63
C THR A 33 -4.71 -1.67 -9.14
N PHE A 34 -3.55 -2.10 -8.67
CA PHE A 34 -2.54 -1.18 -8.16
C PHE A 34 -1.18 -1.88 -8.03
N GLN A 35 -0.14 -1.09 -7.80
CA GLN A 35 1.21 -1.63 -7.65
C GLN A 35 1.94 -0.96 -6.50
N ILE A 36 2.25 -1.75 -5.47
CA ILE A 36 2.95 -1.24 -4.29
C ILE A 36 4.47 -1.29 -4.50
N VAL A 37 5.16 -0.24 -4.05
CA VAL A 37 6.60 -0.17 -4.18
C VAL A 37 7.23 0.44 -2.92
N TYR A 38 8.23 -0.27 -2.39
CA TYR A 38 8.92 0.20 -1.18
C TYR A 38 10.17 1.00 -1.54
N LYS A 39 10.17 2.27 -1.16
CA LYS A 39 11.30 3.15 -1.44
C LYS A 39 11.88 3.73 -0.16
N SER A 40 13.15 3.44 0.10
CA SER A 40 13.82 3.93 1.30
C SER A 40 15.22 4.43 0.97
N ARG A 41 15.44 5.73 1.19
CA ARG A 41 16.75 6.33 0.92
C ARG A 41 17.75 5.95 1.99
N ASN A 42 17.26 5.54 3.15
CA ASN A 42 18.12 5.15 4.26
C ASN A 42 17.76 3.76 4.77
N ASN A 43 18.61 3.21 5.62
CA ASN A 43 18.38 1.87 6.17
C ASN A 43 17.33 1.92 7.28
N SER A 44 16.24 1.20 7.08
CA SER A 44 15.15 1.15 8.05
C SER A 44 15.08 -0.22 8.73
N HIS A 45 14.72 -0.21 10.01
CA HIS A 45 14.62 -1.45 10.77
C HIS A 45 13.53 -2.35 10.19
N VAL A 46 12.32 -1.82 10.11
CA VAL A 46 11.19 -2.58 9.58
C VAL A 46 11.48 -3.10 8.19
N ASN A 47 11.13 -4.36 7.94
CA ASN A 47 11.36 -4.97 6.64
C ASN A 47 10.47 -4.32 5.57
N ARG A 48 10.96 -4.34 4.32
CA ARG A 48 10.21 -3.76 3.22
C ARG A 48 9.05 -4.66 2.81
N GLU A 49 9.30 -5.96 2.78
CA GLU A 49 8.28 -6.93 2.40
C GLU A 49 7.05 -6.80 3.29
N GLU A 50 7.28 -6.73 4.60
CA GLU A 50 6.20 -6.61 5.57
C GLU A 50 5.31 -5.42 5.23
N VAL A 51 5.94 -4.31 4.84
CA VAL A 51 5.20 -3.10 4.49
C VAL A 51 4.41 -3.29 3.21
N ILE A 52 5.07 -3.78 2.17
CA ILE A 52 4.42 -4.01 0.89
C ILE A 52 3.31 -5.06 1.02
N ARG A 53 3.71 -6.29 1.28
CA ARG A 53 2.75 -7.39 1.43
C ARG A 53 1.53 -6.94 2.22
N GLU A 54 1.76 -6.52 3.47
CA GLU A 54 0.68 -6.07 4.33
C GLU A 54 -0.22 -5.07 3.60
N LEU A 55 0.34 -3.92 3.25
CA LEU A 55 -0.40 -2.88 2.55
C LEU A 55 -1.37 -3.50 1.54
N ALA A 56 -0.88 -4.47 0.78
CA ALA A 56 -1.71 -5.14 -0.22
C ALA A 56 -2.81 -5.96 0.44
N GLY A 57 -2.45 -6.70 1.48
CA GLY A 57 -3.42 -7.52 2.17
C GLY A 57 -4.59 -6.71 2.70
N ILE A 58 -4.36 -5.43 2.94
CA ILE A 58 -5.41 -4.54 3.44
C ILE A 58 -6.28 -4.02 2.31
N VAL A 59 -5.66 -3.69 1.18
CA VAL A 59 -6.37 -3.19 0.03
C VAL A 59 -7.52 -4.12 -0.35
N CYS A 60 -7.22 -5.39 -0.51
CA CYS A 60 -8.21 -6.39 -0.87
C CYS A 60 -9.32 -6.43 0.18
N THR A 61 -8.95 -6.31 1.44
CA THR A 61 -9.91 -6.35 2.54
C THR A 61 -11.04 -5.35 2.31
N LEU A 62 -10.70 -4.20 1.75
CA LEU A 62 -11.68 -3.16 1.48
C LEU A 62 -12.69 -3.63 0.44
N ASN A 63 -12.25 -3.78 -0.80
CA ASN A 63 -13.11 -4.23 -1.87
C ASN A 63 -12.57 -5.50 -2.52
N SER A 64 -13.37 -6.56 -2.51
CA SER A 64 -12.97 -7.84 -3.10
C SER A 64 -12.58 -7.67 -4.55
N GLU A 65 -13.10 -6.62 -5.19
CA GLU A 65 -12.80 -6.36 -6.59
C GLU A 65 -11.37 -5.87 -6.75
N ASN A 66 -10.81 -5.31 -5.68
CA ASN A 66 -9.45 -4.80 -5.70
C ASN A 66 -8.44 -5.94 -5.91
N LYS A 67 -7.52 -5.75 -6.84
CA LYS A 67 -6.50 -6.76 -7.13
C LYS A 67 -5.18 -6.11 -7.50
N VAL A 68 -4.21 -6.18 -6.60
CA VAL A 68 -2.89 -5.61 -6.84
C VAL A 68 -2.21 -6.26 -8.03
N ASP A 69 -1.89 -5.47 -9.04
CA ASP A 69 -1.24 -5.98 -10.25
C ASP A 69 0.06 -5.21 -10.52
N LEU A 70 1.03 -5.91 -11.10
CA LEU A 70 2.33 -5.30 -11.41
C LEU A 70 2.50 -5.16 -12.92
N THR A 71 1.48 -5.54 -13.68
CA THR A 71 1.52 -5.44 -15.12
C THR A 71 0.66 -4.30 -15.64
N ASN A 72 -0.62 -4.34 -15.31
CA ASN A 72 -1.55 -3.30 -15.74
C ASN A 72 -2.18 -2.61 -14.53
N PRO A 73 -1.34 -2.08 -13.64
CA PRO A 73 -1.79 -1.38 -12.43
C PRO A 73 -2.43 -0.04 -12.74
N GLN A 74 -3.56 0.23 -12.09
CA GLN A 74 -4.27 1.49 -12.31
C GLN A 74 -3.82 2.55 -11.31
N TYR A 75 -3.52 2.12 -10.09
CA TYR A 75 -3.09 3.03 -9.04
C TYR A 75 -1.76 2.57 -8.44
N THR A 76 -0.75 3.44 -8.49
CA THR A 76 0.56 3.11 -7.95
C THR A 76 0.73 3.67 -6.54
N VAL A 77 0.81 2.78 -5.57
CA VAL A 77 0.97 3.18 -4.17
C VAL A 77 2.40 2.96 -3.70
N VAL A 78 3.17 4.04 -3.66
CA VAL A 78 4.56 3.97 -3.22
C VAL A 78 4.70 4.42 -1.77
N VAL A 79 5.66 3.82 -1.06
CA VAL A 79 5.90 4.16 0.34
C VAL A 79 7.32 4.69 0.53
N GLU A 80 7.44 6.01 0.68
CA GLU A 80 8.74 6.64 0.87
C GLU A 80 9.04 6.81 2.36
N ILE A 81 10.31 6.69 2.72
CA ILE A 81 10.73 6.83 4.10
C ILE A 81 11.43 8.17 4.33
N ILE A 82 10.74 9.06 5.04
CA ILE A 82 11.30 10.38 5.33
C ILE A 82 11.24 10.69 6.82
N LYS A 83 12.33 11.22 7.36
CA LYS A 83 12.40 11.55 8.78
C LYS A 83 11.76 10.48 9.63
N ALA A 84 11.90 9.23 9.20
CA ALA A 84 11.33 8.09 9.93
C ALA A 84 9.81 8.13 9.92
N VAL A 85 9.24 8.36 8.74
CA VAL A 85 7.78 8.42 8.59
C VAL A 85 7.33 7.70 7.33
N CYS A 86 6.13 7.12 7.39
CA CYS A 86 5.58 6.40 6.24
C CYS A 86 4.85 7.36 5.30
N CYS A 87 5.46 7.63 4.15
CA CYS A 87 4.87 8.52 3.17
C CYS A 87 4.21 7.74 2.03
N LEU A 88 2.89 7.71 2.02
CA LEU A 88 2.15 7.00 0.99
C LEU A 88 1.76 7.93 -0.15
N SER A 89 2.28 7.64 -1.34
CA SER A 89 1.99 8.46 -2.52
C SER A 89 1.18 7.66 -3.54
N VAL A 90 -0.01 8.15 -3.86
CA VAL A 90 -0.88 7.50 -4.82
C VAL A 90 -0.83 8.20 -6.18
N VAL A 91 -0.39 7.49 -7.20
CA VAL A 91 -0.31 8.04 -8.55
C VAL A 91 -1.28 7.35 -9.49
N LYS A 92 -2.13 8.14 -10.15
CA LYS A 92 -3.11 7.61 -11.09
C LYS A 92 -2.58 7.68 -12.51
N SER A 93 -2.18 6.53 -13.05
CA SER A 93 -1.66 6.45 -14.42
C SER A 93 -2.53 5.55 -15.28
N GLY A 94 -2.94 6.08 -16.43
CA GLY A 94 -3.78 5.31 -17.33
C GLY A 94 -3.40 5.51 -18.79
N PRO A 95 -2.48 4.67 -19.29
CA PRO A 95 -2.01 4.76 -20.68
C PRO A 95 -3.08 4.32 -21.68
N SER A 96 -4.24 3.92 -21.16
CA SER A 96 -5.34 3.49 -22.00
C SER A 96 -5.99 4.68 -22.71
N SER A 97 -5.99 4.64 -24.03
CA SER A 97 -6.57 5.71 -24.83
C SER A 97 -6.17 7.07 -24.29
N GLY A 98 -4.90 7.19 -23.89
CA GLY A 98 -4.41 8.45 -23.36
C GLY A 98 -5.26 8.97 -22.21
N GLY A 1 -9.81 -12.65 7.48
CA GLY A 1 -9.26 -13.24 8.68
C GLY A 1 -8.22 -12.38 9.34
N SER A 2 -7.86 -12.71 10.58
CA SER A 2 -6.87 -11.96 11.33
C SER A 2 -5.46 -12.43 10.99
N SER A 3 -5.18 -12.56 9.70
CA SER A 3 -3.87 -13.02 9.24
C SER A 3 -2.84 -11.90 9.36
N GLY A 4 -2.25 -11.76 10.54
CA GLY A 4 -1.25 -10.73 10.76
C GLY A 4 -0.54 -10.88 12.09
N SER A 5 0.52 -10.09 12.28
CA SER A 5 1.30 -10.15 13.51
C SER A 5 1.54 -8.75 14.07
N SER A 6 0.59 -8.26 14.86
CA SER A 6 0.70 -6.93 15.45
C SER A 6 1.84 -6.88 16.47
N GLY A 7 2.74 -5.92 16.28
CA GLY A 7 3.86 -5.78 17.19
C GLY A 7 4.50 -4.41 17.11
N LYS A 8 5.02 -4.06 15.93
CA LYS A 8 5.66 -2.77 15.73
C LYS A 8 4.63 -1.69 15.42
N ALA A 9 4.28 -0.91 16.45
CA ALA A 9 3.31 0.16 16.29
C ALA A 9 3.43 0.83 14.92
N PHE A 10 4.66 1.14 14.53
CA PHE A 10 4.92 1.78 13.25
C PHE A 10 3.95 1.28 12.18
N LEU A 11 3.78 -0.04 12.13
CA LEU A 11 2.87 -0.65 11.16
C LEU A 11 1.43 -0.59 11.64
N GLU A 12 1.20 -1.05 12.86
CA GLU A 12 -0.14 -1.04 13.44
C GLU A 12 -0.90 0.23 13.06
N ASP A 13 -0.25 1.38 13.27
CA ASP A 13 -0.86 2.66 12.95
C ASP A 13 -0.98 2.84 11.44
N MET A 14 0.12 2.62 10.72
CA MET A 14 0.13 2.76 9.28
C MET A 14 -1.14 2.17 8.66
N LYS A 15 -1.36 0.88 8.90
CA LYS A 15 -2.53 0.19 8.38
C LYS A 15 -3.74 1.12 8.36
N LYS A 16 -4.27 1.40 9.55
CA LYS A 16 -5.43 2.28 9.68
C LYS A 16 -5.37 3.43 8.67
N TYR A 17 -4.39 4.32 8.86
CA TYR A 17 -4.22 5.45 7.96
C TYR A 17 -4.34 5.03 6.51
N ALA A 18 -3.36 4.28 6.03
CA ALA A 18 -3.36 3.80 4.66
C ALA A 18 -4.75 3.31 4.24
N GLU A 19 -5.46 2.70 5.19
CA GLU A 19 -6.80 2.19 4.92
C GLU A 19 -7.79 3.33 4.69
N THR A 20 -8.11 4.05 5.77
CA THR A 20 -9.04 5.16 5.68
C THR A 20 -8.56 6.20 4.67
N PHE A 21 -7.31 6.08 4.24
CA PHE A 21 -6.73 7.01 3.28
C PHE A 21 -6.90 6.48 1.85
N LEU A 22 -6.76 5.17 1.69
CA LEU A 22 -6.88 4.55 0.38
C LEU A 22 -8.30 4.03 0.16
N GLU A 23 -9.15 4.21 1.16
CA GLU A 23 -10.54 3.76 1.08
C GLU A 23 -11.17 4.17 -0.24
N PRO A 24 -11.17 5.48 -0.51
CA PRO A 24 -11.74 6.04 -1.74
C PRO A 24 -10.91 5.69 -2.98
N TRP A 25 -9.75 5.07 -2.75
CA TRP A 25 -8.87 4.67 -3.84
C TRP A 25 -8.92 3.17 -4.07
N PHE A 26 -9.37 2.44 -3.04
CA PHE A 26 -9.47 0.98 -3.14
C PHE A 26 -10.83 0.50 -2.66
N LYS A 27 -11.32 1.08 -1.57
CA LYS A 27 -12.61 0.71 -1.01
C LYS A 27 -13.74 1.33 -1.81
N ALA A 28 -14.77 0.53 -2.09
CA ALA A 28 -15.93 1.00 -2.86
C ALA A 28 -16.34 2.41 -2.43
N PRO A 29 -17.03 3.12 -3.32
CA PRO A 29 -17.40 2.59 -4.63
C PRO A 29 -16.19 2.45 -5.56
N ASN A 30 -15.03 2.87 -5.08
CA ASN A 30 -13.81 2.78 -5.85
C ASN A 30 -13.24 1.37 -5.84
N LYS A 31 -12.52 1.01 -6.89
CA LYS A 31 -11.93 -0.33 -7.00
C LYS A 31 -11.06 -0.44 -8.24
N GLY A 32 -10.22 -1.47 -8.29
CA GLY A 32 -9.35 -1.68 -9.43
C GLY A 32 -8.04 -2.31 -9.04
N THR A 33 -7.02 -2.13 -9.89
CA THR A 33 -5.71 -2.70 -9.64
C THR A 33 -4.73 -1.63 -9.16
N PHE A 34 -3.55 -2.06 -8.72
CA PHE A 34 -2.53 -1.14 -8.24
C PHE A 34 -1.18 -1.84 -8.11
N GLN A 35 -0.15 -1.07 -7.79
CA GLN A 35 1.20 -1.62 -7.64
C GLN A 35 1.92 -0.96 -6.46
N ILE A 36 2.15 -1.74 -5.42
CA ILE A 36 2.84 -1.25 -4.23
C ILE A 36 4.36 -1.31 -4.40
N VAL A 37 5.04 -0.29 -3.91
CA VAL A 37 6.50 -0.23 -4.01
C VAL A 37 7.10 0.43 -2.78
N TYR A 38 8.08 -0.24 -2.17
CA TYR A 38 8.74 0.28 -0.99
C TYR A 38 9.96 1.12 -1.36
N LYS A 39 9.79 2.44 -1.33
CA LYS A 39 10.88 3.36 -1.66
C LYS A 39 11.78 3.60 -0.45
N SER A 40 13.00 3.09 -0.51
CA SER A 40 13.95 3.25 0.58
C SER A 40 15.37 3.47 0.04
N ARG A 41 16.03 4.50 0.55
CA ARG A 41 17.39 4.82 0.11
C ARG A 41 18.38 4.63 1.26
N ASN A 42 18.17 5.37 2.34
CA ASN A 42 19.05 5.29 3.50
C ASN A 42 18.25 5.12 4.79
N ASN A 43 17.75 3.91 5.02
CA ASN A 43 16.97 3.62 6.21
C ASN A 43 16.68 2.12 6.32
N SER A 44 17.06 1.53 7.45
CA SER A 44 16.85 0.11 7.68
C SER A 44 16.20 -0.12 9.04
N HIS A 45 14.87 -0.02 9.07
CA HIS A 45 14.12 -0.23 10.30
C HIS A 45 13.30 -1.50 10.23
N VAL A 46 12.38 -1.55 9.28
CA VAL A 46 11.51 -2.71 9.10
C VAL A 46 11.62 -3.26 7.68
N ASN A 47 11.58 -4.58 7.56
CA ASN A 47 11.67 -5.23 6.26
C ASN A 47 10.60 -4.71 5.31
N ARG A 48 11.02 -4.30 4.11
CA ARG A 48 10.10 -3.77 3.11
C ARG A 48 8.98 -4.78 2.83
N GLU A 49 9.36 -6.04 2.64
CA GLU A 49 8.38 -7.09 2.36
C GLU A 49 7.14 -6.93 3.23
N GLU A 50 7.36 -6.73 4.53
CA GLU A 50 6.26 -6.58 5.48
C GLU A 50 5.33 -5.45 5.03
N VAL A 51 5.89 -4.26 4.84
CA VAL A 51 5.10 -3.10 4.42
C VAL A 51 4.38 -3.39 3.11
N ILE A 52 5.14 -3.61 2.05
CA ILE A 52 4.57 -3.90 0.73
C ILE A 52 3.48 -4.95 0.83
N ARG A 53 3.87 -6.18 1.18
CA ARG A 53 2.92 -7.28 1.30
C ARG A 53 1.68 -6.84 2.09
N GLU A 54 1.87 -6.55 3.37
CA GLU A 54 0.77 -6.12 4.23
C GLU A 54 -0.11 -5.10 3.51
N LEU A 55 0.48 -3.95 3.18
CA LEU A 55 -0.25 -2.89 2.49
C LEU A 55 -1.20 -3.46 1.45
N ALA A 56 -0.80 -4.57 0.83
CA ALA A 56 -1.62 -5.23 -0.18
C ALA A 56 -2.75 -6.01 0.46
N GLY A 57 -2.42 -6.81 1.47
CA GLY A 57 -3.43 -7.60 2.15
C GLY A 57 -4.61 -6.76 2.63
N ILE A 58 -4.35 -5.49 2.90
CA ILE A 58 -5.39 -4.58 3.36
C ILE A 58 -6.28 -4.13 2.20
N VAL A 59 -5.65 -3.59 1.16
CA VAL A 59 -6.37 -3.11 -0.01
C VAL A 59 -7.54 -4.04 -0.35
N CYS A 60 -7.24 -5.33 -0.46
CA CYS A 60 -8.25 -6.33 -0.78
C CYS A 60 -9.36 -6.35 0.28
N THR A 61 -8.96 -6.20 1.54
CA THR A 61 -9.91 -6.20 2.65
C THR A 61 -11.01 -5.18 2.42
N LEU A 62 -10.68 -4.08 1.74
CA LEU A 62 -11.65 -3.03 1.45
C LEU A 62 -12.67 -3.50 0.41
N ASN A 63 -12.21 -3.68 -0.82
CA ASN A 63 -13.08 -4.13 -1.90
C ASN A 63 -12.51 -5.38 -2.57
N SER A 64 -13.28 -6.46 -2.55
CA SER A 64 -12.85 -7.72 -3.16
C SER A 64 -12.46 -7.51 -4.61
N GLU A 65 -13.06 -6.50 -5.24
CA GLU A 65 -12.77 -6.20 -6.64
C GLU A 65 -11.34 -5.71 -6.81
N ASN A 66 -10.77 -5.17 -5.74
CA ASN A 66 -9.40 -4.68 -5.76
C ASN A 66 -8.40 -5.82 -5.92
N LYS A 67 -7.50 -5.67 -6.87
CA LYS A 67 -6.49 -6.69 -7.14
C LYS A 67 -5.16 -6.06 -7.53
N VAL A 68 -4.18 -6.16 -6.64
CA VAL A 68 -2.85 -5.60 -6.89
C VAL A 68 -2.19 -6.26 -8.09
N ASP A 69 -1.89 -5.47 -9.12
CA ASP A 69 -1.25 -5.99 -10.32
C ASP A 69 0.07 -5.28 -10.57
N LEU A 70 1.03 -6.00 -11.15
CA LEU A 70 2.34 -5.45 -11.46
C LEU A 70 2.57 -5.36 -12.96
N THR A 71 1.53 -5.71 -13.73
CA THR A 71 1.62 -5.67 -15.18
C THR A 71 0.71 -4.60 -15.76
N ASN A 72 -0.51 -4.53 -15.23
CA ASN A 72 -1.49 -3.54 -15.70
C ASN A 72 -2.13 -2.82 -14.52
N PRO A 73 -1.29 -2.26 -13.63
CA PRO A 73 -1.76 -1.53 -12.45
C PRO A 73 -2.41 -0.20 -12.81
N GLN A 74 -3.47 0.15 -12.08
CA GLN A 74 -4.18 1.40 -12.33
C GLN A 74 -3.74 2.48 -11.34
N TYR A 75 -3.37 2.06 -10.14
CA TYR A 75 -2.93 2.99 -9.11
C TYR A 75 -1.61 2.56 -8.50
N THR A 76 -0.65 3.47 -8.47
CA THR A 76 0.68 3.18 -7.92
C THR A 76 0.81 3.72 -6.50
N VAL A 77 0.82 2.82 -5.52
CA VAL A 77 0.94 3.20 -4.13
C VAL A 77 2.35 2.94 -3.60
N VAL A 78 3.16 4.00 -3.54
CA VAL A 78 4.53 3.88 -3.05
C VAL A 78 4.66 4.39 -1.62
N VAL A 79 5.60 3.81 -0.88
CA VAL A 79 5.82 4.21 0.51
C VAL A 79 7.27 4.61 0.74
N GLU A 80 7.52 5.92 0.78
CA GLU A 80 8.86 6.44 0.99
C GLU A 80 9.13 6.68 2.48
N ILE A 81 10.39 6.58 2.88
CA ILE A 81 10.77 6.78 4.26
C ILE A 81 11.70 7.99 4.41
N ILE A 82 11.12 9.14 4.72
CA ILE A 82 11.90 10.36 4.88
C ILE A 82 11.93 10.81 6.34
N LYS A 83 13.03 10.49 7.02
CA LYS A 83 13.19 10.86 8.43
C LYS A 83 12.26 10.03 9.31
N ALA A 84 12.17 8.73 9.01
CA ALA A 84 11.32 7.83 9.79
C ALA A 84 9.85 8.21 9.65
N VAL A 85 9.46 8.62 8.45
CA VAL A 85 8.08 9.01 8.18
C VAL A 85 7.48 8.18 7.05
N CYS A 86 6.18 7.95 7.12
CA CYS A 86 5.48 7.17 6.11
C CYS A 86 4.90 8.07 5.03
N CYS A 87 5.55 8.09 3.87
CA CYS A 87 5.11 8.92 2.75
C CYS A 87 4.44 8.07 1.68
N LEU A 88 3.11 8.15 1.60
CA LEU A 88 2.36 7.39 0.61
C LEU A 88 2.04 8.24 -0.61
N SER A 89 2.41 7.75 -1.79
CA SER A 89 2.17 8.47 -3.02
C SER A 89 1.27 7.66 -3.96
N VAL A 90 0.13 8.23 -4.31
CA VAL A 90 -0.82 7.56 -5.19
C VAL A 90 -0.84 8.21 -6.56
N VAL A 91 -0.45 7.44 -7.58
CA VAL A 91 -0.43 7.93 -8.95
C VAL A 91 -1.33 7.10 -9.86
N LYS A 92 -2.15 7.77 -10.66
CA LYS A 92 -3.05 7.10 -11.57
C LYS A 92 -2.46 7.03 -12.98
N SER A 93 -2.14 5.83 -13.43
CA SER A 93 -1.56 5.64 -14.76
C SER A 93 -2.44 4.72 -15.60
N GLY A 94 -2.33 4.87 -16.92
CA GLY A 94 -3.12 4.04 -17.82
C GLY A 94 -4.62 4.22 -17.60
N PRO A 95 -5.41 3.83 -18.61
CA PRO A 95 -6.87 3.94 -18.55
C PRO A 95 -7.49 2.95 -17.56
N SER A 96 -8.79 3.08 -17.33
CA SER A 96 -9.49 2.20 -16.41
C SER A 96 -10.15 1.05 -17.14
N SER A 97 -9.39 -0.02 -17.37
CA SER A 97 -9.89 -1.20 -18.08
C SER A 97 -9.43 -2.48 -17.40
N GLY A 98 -10.18 -3.55 -17.62
CA GLY A 98 -9.83 -4.84 -17.02
C GLY A 98 -8.42 -5.27 -17.36
N GLY A 1 -2.33 -16.82 15.61
CA GLY A 1 -1.89 -15.82 16.56
C GLY A 1 -1.36 -14.57 15.88
N SER A 2 -2.28 -13.71 15.45
CA SER A 2 -1.90 -12.47 14.78
C SER A 2 -0.95 -11.64 15.64
N SER A 3 -1.41 -11.28 16.85
CA SER A 3 -0.59 -10.50 17.77
C SER A 3 0.72 -11.19 18.06
N GLY A 4 0.65 -12.47 18.39
CA GLY A 4 1.85 -13.24 18.70
C GLY A 4 2.82 -12.48 19.57
N SER A 5 2.28 -11.74 20.54
CA SER A 5 3.11 -10.95 21.45
C SER A 5 4.04 -10.02 20.67
N SER A 6 3.49 -9.37 19.64
CA SER A 6 4.26 -8.45 18.81
C SER A 6 3.39 -7.33 18.28
N GLY A 7 3.78 -6.09 18.59
CA GLY A 7 3.01 -4.94 18.13
C GLY A 7 3.90 -3.85 17.58
N LYS A 8 4.00 -3.79 16.25
CA LYS A 8 4.82 -2.77 15.59
C LYS A 8 4.00 -1.52 15.31
N ALA A 9 3.86 -0.66 16.31
CA ALA A 9 3.11 0.57 16.16
C ALA A 9 3.27 1.15 14.76
N PHE A 10 4.49 1.07 14.24
CA PHE A 10 4.79 1.60 12.91
C PHE A 10 3.79 1.05 11.88
N LEU A 11 3.73 -0.28 11.78
CA LEU A 11 2.83 -0.92 10.83
C LEU A 11 1.37 -0.73 11.26
N GLU A 12 1.08 -1.06 12.52
CA GLU A 12 -0.27 -0.93 13.04
C GLU A 12 -0.95 0.34 12.52
N ASP A 13 -0.42 1.49 12.93
CA ASP A 13 -0.95 2.77 12.50
C ASP A 13 -0.99 2.87 10.98
N MET A 14 0.19 2.82 10.36
CA MET A 14 0.30 2.90 8.92
C MET A 14 -0.89 2.23 8.24
N LYS A 15 -1.19 1.01 8.68
CA LYS A 15 -2.31 0.25 8.12
C LYS A 15 -3.60 1.05 8.20
N LYS A 16 -4.03 1.35 9.44
CA LYS A 16 -5.26 2.11 9.66
C LYS A 16 -5.32 3.32 8.73
N TYR A 17 -4.30 4.18 8.81
CA TYR A 17 -4.24 5.38 7.98
C TYR A 17 -4.41 5.02 6.50
N ALA A 18 -3.40 4.36 5.93
CA ALA A 18 -3.45 3.96 4.54
C ALA A 18 -4.83 3.45 4.15
N GLU A 19 -5.48 2.76 5.09
CA GLU A 19 -6.81 2.21 4.84
C GLU A 19 -7.83 3.33 4.63
N THR A 20 -8.16 4.03 5.71
CA THR A 20 -9.12 5.13 5.65
C THR A 20 -8.68 6.20 4.65
N PHE A 21 -7.43 6.11 4.22
CA PHE A 21 -6.88 7.07 3.27
C PHE A 21 -7.02 6.56 1.84
N LEU A 22 -6.87 5.25 1.68
CA LEU A 22 -6.99 4.63 0.36
C LEU A 22 -8.39 4.08 0.13
N GLU A 23 -9.25 4.23 1.13
CA GLU A 23 -10.62 3.75 1.05
C GLU A 23 -11.26 4.14 -0.28
N PRO A 24 -11.28 5.46 -0.55
CA PRO A 24 -11.86 6.00 -1.79
C PRO A 24 -11.02 5.66 -3.01
N TRP A 25 -9.85 5.07 -2.78
CA TRP A 25 -8.95 4.70 -3.87
C TRP A 25 -8.98 3.20 -4.10
N PHE A 26 -9.40 2.45 -3.08
CA PHE A 26 -9.48 1.00 -3.18
C PHE A 26 -10.83 0.49 -2.72
N LYS A 27 -11.33 1.05 -1.62
CA LYS A 27 -12.62 0.65 -1.08
C LYS A 27 -13.76 1.25 -1.89
N ALA A 28 -14.78 0.44 -2.16
CA ALA A 28 -15.93 0.88 -2.93
C ALA A 28 -16.37 2.28 -2.51
N PRO A 29 -17.07 2.98 -3.41
CA PRO A 29 -17.43 2.44 -4.73
C PRO A 29 -16.21 2.31 -5.65
N ASN A 30 -15.05 2.72 -5.14
CA ASN A 30 -13.82 2.66 -5.91
C ASN A 30 -13.24 1.24 -5.88
N LYS A 31 -12.49 0.89 -6.92
CA LYS A 31 -11.87 -0.43 -7.01
C LYS A 31 -10.98 -0.53 -8.25
N GLY A 32 -10.16 -1.57 -8.29
CA GLY A 32 -9.27 -1.76 -9.42
C GLY A 32 -7.94 -2.39 -9.02
N THR A 33 -6.92 -2.20 -9.83
CA THR A 33 -5.61 -2.75 -9.56
C THR A 33 -4.65 -1.67 -9.07
N PHE A 34 -3.47 -2.09 -8.61
CA PHE A 34 -2.47 -1.16 -8.12
C PHE A 34 -1.11 -1.85 -7.97
N GLN A 35 -0.07 -1.05 -7.76
CA GLN A 35 1.28 -1.57 -7.61
C GLN A 35 2.00 -0.90 -6.45
N ILE A 36 2.26 -1.67 -5.40
CA ILE A 36 2.95 -1.14 -4.23
C ILE A 36 4.46 -1.19 -4.41
N VAL A 37 5.15 -0.17 -3.92
CA VAL A 37 6.60 -0.08 -4.02
C VAL A 37 7.21 0.60 -2.80
N TYR A 38 8.05 -0.13 -2.08
CA TYR A 38 8.69 0.40 -0.89
C TYR A 38 9.98 1.13 -1.25
N LYS A 39 9.91 2.45 -1.29
CA LYS A 39 11.07 3.27 -1.62
C LYS A 39 11.79 3.73 -0.36
N SER A 40 13.09 3.47 -0.29
CA SER A 40 13.90 3.85 0.86
C SER A 40 15.27 4.33 0.43
N ARG A 41 15.80 5.32 1.14
CA ARG A 41 17.11 5.88 0.82
C ARG A 41 18.13 5.49 1.89
N ASN A 42 17.75 5.66 3.15
CA ASN A 42 18.63 5.33 4.27
C ASN A 42 19.07 3.88 4.20
N ASN A 43 20.01 3.50 5.05
CA ASN A 43 20.52 2.13 5.09
C ASN A 43 19.55 1.22 5.84
N SER A 44 19.30 1.54 7.10
CA SER A 44 18.40 0.74 7.93
C SER A 44 16.97 0.85 7.42
N HIS A 45 16.52 -0.19 6.72
CA HIS A 45 15.16 -0.22 6.17
C HIS A 45 14.34 -1.33 6.80
N VAL A 46 13.32 -0.96 7.57
CA VAL A 46 12.47 -1.94 8.22
C VAL A 46 11.99 -3.00 7.24
N ASN A 47 11.62 -4.16 7.77
CA ASN A 47 11.13 -5.26 6.93
C ASN A 47 10.35 -4.74 5.74
N ARG A 48 11.00 -4.72 4.58
CA ARG A 48 10.36 -4.24 3.36
C ARG A 48 9.16 -5.11 2.99
N GLU A 49 9.40 -6.41 2.85
CA GLU A 49 8.34 -7.35 2.50
C GLU A 49 7.13 -7.16 3.40
N GLU A 50 7.36 -7.14 4.71
CA GLU A 50 6.29 -6.96 5.68
C GLU A 50 5.43 -5.75 5.32
N VAL A 51 6.08 -4.64 5.01
CA VAL A 51 5.37 -3.42 4.65
C VAL A 51 4.56 -3.60 3.38
N ILE A 52 5.26 -3.96 2.29
CA ILE A 52 4.59 -4.17 1.01
C ILE A 52 3.47 -5.19 1.12
N ARG A 53 3.84 -6.44 1.37
CA ARG A 53 2.87 -7.52 1.50
C ARG A 53 1.66 -7.06 2.31
N GLU A 54 1.92 -6.49 3.49
CA GLU A 54 0.86 -6.01 4.35
C GLU A 54 0.00 -4.96 3.64
N LEU A 55 0.59 -3.80 3.40
CA LEU A 55 -0.11 -2.72 2.71
C LEU A 55 -1.03 -3.26 1.63
N ALA A 56 -0.65 -4.39 1.04
CA ALA A 56 -1.45 -5.01 -0.01
C ALA A 56 -2.61 -5.79 0.59
N GLY A 57 -2.31 -6.66 1.55
CA GLY A 57 -3.34 -7.46 2.18
C GLY A 57 -4.53 -6.63 2.63
N ILE A 58 -4.26 -5.37 2.98
CA ILE A 58 -5.32 -4.47 3.43
C ILE A 58 -6.22 -4.05 2.28
N VAL A 59 -5.61 -3.52 1.22
CA VAL A 59 -6.35 -3.08 0.05
C VAL A 59 -7.49 -4.05 -0.28
N CYS A 60 -7.15 -5.33 -0.41
CA CYS A 60 -8.15 -6.35 -0.72
C CYS A 60 -9.24 -6.38 0.34
N THR A 61 -8.84 -6.20 1.59
CA THR A 61 -9.80 -6.21 2.70
C THR A 61 -10.92 -5.21 2.47
N LEU A 62 -10.60 -4.11 1.79
CA LEU A 62 -11.58 -3.07 1.50
C LEU A 62 -12.61 -3.56 0.48
N ASN A 63 -12.15 -3.75 -0.76
CA ASN A 63 -13.03 -4.21 -1.83
C ASN A 63 -12.46 -5.47 -2.48
N SER A 64 -13.23 -6.56 -2.41
CA SER A 64 -12.80 -7.83 -2.99
C SER A 64 -12.45 -7.65 -4.46
N GLU A 65 -13.04 -6.65 -5.10
CA GLU A 65 -12.80 -6.38 -6.51
C GLU A 65 -11.37 -5.89 -6.72
N ASN A 66 -10.77 -5.32 -5.68
CA ASN A 66 -9.42 -4.81 -5.75
C ASN A 66 -8.41 -5.96 -5.93
N LYS A 67 -7.46 -5.76 -6.85
CA LYS A 67 -6.45 -6.77 -7.11
C LYS A 67 -5.11 -6.12 -7.46
N VAL A 68 -4.16 -6.22 -6.53
CA VAL A 68 -2.84 -5.64 -6.73
C VAL A 68 -2.14 -6.26 -7.95
N ASP A 69 -1.86 -5.43 -8.95
CA ASP A 69 -1.20 -5.89 -10.16
C ASP A 69 0.08 -5.11 -10.41
N LEU A 70 1.09 -5.79 -10.95
CA LEU A 70 2.37 -5.17 -11.25
C LEU A 70 2.57 -4.99 -12.76
N THR A 71 1.54 -5.35 -13.53
CA THR A 71 1.60 -5.23 -14.98
C THR A 71 0.71 -4.09 -15.47
N ASN A 72 -0.58 -4.18 -15.16
CA ASN A 72 -1.53 -3.16 -15.58
C ASN A 72 -2.19 -2.50 -14.37
N PRO A 73 -1.36 -1.98 -13.46
CA PRO A 73 -1.84 -1.31 -12.24
C PRO A 73 -2.52 0.02 -12.54
N GLN A 74 -3.72 0.21 -11.97
CA GLN A 74 -4.46 1.44 -12.18
C GLN A 74 -3.99 2.54 -11.22
N TYR A 75 -3.62 2.13 -10.01
CA TYR A 75 -3.15 3.08 -9.00
C TYR A 75 -1.81 2.64 -8.42
N THR A 76 -0.82 3.52 -8.49
CA THR A 76 0.51 3.22 -7.96
C THR A 76 0.69 3.78 -6.55
N VAL A 77 0.71 2.89 -5.57
CA VAL A 77 0.87 3.28 -4.18
C VAL A 77 2.31 3.08 -3.71
N VAL A 78 3.08 4.17 -3.68
CA VAL A 78 4.47 4.10 -3.25
C VAL A 78 4.62 4.60 -1.81
N VAL A 79 5.55 3.99 -1.09
CA VAL A 79 5.80 4.37 0.30
C VAL A 79 7.27 4.76 0.51
N GLU A 80 7.51 6.06 0.60
CA GLU A 80 8.86 6.57 0.80
C GLU A 80 9.18 6.73 2.29
N ILE A 81 10.43 6.48 2.66
CA ILE A 81 10.86 6.60 4.04
C ILE A 81 11.80 7.79 4.24
N ILE A 82 11.29 8.82 4.91
CA ILE A 82 12.08 10.02 5.16
C ILE A 82 12.04 10.40 6.64
N LYS A 83 13.09 10.03 7.37
CA LYS A 83 13.17 10.34 8.79
C LYS A 83 12.13 9.56 9.58
N ALA A 84 12.12 8.24 9.39
CA ALA A 84 11.17 7.38 10.09
C ALA A 84 9.74 7.83 9.86
N VAL A 85 9.42 8.16 8.61
CA VAL A 85 8.09 8.61 8.25
C VAL A 85 7.57 7.89 7.01
N CYS A 86 6.32 7.45 7.06
CA CYS A 86 5.71 6.74 5.94
C CYS A 86 5.02 7.72 5.00
N CYS A 87 5.60 7.89 3.81
CA CYS A 87 5.04 8.80 2.82
C CYS A 87 4.31 8.03 1.72
N LEU A 88 2.99 8.04 1.78
CA LEU A 88 2.17 7.33 0.81
C LEU A 88 1.80 8.26 -0.36
N SER A 89 2.20 7.87 -1.56
CA SER A 89 1.92 8.66 -2.75
C SER A 89 1.11 7.84 -3.77
N VAL A 90 -0.09 8.32 -4.09
CA VAL A 90 -0.94 7.64 -5.05
C VAL A 90 -0.88 8.31 -6.42
N VAL A 91 -0.51 7.53 -7.43
CA VAL A 91 -0.41 8.05 -8.79
C VAL A 91 -1.29 7.26 -9.74
N LYS A 92 -2.21 7.95 -10.41
CA LYS A 92 -3.12 7.32 -11.35
C LYS A 92 -2.52 7.28 -12.76
N SER A 93 -2.03 6.12 -13.16
CA SER A 93 -1.42 5.97 -14.48
C SER A 93 -2.10 4.84 -15.26
N GLY A 94 -2.71 5.19 -16.39
CA GLY A 94 -3.37 4.20 -17.21
C GLY A 94 -3.38 4.57 -18.68
N PRO A 95 -3.96 3.69 -19.51
CA PRO A 95 -4.05 3.90 -20.96
C PRO A 95 -5.02 5.02 -21.31
N SER A 96 -5.70 5.56 -20.30
CA SER A 96 -6.67 6.63 -20.50
C SER A 96 -5.96 7.92 -20.94
N SER A 97 -6.66 8.73 -21.73
CA SER A 97 -6.10 9.99 -22.21
C SER A 97 -4.78 9.75 -22.93
N GLY A 98 -4.73 8.70 -23.75
CA GLY A 98 -3.53 8.39 -24.49
C GLY A 98 -3.81 7.86 -25.87
N GLY A 1 -10.96 -8.63 9.01
CA GLY A 1 -11.10 -10.07 9.02
C GLY A 1 -11.25 -10.63 10.42
N SER A 2 -10.47 -11.65 10.74
CA SER A 2 -10.53 -12.29 12.05
C SER A 2 -9.30 -11.92 12.88
N SER A 3 -8.12 -12.01 12.27
CA SER A 3 -6.88 -11.69 12.95
C SER A 3 -6.94 -10.29 13.56
N GLY A 4 -6.40 -10.16 14.77
CA GLY A 4 -6.40 -8.87 15.44
C GLY A 4 -5.39 -8.80 16.57
N SER A 5 -4.16 -9.21 16.28
CA SER A 5 -3.09 -9.19 17.28
C SER A 5 -2.10 -8.06 17.00
N SER A 6 -1.67 -7.40 18.07
CA SER A 6 -0.72 -6.29 17.94
C SER A 6 0.50 -6.71 17.12
N GLY A 7 1.26 -5.72 16.66
CA GLY A 7 2.44 -6.00 15.86
C GLY A 7 3.53 -4.97 16.06
N LYS A 8 3.60 -4.01 15.14
CA LYS A 8 4.61 -2.95 15.21
C LYS A 8 3.95 -1.57 15.14
N ALA A 9 4.03 -0.82 16.23
CA ALA A 9 3.46 0.51 16.29
C ALA A 9 3.64 1.25 14.96
N PHE A 10 4.82 1.11 14.37
CA PHE A 10 5.12 1.76 13.11
C PHE A 10 4.17 1.27 12.00
N LEU A 11 3.99 -0.04 11.95
CA LEU A 11 3.12 -0.64 10.94
C LEU A 11 1.65 -0.49 11.33
N GLU A 12 1.30 -1.04 12.49
CA GLU A 12 -0.07 -0.97 12.98
C GLU A 12 -0.71 0.36 12.61
N ASP A 13 0.03 1.44 12.81
CA ASP A 13 -0.46 2.79 12.50
C ASP A 13 -0.72 2.93 11.00
N MET A 14 0.31 2.66 10.20
CA MET A 14 0.20 2.77 8.76
C MET A 14 -1.10 2.13 8.26
N LYS A 15 -1.31 0.87 8.65
CA LYS A 15 -2.52 0.16 8.25
C LYS A 15 -3.75 1.05 8.32
N LYS A 16 -4.06 1.51 9.52
CA LYS A 16 -5.21 2.38 9.74
C LYS A 16 -5.24 3.51 8.71
N TYR A 17 -4.21 4.34 8.73
CA TYR A 17 -4.11 5.46 7.81
C TYR A 17 -4.25 4.98 6.36
N ALA A 18 -3.24 4.26 5.89
CA ALA A 18 -3.24 3.74 4.53
C ALA A 18 -4.64 3.29 4.12
N GLU A 19 -5.39 2.76 5.08
CA GLU A 19 -6.74 2.29 4.82
C GLU A 19 -7.69 3.45 4.58
N THR A 20 -7.99 4.18 5.65
CA THR A 20 -8.89 5.33 5.56
C THR A 20 -8.38 6.36 4.56
N PHE A 21 -7.14 6.18 4.13
CA PHE A 21 -6.53 7.09 3.16
C PHE A 21 -6.72 6.59 1.73
N LEU A 22 -6.60 5.28 1.56
CA LEU A 22 -6.76 4.66 0.25
C LEU A 22 -8.17 4.10 0.07
N GLU A 23 -9.02 4.32 1.07
CA GLU A 23 -10.39 3.84 1.03
C GLU A 23 -11.06 4.24 -0.29
N PRO A 24 -11.10 5.55 -0.56
CA PRO A 24 -11.70 6.09 -1.79
C PRO A 24 -10.89 5.75 -3.03
N TRP A 25 -9.72 5.17 -2.83
CA TRP A 25 -8.85 4.80 -3.95
C TRP A 25 -8.88 3.29 -4.17
N PHE A 26 -9.27 2.54 -3.13
CA PHE A 26 -9.33 1.10 -3.22
C PHE A 26 -10.70 0.58 -2.79
N LYS A 27 -11.22 1.14 -1.70
CA LYS A 27 -12.52 0.74 -1.18
C LYS A 27 -13.64 1.33 -2.03
N ALA A 28 -14.68 0.54 -2.27
CA ALA A 28 -15.82 0.99 -3.06
C ALA A 28 -16.22 2.40 -2.68
N PRO A 29 -16.91 3.09 -3.60
CA PRO A 29 -17.26 2.53 -4.91
C PRO A 29 -16.05 2.35 -5.80
N ASN A 30 -14.89 2.77 -5.32
CA ASN A 30 -13.65 2.65 -6.08
C ASN A 30 -13.10 1.23 -6.01
N LYS A 31 -12.41 0.82 -7.07
CA LYS A 31 -11.83 -0.51 -7.13
C LYS A 31 -10.96 -0.67 -8.38
N GLY A 32 -10.10 -1.68 -8.37
CA GLY A 32 -9.22 -1.93 -9.50
C GLY A 32 -7.90 -2.55 -9.09
N THR A 33 -6.87 -2.33 -9.89
CA THR A 33 -5.55 -2.88 -9.61
C THR A 33 -4.58 -1.79 -9.15
N PHE A 34 -3.44 -2.20 -8.63
CA PHE A 34 -2.43 -1.27 -8.14
C PHE A 34 -1.07 -1.94 -8.02
N GLN A 35 -0.05 -1.15 -7.71
CA GLN A 35 1.30 -1.67 -7.56
C GLN A 35 2.04 -0.97 -6.42
N ILE A 36 2.30 -1.72 -5.34
CA ILE A 36 2.99 -1.18 -4.19
C ILE A 36 4.50 -1.23 -4.38
N VAL A 37 5.19 -0.20 -3.88
CA VAL A 37 6.64 -0.13 -3.99
C VAL A 37 7.25 0.52 -2.76
N TYR A 38 8.22 -0.16 -2.17
CA TYR A 38 8.90 0.35 -0.97
C TYR A 38 10.10 1.21 -1.35
N LYS A 39 9.93 2.52 -1.29
CA LYS A 39 11.00 3.45 -1.62
C LYS A 39 11.68 3.97 -0.35
N SER A 40 13.00 4.01 -0.38
CA SER A 40 13.78 4.49 0.77
C SER A 40 14.85 5.48 0.33
N ARG A 41 14.65 6.74 0.67
CA ARG A 41 15.59 7.79 0.30
C ARG A 41 16.73 7.88 1.33
N ASN A 42 16.37 7.82 2.61
CA ASN A 42 17.36 7.88 3.67
C ASN A 42 18.05 6.55 3.87
N ASN A 43 17.26 5.53 4.24
CA ASN A 43 17.79 4.19 4.47
C ASN A 43 16.67 3.18 4.58
N SER A 44 17.03 1.90 4.54
CA SER A 44 16.05 0.82 4.63
C SER A 44 16.18 0.08 5.96
N HIS A 45 15.51 0.60 6.98
CA HIS A 45 15.56 -0.02 8.31
C HIS A 45 14.51 -1.12 8.43
N VAL A 46 13.24 -0.73 8.43
CA VAL A 46 12.14 -1.68 8.54
C VAL A 46 12.10 -2.60 7.33
N ASN A 47 11.58 -3.81 7.53
CA ASN A 47 11.48 -4.78 6.46
C ASN A 47 10.44 -4.35 5.43
N ARG A 48 10.90 -4.06 4.22
CA ARG A 48 10.00 -3.63 3.14
C ARG A 48 8.93 -4.69 2.88
N GLU A 49 9.38 -5.92 2.64
CA GLU A 49 8.46 -7.01 2.37
C GLU A 49 7.20 -6.91 3.24
N GLU A 50 7.41 -6.70 4.53
CA GLU A 50 6.30 -6.58 5.47
C GLU A 50 5.36 -5.45 5.07
N VAL A 51 5.90 -4.24 4.98
CA VAL A 51 5.12 -3.07 4.61
C VAL A 51 4.34 -3.32 3.32
N ILE A 52 5.06 -3.65 2.25
CA ILE A 52 4.43 -3.92 0.97
C ILE A 52 3.42 -5.06 1.08
N ARG A 53 3.92 -6.27 1.29
CA ARG A 53 3.06 -7.43 1.40
C ARG A 53 1.78 -7.10 2.17
N GLU A 54 1.94 -6.61 3.40
CA GLU A 54 0.80 -6.25 4.22
C GLU A 54 -0.09 -5.24 3.51
N LEU A 55 0.47 -4.07 3.22
CA LEU A 55 -0.27 -3.01 2.54
C LEU A 55 -1.25 -3.60 1.52
N ALA A 56 -0.78 -4.59 0.77
CA ALA A 56 -1.60 -5.23 -0.24
C ALA A 56 -2.75 -6.01 0.40
N GLY A 57 -2.44 -6.73 1.48
CA GLY A 57 -3.45 -7.51 2.17
C GLY A 57 -4.62 -6.65 2.63
N ILE A 58 -4.36 -5.37 2.88
CA ILE A 58 -5.40 -4.46 3.32
C ILE A 58 -6.29 -4.02 2.16
N VAL A 59 -5.67 -3.46 1.12
CA VAL A 59 -6.40 -3.00 -0.04
C VAL A 59 -7.52 -3.97 -0.41
N CYS A 60 -7.28 -5.26 -0.15
CA CYS A 60 -8.28 -6.29 -0.45
C CYS A 60 -9.45 -6.22 0.53
N THR A 61 -9.12 -6.16 1.82
CA THR A 61 -10.14 -6.09 2.85
C THR A 61 -11.21 -5.05 2.53
N LEU A 62 -10.79 -3.98 1.85
CA LEU A 62 -11.70 -2.92 1.46
C LEU A 62 -12.71 -3.41 0.42
N ASN A 63 -12.21 -3.68 -0.78
CA ASN A 63 -13.07 -4.17 -1.87
C ASN A 63 -12.51 -5.46 -2.47
N SER A 64 -13.35 -6.49 -2.51
CA SER A 64 -12.94 -7.77 -3.07
C SER A 64 -12.49 -7.63 -4.51
N GLU A 65 -13.04 -6.63 -5.20
CA GLU A 65 -12.68 -6.39 -6.60
C GLU A 65 -11.26 -5.88 -6.72
N ASN A 66 -10.70 -5.42 -5.60
CA ASN A 66 -9.34 -4.90 -5.58
C ASN A 66 -8.33 -6.04 -5.77
N LYS A 67 -7.42 -5.85 -6.72
CA LYS A 67 -6.39 -6.86 -7.00
C LYS A 67 -5.07 -6.20 -7.39
N VAL A 68 -4.10 -6.25 -6.49
CA VAL A 68 -2.80 -5.66 -6.74
C VAL A 68 -2.13 -6.28 -7.95
N ASP A 69 -1.88 -5.47 -8.98
CA ASP A 69 -1.25 -5.94 -10.19
C ASP A 69 0.07 -5.22 -10.45
N LEU A 70 1.02 -5.92 -11.04
CA LEU A 70 2.33 -5.36 -11.33
C LEU A 70 2.54 -5.22 -12.84
N THR A 71 1.52 -5.57 -13.60
CA THR A 71 1.59 -5.50 -15.06
C THR A 71 0.73 -4.36 -15.60
N ASN A 72 -0.56 -4.39 -15.27
CA ASN A 72 -1.49 -3.37 -15.73
C ASN A 72 -2.15 -2.68 -14.54
N PRO A 73 -1.33 -2.17 -13.62
CA PRO A 73 -1.81 -1.46 -12.42
C PRO A 73 -2.45 -0.12 -12.75
N GLN A 74 -3.59 0.16 -12.13
CA GLN A 74 -4.29 1.41 -12.36
C GLN A 74 -3.84 2.48 -11.37
N TYR A 75 -3.59 2.07 -10.13
CA TYR A 75 -3.15 3.00 -9.09
C TYR A 75 -1.84 2.52 -8.46
N THR A 76 -0.81 3.36 -8.55
CA THR A 76 0.49 3.03 -7.98
C THR A 76 0.66 3.62 -6.59
N VAL A 77 0.72 2.76 -5.58
CA VAL A 77 0.88 3.20 -4.20
C VAL A 77 2.32 3.03 -3.74
N VAL A 78 3.06 4.13 -3.73
CA VAL A 78 4.46 4.11 -3.31
C VAL A 78 4.60 4.59 -1.86
N VAL A 79 5.33 3.81 -1.06
CA VAL A 79 5.55 4.16 0.34
C VAL A 79 6.97 4.64 0.57
N GLU A 80 7.14 5.96 0.69
CA GLU A 80 8.45 6.55 0.92
C GLU A 80 8.71 6.74 2.41
N ILE A 81 9.98 6.70 2.80
CA ILE A 81 10.37 6.86 4.19
C ILE A 81 10.95 8.25 4.44
N ILE A 82 10.13 9.14 5.01
CA ILE A 82 10.58 10.50 5.30
C ILE A 82 10.35 10.84 6.76
N LYS A 83 11.32 11.55 7.34
CA LYS A 83 11.24 11.94 8.75
C LYS A 83 10.83 10.76 9.63
N ALA A 84 11.28 9.56 9.26
CA ALA A 84 10.96 8.36 10.01
C ALA A 84 9.45 8.15 10.07
N VAL A 85 8.76 8.52 9.00
CA VAL A 85 7.31 8.35 8.94
C VAL A 85 6.89 7.78 7.60
N CYS A 86 5.93 6.85 7.63
CA CYS A 86 5.43 6.22 6.41
C CYS A 86 4.69 7.23 5.54
N CYS A 87 5.17 7.42 4.31
CA CYS A 87 4.56 8.36 3.39
C CYS A 87 4.02 7.63 2.16
N LEU A 88 2.70 7.53 2.06
CA LEU A 88 2.07 6.86 0.93
C LEU A 88 1.68 7.86 -0.16
N SER A 89 2.09 7.57 -1.39
CA SER A 89 1.79 8.45 -2.51
C SER A 89 1.09 7.68 -3.63
N VAL A 90 -0.11 8.14 -3.98
CA VAL A 90 -0.89 7.50 -5.03
C VAL A 90 -0.65 8.17 -6.39
N VAL A 91 -0.53 7.35 -7.43
CA VAL A 91 -0.30 7.85 -8.77
C VAL A 91 -1.15 7.11 -9.79
N LYS A 92 -2.06 7.85 -10.43
CA LYS A 92 -2.95 7.26 -11.44
C LYS A 92 -2.29 7.27 -12.81
N SER A 93 -1.97 6.08 -13.31
CA SER A 93 -1.34 5.96 -14.62
C SER A 93 -2.12 5.01 -15.52
N GLY A 94 -2.28 3.77 -15.06
CA GLY A 94 -3.02 2.79 -15.84
C GLY A 94 -2.42 2.56 -17.20
N PRO A 95 -2.79 1.44 -17.84
CA PRO A 95 -2.29 1.08 -19.18
C PRO A 95 -2.82 2.00 -20.26
N SER A 96 -2.38 1.78 -21.50
CA SER A 96 -2.80 2.59 -22.63
C SER A 96 -3.14 1.71 -23.83
N SER A 97 -4.37 1.86 -24.33
CA SER A 97 -4.83 1.08 -25.46
C SER A 97 -4.59 1.83 -26.77
N GLY A 98 -4.64 1.11 -27.88
CA GLY A 98 -4.43 1.73 -29.19
C GLY A 98 -2.98 2.12 -29.41
N GLY A 1 -0.74 -14.84 12.65
CA GLY A 1 -0.92 -15.77 11.56
C GLY A 1 0.30 -15.86 10.66
N SER A 2 0.22 -15.25 9.49
CA SER A 2 1.33 -15.26 8.54
C SER A 2 1.85 -13.85 8.28
N SER A 3 1.95 -13.06 9.34
CA SER A 3 2.43 -11.68 9.23
C SER A 3 3.90 -11.59 9.60
N GLY A 4 4.25 -12.11 10.77
CA GLY A 4 5.63 -12.06 11.22
C GLY A 4 5.86 -11.04 12.32
N SER A 5 5.62 -9.78 12.00
CA SER A 5 5.80 -8.71 12.97
C SER A 5 4.78 -8.80 14.10
N SER A 6 5.24 -9.21 15.27
CA SER A 6 4.36 -9.35 16.43
C SER A 6 3.48 -8.12 16.60
N GLY A 7 4.12 -6.96 16.72
CA GLY A 7 3.38 -5.72 16.88
C GLY A 7 4.28 -4.51 16.94
N LYS A 8 4.20 -3.66 15.93
CA LYS A 8 5.02 -2.45 15.86
C LYS A 8 4.19 -1.25 15.42
N ALA A 9 4.04 -0.29 16.33
CA ALA A 9 3.27 0.92 16.03
C ALA A 9 3.41 1.32 14.57
N PHE A 10 4.65 1.58 14.16
CA PHE A 10 4.94 1.98 12.78
C PHE A 10 4.06 1.20 11.80
N LEU A 11 4.01 -0.12 11.97
CA LEU A 11 3.22 -0.97 11.11
C LEU A 11 1.73 -0.89 11.46
N GLU A 12 1.43 -1.07 12.74
CA GLU A 12 0.06 -1.01 13.22
C GLU A 12 -0.63 0.27 12.76
N ASP A 13 -0.13 1.40 13.24
CA ASP A 13 -0.69 2.70 12.88
C ASP A 13 -0.92 2.79 11.37
N MET A 14 0.09 2.40 10.60
CA MET A 14 0.00 2.45 9.14
C MET A 14 -1.35 1.92 8.67
N LYS A 15 -1.62 0.65 8.95
CA LYS A 15 -2.87 0.03 8.56
C LYS A 15 -4.02 1.04 8.60
N LYS A 16 -4.21 1.65 9.76
CA LYS A 16 -5.27 2.64 9.94
C LYS A 16 -5.20 3.71 8.85
N TYR A 17 -4.11 4.47 8.83
CA TYR A 17 -3.93 5.51 7.84
C TYR A 17 -4.03 4.96 6.43
N ALA A 18 -3.03 4.16 6.04
CA ALA A 18 -3.01 3.56 4.72
C ALA A 18 -4.41 3.21 4.25
N GLU A 19 -5.11 2.39 5.04
CA GLU A 19 -6.46 1.97 4.70
C GLU A 19 -7.36 3.18 4.43
N THR A 20 -7.67 3.92 5.50
CA THR A 20 -8.52 5.10 5.39
C THR A 20 -7.92 6.12 4.42
N PHE A 21 -6.67 5.88 4.03
CA PHE A 21 -5.98 6.79 3.11
C PHE A 21 -6.18 6.34 1.66
N LEU A 22 -6.47 5.05 1.49
CA LEU A 22 -6.68 4.49 0.16
C LEU A 22 -8.12 4.00 -0.01
N GLU A 23 -8.92 4.18 1.04
CA GLU A 23 -10.31 3.75 1.01
C GLU A 23 -11.00 4.20 -0.28
N PRO A 24 -10.96 5.52 -0.53
CA PRO A 24 -11.57 6.11 -1.73
C PRO A 24 -10.82 5.74 -3.00
N TRP A 25 -9.68 5.07 -2.85
CA TRP A 25 -8.87 4.66 -3.98
C TRP A 25 -8.91 3.15 -4.16
N PHE A 26 -9.35 2.44 -3.12
CA PHE A 26 -9.43 0.99 -3.16
C PHE A 26 -10.80 0.51 -2.70
N LYS A 27 -11.30 1.10 -1.61
CA LYS A 27 -12.59 0.74 -1.06
C LYS A 27 -13.73 1.33 -1.90
N ALA A 28 -14.74 0.51 -2.16
CA ALA A 28 -15.89 0.95 -2.95
C ALA A 28 -16.31 2.37 -2.55
N PRO A 29 -17.03 3.05 -3.46
CA PRO A 29 -17.38 2.49 -4.77
C PRO A 29 -16.17 2.33 -5.68
N ASN A 30 -15.01 2.76 -5.20
CA ASN A 30 -13.78 2.66 -5.98
C ASN A 30 -13.21 1.25 -5.94
N LYS A 31 -12.50 0.88 -6.99
CA LYS A 31 -11.90 -0.45 -7.07
C LYS A 31 -11.03 -0.58 -8.32
N GLY A 32 -10.16 -1.58 -8.33
CA GLY A 32 -9.29 -1.80 -9.46
C GLY A 32 -7.97 -2.42 -9.07
N THR A 33 -6.94 -2.19 -9.90
CA THR A 33 -5.61 -2.73 -9.63
C THR A 33 -4.65 -1.63 -9.16
N PHE A 34 -3.49 -2.05 -8.67
CA PHE A 34 -2.49 -1.10 -8.18
C PHE A 34 -1.12 -1.76 -8.08
N GLN A 35 -0.10 -0.96 -7.82
CA GLN A 35 1.27 -1.46 -7.69
C GLN A 35 1.97 -0.83 -6.51
N ILE A 36 2.21 -1.62 -5.46
CA ILE A 36 2.88 -1.13 -4.27
C ILE A 36 4.40 -1.18 -4.43
N VAL A 37 5.08 -0.12 -4.02
CA VAL A 37 6.53 -0.05 -4.12
C VAL A 37 7.14 0.50 -2.83
N TYR A 38 8.03 -0.28 -2.23
CA TYR A 38 8.69 0.14 -0.99
C TYR A 38 9.87 1.05 -1.28
N LYS A 39 9.80 2.27 -0.76
CA LYS A 39 10.86 3.25 -0.96
C LYS A 39 11.40 3.75 0.38
N SER A 40 12.64 3.38 0.68
CA SER A 40 13.28 3.78 1.93
C SER A 40 14.75 4.11 1.71
N ARG A 41 15.32 4.86 2.65
CA ARG A 41 16.73 5.25 2.56
C ARG A 41 17.49 4.84 3.82
N ASN A 42 18.76 5.23 3.89
CA ASN A 42 19.59 4.91 5.04
C ASN A 42 19.31 3.50 5.54
N ASN A 43 19.18 2.56 4.60
CA ASN A 43 18.90 1.17 4.93
C ASN A 43 18.02 1.07 6.18
N SER A 44 16.96 1.88 6.21
CA SER A 44 16.04 1.89 7.33
C SER A 44 15.89 0.49 7.92
N HIS A 45 15.92 0.40 9.25
CA HIS A 45 15.78 -0.89 9.92
C HIS A 45 14.51 -1.61 9.46
N VAL A 46 13.36 -0.99 9.69
CA VAL A 46 12.08 -1.58 9.30
C VAL A 46 12.22 -2.37 8.00
N ASN A 47 11.55 -3.52 7.95
CA ASN A 47 11.61 -4.38 6.77
C ASN A 47 10.76 -3.81 5.65
N ARG A 48 10.93 -4.35 4.44
CA ARG A 48 10.17 -3.88 3.28
C ARG A 48 9.04 -4.85 2.94
N GLU A 49 9.37 -6.14 2.89
CA GLU A 49 8.38 -7.16 2.59
C GLU A 49 7.15 -7.02 3.48
N GLU A 50 7.37 -7.15 4.79
CA GLU A 50 6.28 -7.04 5.76
C GLU A 50 5.38 -5.85 5.43
N VAL A 51 6.01 -4.72 5.10
CA VAL A 51 5.27 -3.51 4.77
C VAL A 51 4.44 -3.70 3.50
N ILE A 52 5.12 -3.94 2.39
CA ILE A 52 4.46 -4.14 1.11
C ILE A 52 3.40 -5.24 1.21
N ARG A 53 3.85 -6.48 1.37
CA ARG A 53 2.94 -7.61 1.48
C ARG A 53 1.66 -7.22 2.23
N GLU A 54 1.84 -6.58 3.37
CA GLU A 54 0.70 -6.15 4.19
C GLU A 54 -0.13 -5.12 3.45
N LEU A 55 0.46 -3.95 3.18
CA LEU A 55 -0.23 -2.88 2.48
C LEU A 55 -1.19 -3.44 1.44
N ALA A 56 -0.75 -4.45 0.71
CA ALA A 56 -1.56 -5.09 -0.32
C ALA A 56 -2.65 -5.95 0.31
N GLY A 57 -2.26 -6.79 1.25
CA GLY A 57 -3.22 -7.67 1.91
C GLY A 57 -4.40 -6.91 2.47
N ILE A 58 -4.20 -5.63 2.77
CA ILE A 58 -5.27 -4.80 3.31
C ILE A 58 -6.20 -4.31 2.20
N VAL A 59 -5.63 -3.64 1.20
CA VAL A 59 -6.42 -3.13 0.09
C VAL A 59 -7.59 -4.06 -0.23
N CYS A 60 -7.35 -5.35 -0.15
CA CYS A 60 -8.39 -6.34 -0.43
C CYS A 60 -9.58 -6.16 0.50
N THR A 61 -9.31 -6.14 1.80
CA THR A 61 -10.36 -5.98 2.80
C THR A 61 -11.32 -4.87 2.41
N LEU A 62 -10.79 -3.82 1.77
CA LEU A 62 -11.60 -2.70 1.34
C LEU A 62 -12.62 -3.13 0.30
N ASN A 63 -12.14 -3.71 -0.79
CA ASN A 63 -13.01 -4.18 -1.86
C ASN A 63 -12.46 -5.45 -2.50
N SER A 64 -13.27 -6.51 -2.49
CA SER A 64 -12.87 -7.78 -3.06
C SER A 64 -12.45 -7.62 -4.52
N GLU A 65 -13.02 -6.61 -5.19
CA GLU A 65 -12.71 -6.34 -6.58
C GLU A 65 -11.27 -5.85 -6.73
N ASN A 66 -10.68 -5.41 -5.63
CA ASN A 66 -9.31 -4.90 -5.64
C ASN A 66 -8.33 -6.03 -5.93
N LYS A 67 -7.43 -5.80 -6.88
CA LYS A 67 -6.44 -6.80 -7.26
C LYS A 67 -5.11 -6.13 -7.64
N VAL A 68 -4.13 -6.23 -6.75
CA VAL A 68 -2.82 -5.64 -6.98
C VAL A 68 -2.16 -6.24 -8.23
N ASP A 69 -1.92 -5.40 -9.23
CA ASP A 69 -1.30 -5.84 -10.47
C ASP A 69 0.02 -5.11 -10.72
N LEU A 70 0.97 -5.80 -11.31
CA LEU A 70 2.28 -5.21 -11.60
C LEU A 70 2.49 -5.06 -13.11
N THR A 71 1.46 -5.43 -13.88
CA THR A 71 1.54 -5.34 -15.34
C THR A 71 0.71 -4.17 -15.85
N ASN A 72 -0.55 -4.09 -15.41
CA ASN A 72 -1.44 -3.01 -15.83
C ASN A 72 -2.12 -2.37 -14.62
N PRO A 73 -1.29 -1.86 -13.69
CA PRO A 73 -1.79 -1.20 -12.48
C PRO A 73 -2.46 0.14 -12.77
N GLN A 74 -3.62 0.36 -12.17
CA GLN A 74 -4.36 1.60 -12.38
C GLN A 74 -3.92 2.66 -11.38
N TYR A 75 -3.64 2.24 -10.15
CA TYR A 75 -3.21 3.16 -9.11
C TYR A 75 -1.90 2.68 -8.49
N THR A 76 -0.88 3.54 -8.56
CA THR A 76 0.43 3.22 -8.01
C THR A 76 0.58 3.78 -6.60
N VAL A 77 0.68 2.90 -5.62
CA VAL A 77 0.83 3.31 -4.23
C VAL A 77 2.26 3.09 -3.74
N VAL A 78 3.04 4.17 -3.71
CA VAL A 78 4.42 4.10 -3.27
C VAL A 78 4.56 4.56 -1.83
N VAL A 79 5.47 3.93 -1.09
CA VAL A 79 5.71 4.29 0.31
C VAL A 79 7.13 4.80 0.52
N GLU A 80 7.27 6.11 0.65
CA GLU A 80 8.57 6.72 0.85
C GLU A 80 8.83 6.99 2.33
N ILE A 81 10.08 6.81 2.75
CA ILE A 81 10.45 7.03 4.14
C ILE A 81 11.23 8.33 4.31
N ILE A 82 10.64 9.27 5.03
CA ILE A 82 11.28 10.57 5.27
C ILE A 82 11.29 10.91 6.74
N LYS A 83 12.42 10.64 7.40
CA LYS A 83 12.56 10.93 8.82
C LYS A 83 11.71 9.98 9.66
N ALA A 84 11.80 8.70 9.36
CA ALA A 84 11.04 7.68 10.08
C ALA A 84 9.54 7.92 9.94
N VAL A 85 9.12 8.35 8.76
CA VAL A 85 7.71 8.62 8.48
C VAL A 85 7.24 7.87 7.24
N CYS A 86 5.98 7.46 7.25
CA CYS A 86 5.40 6.73 6.13
C CYS A 86 4.65 7.68 5.20
N CYS A 87 5.20 7.89 4.01
CA CYS A 87 4.58 8.79 3.03
C CYS A 87 3.99 7.99 1.87
N LEU A 88 2.67 7.95 1.79
CA LEU A 88 1.99 7.22 0.72
C LEU A 88 1.61 8.16 -0.42
N SER A 89 2.11 7.86 -1.61
CA SER A 89 1.82 8.67 -2.79
C SER A 89 1.09 7.85 -3.86
N VAL A 90 -0.11 8.29 -4.21
CA VAL A 90 -0.91 7.60 -5.21
C VAL A 90 -0.79 8.28 -6.58
N VAL A 91 -0.61 7.48 -7.62
CA VAL A 91 -0.47 8.00 -8.97
C VAL A 91 -1.41 7.28 -9.93
N LYS A 92 -2.21 8.03 -10.66
CA LYS A 92 -3.15 7.46 -11.62
C LYS A 92 -2.55 7.47 -13.03
N SER A 93 -2.18 6.29 -13.51
CA SER A 93 -1.60 6.16 -14.85
C SER A 93 -2.48 5.30 -15.74
N GLY A 94 -2.38 5.52 -17.06
CA GLY A 94 -3.18 4.76 -18.00
C GLY A 94 -2.72 4.95 -19.43
N PRO A 95 -2.84 3.89 -20.24
CA PRO A 95 -2.43 3.93 -21.65
C PRO A 95 -3.35 4.79 -22.50
N SER A 96 -2.76 5.80 -23.15
CA SER A 96 -3.53 6.72 -23.99
C SER A 96 -2.60 7.55 -24.87
N SER A 97 -2.98 7.72 -26.13
CA SER A 97 -2.18 8.50 -27.07
C SER A 97 -3.00 9.64 -27.67
N GLY A 98 -3.06 10.75 -26.94
CA GLY A 98 -3.81 11.90 -27.42
C GLY A 98 -5.27 11.58 -27.67
N GLY A 1 23.20 -6.83 20.30
CA GLY A 1 22.36 -7.03 19.14
C GLY A 1 21.34 -8.13 19.34
N SER A 2 20.07 -7.74 19.43
CA SER A 2 19.00 -8.70 19.64
C SER A 2 18.25 -8.97 18.33
N SER A 3 17.55 -10.09 18.28
CA SER A 3 16.79 -10.47 17.08
C SER A 3 15.29 -10.35 17.33
N GLY A 4 14.65 -9.43 16.60
CA GLY A 4 13.22 -9.23 16.76
C GLY A 4 12.58 -8.63 15.52
N SER A 5 11.98 -7.46 15.68
CA SER A 5 11.33 -6.78 14.56
C SER A 5 11.46 -5.27 14.69
N SER A 6 11.48 -4.58 13.56
CA SER A 6 11.61 -3.12 13.55
C SER A 6 10.53 -2.49 14.42
N GLY A 7 9.49 -3.26 14.74
CA GLY A 7 8.41 -2.75 15.56
C GLY A 7 7.09 -2.73 14.84
N LYS A 8 6.01 -3.02 15.56
CA LYS A 8 4.67 -3.04 14.97
C LYS A 8 4.05 -1.65 15.00
N ALA A 9 4.25 -0.94 16.11
CA ALA A 9 3.71 0.41 16.27
C ALA A 9 3.75 1.17 14.94
N PHE A 10 4.87 1.04 14.22
CA PHE A 10 5.04 1.72 12.95
C PHE A 10 4.05 1.18 11.91
N LEU A 11 3.87 -0.14 11.90
CA LEU A 11 2.96 -0.79 10.96
C LEU A 11 1.51 -0.61 11.39
N GLU A 12 1.20 -1.11 12.58
CA GLU A 12 -0.16 -1.00 13.11
C GLU A 12 -0.79 0.34 12.76
N ASP A 13 0.06 1.35 12.59
CA ASP A 13 -0.40 2.69 12.25
C ASP A 13 -0.72 2.79 10.76
N MET A 14 0.29 2.57 9.92
CA MET A 14 0.11 2.63 8.48
C MET A 14 -1.14 1.87 8.04
N LYS A 15 -1.24 0.61 8.47
CA LYS A 15 -2.38 -0.22 8.13
C LYS A 15 -3.67 0.59 8.16
N LYS A 16 -3.93 1.24 9.30
CA LYS A 16 -5.13 2.05 9.45
C LYS A 16 -5.13 3.23 8.47
N TYR A 17 -4.26 4.20 8.72
CA TYR A 17 -4.16 5.36 7.85
C TYR A 17 -4.26 4.97 6.38
N ALA A 18 -3.28 4.19 5.92
CA ALA A 18 -3.26 3.74 4.54
C ALA A 18 -4.62 3.23 4.10
N GLU A 19 -5.35 2.61 5.03
CA GLU A 19 -6.67 2.08 4.73
C GLU A 19 -7.69 3.21 4.58
N THR A 20 -7.90 3.96 5.65
CA THR A 20 -8.85 5.07 5.64
C THR A 20 -8.42 6.14 4.64
N PHE A 21 -7.17 6.06 4.20
CA PHE A 21 -6.65 7.03 3.24
C PHE A 21 -6.80 6.52 1.81
N LEU A 22 -6.71 5.20 1.65
CA LEU A 22 -6.83 4.58 0.33
C LEU A 22 -8.25 4.08 0.11
N GLU A 23 -9.10 4.22 1.12
CA GLU A 23 -10.49 3.78 1.03
C GLU A 23 -11.10 4.22 -0.29
N PRO A 24 -11.10 5.53 -0.54
CA PRO A 24 -11.66 6.12 -1.77
C PRO A 24 -10.82 5.77 -3.01
N TRP A 25 -9.68 5.14 -2.78
CA TRP A 25 -8.79 4.75 -3.88
C TRP A 25 -8.84 3.25 -4.12
N PHE A 26 -9.31 2.50 -3.12
CA PHE A 26 -9.41 1.06 -3.22
C PHE A 26 -10.78 0.58 -2.76
N LYS A 27 -11.27 1.15 -1.66
CA LYS A 27 -12.57 0.78 -1.12
C LYS A 27 -13.71 1.39 -1.95
N ALA A 28 -14.71 0.58 -2.24
CA ALA A 28 -15.85 1.04 -3.02
C ALA A 28 -16.29 2.44 -2.59
N PRO A 29 -16.97 3.15 -3.50
CA PRO A 29 -17.31 2.62 -4.83
C PRO A 29 -16.07 2.49 -5.73
N ASN A 30 -14.91 2.88 -5.20
CA ASN A 30 -13.66 2.80 -5.95
C ASN A 30 -13.09 1.40 -5.89
N LYS A 31 -12.38 1.00 -6.95
CA LYS A 31 -11.77 -0.32 -7.02
C LYS A 31 -10.91 -0.45 -8.28
N GLY A 32 -10.11 -1.51 -8.33
CA GLY A 32 -9.25 -1.73 -9.48
C GLY A 32 -7.93 -2.37 -9.10
N THR A 33 -6.91 -2.15 -9.92
CA THR A 33 -5.59 -2.72 -9.66
C THR A 33 -4.63 -1.65 -9.14
N PHE A 34 -3.45 -2.08 -8.70
CA PHE A 34 -2.44 -1.17 -8.18
C PHE A 34 -1.10 -1.87 -8.06
N GLN A 35 -0.06 -1.08 -7.78
CA GLN A 35 1.29 -1.62 -7.64
C GLN A 35 2.02 -0.96 -6.47
N ILE A 36 2.28 -1.74 -5.43
CA ILE A 36 2.98 -1.23 -4.24
C ILE A 36 4.48 -1.26 -4.44
N VAL A 37 5.16 -0.23 -3.92
CA VAL A 37 6.61 -0.14 -4.03
C VAL A 37 7.23 0.45 -2.77
N TYR A 38 8.24 -0.21 -2.25
CA TYR A 38 8.92 0.26 -1.05
C TYR A 38 10.13 1.11 -1.40
N LYS A 39 10.05 2.41 -1.10
CA LYS A 39 11.13 3.34 -1.38
C LYS A 39 11.71 3.91 -0.09
N SER A 40 12.93 3.50 0.25
CA SER A 40 13.59 3.97 1.45
C SER A 40 15.08 4.20 1.21
N ARG A 41 15.62 5.23 1.86
CA ARG A 41 17.04 5.56 1.70
C ARG A 41 17.92 4.42 2.21
N ASN A 42 19.15 4.37 1.71
CA ASN A 42 20.09 3.32 2.10
C ASN A 42 20.12 3.16 3.62
N ASN A 43 20.72 2.08 4.08
CA ASN A 43 20.81 1.79 5.51
C ASN A 43 19.44 1.90 6.17
N SER A 44 18.45 1.22 5.60
CA SER A 44 17.10 1.24 6.12
C SER A 44 16.96 0.28 7.31
N HIS A 45 16.06 0.63 8.24
CA HIS A 45 15.85 -0.20 9.42
C HIS A 45 14.59 -1.05 9.25
N VAL A 46 13.44 -0.39 9.17
CA VAL A 46 12.17 -1.10 9.00
C VAL A 46 12.14 -1.89 7.70
N ASN A 47 11.89 -3.19 7.80
CA ASN A 47 11.84 -4.05 6.63
C ASN A 47 10.92 -3.46 5.56
N ARG A 48 10.88 -4.10 4.39
CA ARG A 48 10.06 -3.64 3.29
C ARG A 48 8.92 -4.61 3.01
N GLU A 49 9.27 -5.90 2.88
CA GLU A 49 8.28 -6.93 2.60
C GLU A 49 7.05 -6.75 3.49
N GLU A 50 7.24 -6.87 4.80
CA GLU A 50 6.14 -6.73 5.74
C GLU A 50 5.25 -5.55 5.36
N VAL A 51 5.87 -4.45 4.97
CA VAL A 51 5.13 -3.25 4.58
C VAL A 51 4.35 -3.49 3.29
N ILE A 52 5.07 -3.76 2.20
CA ILE A 52 4.45 -4.00 0.91
C ILE A 52 3.41 -5.12 1.01
N ARG A 53 3.86 -6.31 1.40
CA ARG A 53 2.96 -7.45 1.53
C ARG A 53 1.68 -7.06 2.25
N GLU A 54 1.83 -6.42 3.41
CA GLU A 54 0.69 -5.98 4.20
C GLU A 54 -0.17 -4.99 3.42
N LEU A 55 0.40 -3.84 3.10
CA LEU A 55 -0.31 -2.81 2.36
C LEU A 55 -1.26 -3.43 1.34
N ALA A 56 -0.87 -4.57 0.78
CA ALA A 56 -1.69 -5.26 -0.20
C ALA A 56 -2.80 -6.05 0.48
N GLY A 57 -2.43 -6.84 1.49
CA GLY A 57 -3.42 -7.63 2.20
C GLY A 57 -4.56 -6.80 2.74
N ILE A 58 -4.29 -5.52 3.00
CA ILE A 58 -5.31 -4.62 3.52
C ILE A 58 -6.26 -4.16 2.42
N VAL A 59 -5.68 -3.61 1.35
CA VAL A 59 -6.48 -3.14 0.22
C VAL A 59 -7.67 -4.05 -0.04
N CYS A 60 -7.43 -5.35 -0.04
CA CYS A 60 -8.49 -6.32 -0.28
C CYS A 60 -9.63 -6.13 0.71
N THR A 61 -9.31 -6.14 1.99
CA THR A 61 -10.31 -5.97 3.04
C THR A 61 -11.32 -4.89 2.66
N LEU A 62 -10.87 -3.94 1.85
CA LEU A 62 -11.73 -2.85 1.40
C LEU A 62 -12.72 -3.32 0.35
N ASN A 63 -12.21 -3.65 -0.83
CA ASN A 63 -13.05 -4.13 -1.93
C ASN A 63 -12.47 -5.40 -2.55
N SER A 64 -13.28 -6.46 -2.57
CA SER A 64 -12.84 -7.73 -3.13
C SER A 64 -12.41 -7.56 -4.58
N GLU A 65 -13.02 -6.61 -5.27
CA GLU A 65 -12.70 -6.35 -6.67
C GLU A 65 -11.25 -5.87 -6.82
N ASN A 66 -10.70 -5.33 -5.73
CA ASN A 66 -9.33 -4.84 -5.74
C ASN A 66 -8.34 -5.98 -5.97
N LYS A 67 -7.39 -5.74 -6.86
CA LYS A 67 -6.38 -6.74 -7.18
C LYS A 67 -5.05 -6.08 -7.57
N VAL A 68 -4.08 -6.13 -6.68
CA VAL A 68 -2.77 -5.55 -6.93
C VAL A 68 -2.10 -6.21 -8.13
N ASP A 69 -1.74 -5.39 -9.12
CA ASP A 69 -1.09 -5.89 -10.32
C ASP A 69 0.17 -5.09 -10.62
N LEU A 70 1.17 -5.75 -11.20
CA LEU A 70 2.42 -5.11 -11.53
C LEU A 70 2.57 -4.95 -13.05
N THR A 71 1.53 -5.33 -13.78
CA THR A 71 1.54 -5.23 -15.23
C THR A 71 0.61 -4.13 -15.72
N ASN A 72 -0.65 -4.20 -15.30
CA ASN A 72 -1.64 -3.19 -15.69
C ASN A 72 -2.21 -2.49 -14.47
N PRO A 73 -1.33 -1.96 -13.62
CA PRO A 73 -1.73 -1.24 -12.40
C PRO A 73 -2.39 0.09 -12.69
N GLN A 74 -3.54 0.31 -12.09
CA GLN A 74 -4.29 1.56 -12.29
C GLN A 74 -3.87 2.61 -11.27
N TYR A 75 -3.40 2.15 -10.11
CA TYR A 75 -2.96 3.06 -9.05
C TYR A 75 -1.65 2.58 -8.42
N THR A 76 -0.64 3.43 -8.48
CA THR A 76 0.66 3.10 -7.92
C THR A 76 0.82 3.65 -6.50
N VAL A 77 0.78 2.76 -5.52
CA VAL A 77 0.91 3.15 -4.12
C VAL A 77 2.34 2.95 -3.63
N VAL A 78 3.11 4.03 -3.58
CA VAL A 78 4.49 3.97 -3.13
C VAL A 78 4.61 4.47 -1.69
N VAL A 79 5.48 3.82 -0.92
CA VAL A 79 5.69 4.20 0.48
C VAL A 79 7.11 4.72 0.69
N GLU A 80 7.24 6.04 0.77
CA GLU A 80 8.54 6.66 0.97
C GLU A 80 8.83 6.86 2.46
N ILE A 81 10.10 6.72 2.83
CA ILE A 81 10.50 6.88 4.22
C ILE A 81 11.38 8.11 4.40
N ILE A 82 10.83 9.15 5.02
CA ILE A 82 11.56 10.38 5.25
C ILE A 82 11.59 10.74 6.74
N LYS A 83 12.76 10.63 7.35
CA LYS A 83 12.91 10.94 8.76
C LYS A 83 12.08 9.99 9.63
N ALA A 84 11.90 8.76 9.15
CA ALA A 84 11.12 7.77 9.87
C ALA A 84 9.64 8.06 9.80
N VAL A 85 9.16 8.44 8.62
CA VAL A 85 7.75 8.76 8.42
C VAL A 85 7.17 7.97 7.26
N CYS A 86 5.86 7.73 7.31
CA CYS A 86 5.19 6.98 6.25
C CYS A 86 4.60 7.93 5.21
N CYS A 87 5.26 8.02 4.06
CA CYS A 87 4.80 8.89 2.98
C CYS A 87 4.18 8.07 1.85
N LEU A 88 2.86 8.01 1.85
CA LEU A 88 2.14 7.26 0.82
C LEU A 88 1.75 8.17 -0.35
N SER A 89 2.23 7.85 -1.54
CA SER A 89 1.94 8.63 -2.73
C SER A 89 1.18 7.80 -3.76
N VAL A 90 0.00 8.27 -4.14
CA VAL A 90 -0.82 7.57 -5.11
C VAL A 90 -0.75 8.24 -6.48
N VAL A 91 -0.44 7.46 -7.51
CA VAL A 91 -0.33 7.98 -8.86
C VAL A 91 -1.22 7.18 -9.83
N LYS A 92 -2.14 7.89 -10.48
CA LYS A 92 -3.05 7.25 -11.43
C LYS A 92 -2.48 7.31 -12.85
N SER A 93 -2.03 6.16 -13.34
CA SER A 93 -1.46 6.09 -14.69
C SER A 93 -2.20 5.06 -15.54
N GLY A 94 -2.44 5.40 -16.80
CA GLY A 94 -3.14 4.48 -17.68
C GLY A 94 -4.45 5.06 -18.19
N PRO A 95 -4.38 5.87 -19.25
CA PRO A 95 -5.56 6.50 -19.84
C PRO A 95 -6.45 5.49 -20.55
N SER A 96 -7.35 4.87 -19.80
CA SER A 96 -8.26 3.88 -20.37
C SER A 96 -9.30 3.45 -19.33
N SER A 97 -10.57 3.42 -19.74
CA SER A 97 -11.65 3.04 -18.86
C SER A 97 -12.42 1.85 -19.43
N GLY A 98 -13.03 2.05 -20.59
CA GLY A 98 -13.78 0.99 -21.23
C GLY A 98 -15.23 1.39 -21.52
N GLY A 1 4.95 -23.40 9.43
CA GLY A 1 5.30 -23.07 8.06
C GLY A 1 5.48 -21.58 7.85
N SER A 2 4.39 -20.87 7.64
CA SER A 2 4.43 -19.42 7.42
C SER A 2 4.99 -18.71 8.65
N SER A 3 5.38 -17.45 8.46
CA SER A 3 5.93 -16.66 9.56
C SER A 3 5.10 -15.41 9.80
N GLY A 4 4.15 -15.51 10.72
CA GLY A 4 3.28 -14.39 11.03
C GLY A 4 4.06 -13.12 11.32
N SER A 5 3.43 -11.98 11.13
CA SER A 5 4.07 -10.69 11.37
C SER A 5 3.78 -10.19 12.79
N SER A 6 4.84 -9.97 13.55
CA SER A 6 4.70 -9.50 14.93
C SER A 6 4.12 -8.09 14.96
N GLY A 7 3.77 -7.62 16.16
CA GLY A 7 3.21 -6.29 16.30
C GLY A 7 4.25 -5.19 16.09
N LYS A 8 3.96 -4.27 15.19
CA LYS A 8 4.87 -3.18 14.90
C LYS A 8 4.11 -1.87 14.74
N ALA A 9 4.30 -0.95 15.69
CA ALA A 9 3.63 0.34 15.65
C ALA A 9 3.65 0.93 14.25
N PHE A 10 4.83 0.97 13.64
CA PHE A 10 4.99 1.51 12.30
C PHE A 10 3.87 1.01 11.39
N LEU A 11 3.54 -0.27 11.50
CA LEU A 11 2.50 -0.87 10.69
C LEU A 11 1.12 -0.67 11.33
N GLU A 12 0.95 -1.21 12.53
CA GLU A 12 -0.31 -1.08 13.24
C GLU A 12 -0.97 0.27 12.97
N ASP A 13 -0.25 1.34 13.27
CA ASP A 13 -0.77 2.69 13.06
C ASP A 13 -0.99 2.95 11.57
N MET A 14 -0.05 2.50 10.74
CA MET A 14 -0.14 2.68 9.30
C MET A 14 -1.47 2.15 8.78
N LYS A 15 -1.73 0.87 9.03
CA LYS A 15 -2.96 0.23 8.59
C LYS A 15 -4.12 1.22 8.60
N LYS A 16 -4.33 1.86 9.75
CA LYS A 16 -5.42 2.83 9.90
C LYS A 16 -5.35 3.88 8.79
N TYR A 17 -4.31 4.71 8.82
CA TYR A 17 -4.13 5.76 7.83
C TYR A 17 -4.22 5.20 6.42
N ALA A 18 -3.30 4.28 6.09
CA ALA A 18 -3.28 3.67 4.78
C ALA A 18 -4.68 3.25 4.34
N GLU A 19 -5.44 2.71 5.27
CA GLU A 19 -6.80 2.26 4.98
C GLU A 19 -7.70 3.44 4.63
N THR A 20 -8.01 4.26 5.63
CA THR A 20 -8.86 5.43 5.43
C THR A 20 -8.26 6.37 4.39
N PHE A 21 -7.01 6.11 4.01
CA PHE A 21 -6.33 6.94 3.03
C PHE A 21 -6.51 6.37 1.62
N LEU A 22 -6.56 5.05 1.53
CA LEU A 22 -6.73 4.38 0.24
C LEU A 22 -8.16 3.86 0.09
N GLU A 23 -9.01 4.16 1.07
CA GLU A 23 -10.40 3.73 1.04
C GLU A 23 -11.07 4.15 -0.26
N PRO A 24 -11.07 5.47 -0.53
CA PRO A 24 -11.67 6.03 -1.73
C PRO A 24 -10.90 5.68 -3.00
N TRP A 25 -9.74 5.05 -2.81
CA TRP A 25 -8.90 4.65 -3.94
C TRP A 25 -8.97 3.14 -4.16
N PHE A 26 -9.34 2.41 -3.12
CA PHE A 26 -9.45 0.96 -3.20
C PHE A 26 -10.81 0.48 -2.71
N LYS A 27 -11.28 1.06 -1.62
CA LYS A 27 -12.57 0.70 -1.03
C LYS A 27 -13.71 1.29 -1.85
N ALA A 28 -14.72 0.47 -2.13
CA ALA A 28 -15.87 0.91 -2.90
C ALA A 28 -16.32 2.30 -2.49
N PRO A 29 -17.01 3.00 -3.39
CA PRO A 29 -17.35 2.46 -4.72
C PRO A 29 -16.13 2.32 -5.62
N ASN A 30 -14.98 2.75 -5.11
CA ASN A 30 -13.73 2.69 -5.87
C ASN A 30 -13.16 1.27 -5.83
N LYS A 31 -12.45 0.89 -6.90
CA LYS A 31 -11.85 -0.42 -6.99
C LYS A 31 -11.00 -0.54 -8.26
N GLY A 32 -10.12 -1.54 -8.27
CA GLY A 32 -9.26 -1.75 -9.43
C GLY A 32 -7.92 -2.37 -9.06
N THR A 33 -6.93 -2.17 -9.92
CA THR A 33 -5.60 -2.73 -9.67
C THR A 33 -4.64 -1.64 -9.20
N PHE A 34 -3.45 -2.07 -8.77
CA PHE A 34 -2.44 -1.13 -8.28
C PHE A 34 -1.08 -1.82 -8.16
N GLN A 35 -0.07 -1.04 -7.81
CA GLN A 35 1.29 -1.57 -7.66
C GLN A 35 2.02 -0.89 -6.51
N ILE A 36 2.25 -1.64 -5.44
CA ILE A 36 2.95 -1.11 -4.27
C ILE A 36 4.46 -1.17 -4.46
N VAL A 37 5.16 -0.14 -3.97
CA VAL A 37 6.60 -0.08 -4.07
C VAL A 37 7.22 0.53 -2.82
N TYR A 38 8.17 -0.19 -2.23
CA TYR A 38 8.84 0.28 -1.01
C TYR A 38 10.07 1.11 -1.36
N LYS A 39 9.96 2.42 -1.20
CA LYS A 39 11.06 3.33 -1.48
C LYS A 39 11.66 3.88 -0.20
N SER A 40 12.88 3.45 0.12
CA SER A 40 13.56 3.90 1.33
C SER A 40 15.05 4.09 1.06
N ARG A 41 15.72 4.81 1.96
CA ARG A 41 17.15 5.07 1.83
C ARG A 41 17.96 3.86 2.27
N ASN A 42 17.58 3.27 3.40
CA ASN A 42 18.27 2.10 3.93
C ASN A 42 17.28 0.99 4.26
N ASN A 43 17.35 -0.11 3.52
CA ASN A 43 16.46 -1.24 3.73
C ASN A 43 16.61 -1.77 5.16
N SER A 44 17.86 -1.94 5.60
CA SER A 44 18.13 -2.45 6.94
C SER A 44 17.13 -1.89 7.95
N HIS A 45 16.84 -0.59 7.83
CA HIS A 45 15.91 0.07 8.73
C HIS A 45 14.77 -0.88 9.13
N VAL A 46 14.17 -1.53 8.13
CA VAL A 46 13.08 -2.46 8.38
C VAL A 46 12.76 -3.27 7.13
N ASN A 47 12.36 -4.52 7.34
CA ASN A 47 12.03 -5.41 6.23
C ASN A 47 10.89 -4.83 5.39
N ARG A 48 11.13 -4.71 4.09
CA ARG A 48 10.13 -4.17 3.18
C ARG A 48 8.95 -5.14 3.02
N GLU A 49 9.27 -6.41 2.80
CA GLU A 49 8.24 -7.43 2.63
C GLU A 49 7.09 -7.21 3.62
N GLU A 50 7.45 -7.06 4.89
CA GLU A 50 6.46 -6.84 5.94
C GLU A 50 5.51 -5.70 5.57
N VAL A 51 6.09 -4.61 5.08
CA VAL A 51 5.29 -3.45 4.69
C VAL A 51 4.52 -3.71 3.41
N ILE A 52 5.24 -3.84 2.29
CA ILE A 52 4.61 -4.10 1.01
C ILE A 52 3.54 -5.17 1.13
N ARG A 53 3.94 -6.38 1.48
CA ARG A 53 3.01 -7.49 1.63
C ARG A 53 1.72 -7.04 2.31
N GLU A 54 1.85 -6.59 3.56
CA GLU A 54 0.70 -6.13 4.33
C GLU A 54 -0.10 -5.10 3.54
N LEU A 55 0.53 -3.97 3.25
CA LEU A 55 -0.11 -2.89 2.50
C LEU A 55 -1.07 -3.47 1.45
N ALA A 56 -0.65 -4.55 0.80
CA ALA A 56 -1.47 -5.19 -0.21
C ALA A 56 -2.63 -5.95 0.42
N GLY A 57 -2.33 -6.77 1.41
CA GLY A 57 -3.35 -7.54 2.08
C GLY A 57 -4.48 -6.68 2.61
N ILE A 58 -4.17 -5.41 2.90
CA ILE A 58 -5.16 -4.48 3.42
C ILE A 58 -6.12 -4.04 2.32
N VAL A 59 -5.56 -3.67 1.17
CA VAL A 59 -6.37 -3.23 0.04
C VAL A 59 -7.55 -4.16 -0.19
N CYS A 60 -7.26 -5.46 -0.31
CA CYS A 60 -8.30 -6.46 -0.53
C CYS A 60 -9.37 -6.38 0.56
N THR A 61 -8.93 -6.18 1.80
CA THR A 61 -9.83 -6.11 2.93
C THR A 61 -10.93 -5.08 2.68
N LEU A 62 -10.62 -4.05 1.89
CA LEU A 62 -11.57 -3.00 1.57
C LEU A 62 -12.57 -3.48 0.52
N ASN A 63 -12.07 -3.71 -0.69
CA ASN A 63 -12.92 -4.17 -1.80
C ASN A 63 -12.33 -5.41 -2.45
N SER A 64 -13.06 -6.51 -2.38
CA SER A 64 -12.61 -7.77 -2.97
C SER A 64 -12.24 -7.58 -4.44
N GLU A 65 -12.88 -6.62 -5.09
CA GLU A 65 -12.62 -6.34 -6.49
C GLU A 65 -11.18 -5.86 -6.69
N ASN A 66 -10.60 -5.30 -5.63
CA ASN A 66 -9.23 -4.79 -5.69
C ASN A 66 -8.24 -5.93 -5.93
N LYS A 67 -7.30 -5.72 -6.84
CA LYS A 67 -6.30 -6.73 -7.15
C LYS A 67 -4.98 -6.08 -7.55
N VAL A 68 -3.99 -6.17 -6.68
CA VAL A 68 -2.67 -5.59 -6.93
C VAL A 68 -2.01 -6.26 -8.13
N ASP A 69 -1.63 -5.45 -9.11
CA ASP A 69 -0.97 -5.96 -10.32
C ASP A 69 0.26 -5.14 -10.66
N LEU A 70 1.25 -5.79 -11.26
CA LEU A 70 2.49 -5.12 -11.64
C LEU A 70 2.63 -5.05 -13.15
N THR A 71 1.61 -5.51 -13.86
CA THR A 71 1.62 -5.51 -15.32
C THR A 71 0.73 -4.40 -15.87
N ASN A 72 -0.53 -4.38 -15.44
CA ASN A 72 -1.47 -3.37 -15.90
C ASN A 72 -2.13 -2.66 -14.71
N PRO A 73 -1.30 -2.12 -13.81
CA PRO A 73 -1.77 -1.41 -12.63
C PRO A 73 -2.43 -0.08 -12.96
N GLN A 74 -3.48 0.26 -12.21
CA GLN A 74 -4.19 1.51 -12.43
C GLN A 74 -3.74 2.59 -11.45
N TYR A 75 -3.46 2.17 -10.22
CA TYR A 75 -3.02 3.10 -9.18
C TYR A 75 -1.69 2.65 -8.58
N THR A 76 -0.70 3.54 -8.59
CA THR A 76 0.61 3.23 -8.04
C THR A 76 0.76 3.79 -6.63
N VAL A 77 0.77 2.90 -5.64
CA VAL A 77 0.92 3.30 -4.25
C VAL A 77 2.35 3.11 -3.75
N VAL A 78 3.11 4.19 -3.72
CA VAL A 78 4.50 4.14 -3.28
C VAL A 78 4.63 4.62 -1.82
N VAL A 79 5.49 3.95 -1.07
CA VAL A 79 5.70 4.31 0.33
C VAL A 79 7.13 4.81 0.56
N GLU A 80 7.28 6.12 0.65
CA GLU A 80 8.60 6.73 0.87
C GLU A 80 8.89 6.88 2.36
N ILE A 81 10.14 6.65 2.74
CA ILE A 81 10.55 6.76 4.13
C ILE A 81 11.38 8.02 4.36
N ILE A 82 10.77 9.02 4.99
CA ILE A 82 11.45 10.27 5.28
C ILE A 82 11.41 10.59 6.77
N LYS A 83 12.59 10.67 7.38
CA LYS A 83 12.70 10.97 8.81
C LYS A 83 11.90 9.96 9.63
N ALA A 84 11.96 8.70 9.23
CA ALA A 84 11.25 7.64 9.94
C ALA A 84 9.74 7.80 9.81
N VAL A 85 9.32 8.47 8.73
CA VAL A 85 7.90 8.70 8.49
C VAL A 85 7.41 7.88 7.30
N CYS A 86 6.11 7.62 7.26
CA CYS A 86 5.51 6.85 6.18
C CYS A 86 4.77 7.76 5.20
N CYS A 87 5.38 7.98 4.05
CA CYS A 87 4.77 8.84 3.03
C CYS A 87 4.16 8.00 1.91
N LEU A 88 2.83 8.06 1.81
CA LEU A 88 2.11 7.30 0.78
C LEU A 88 1.72 8.20 -0.38
N SER A 89 2.26 7.91 -1.56
CA SER A 89 1.97 8.69 -2.75
C SER A 89 1.27 7.84 -3.80
N VAL A 90 0.05 8.23 -4.16
CA VAL A 90 -0.72 7.50 -5.17
C VAL A 90 -0.67 8.20 -6.51
N VAL A 91 -0.55 7.42 -7.58
CA VAL A 91 -0.49 7.97 -8.94
C VAL A 91 -1.46 7.24 -9.86
N LYS A 92 -2.40 8.00 -10.42
CA LYS A 92 -3.39 7.44 -11.34
C LYS A 92 -2.90 7.47 -12.78
N SER A 93 -2.66 6.30 -13.35
CA SER A 93 -2.17 6.21 -14.72
C SER A 93 -3.05 5.26 -15.54
N GLY A 94 -3.98 5.83 -16.30
CA GLY A 94 -4.87 5.02 -17.12
C GLY A 94 -4.12 4.16 -18.12
N PRO A 95 -4.59 2.93 -18.33
CA PRO A 95 -3.98 1.99 -19.27
C PRO A 95 -4.17 2.41 -20.72
N SER A 96 -5.10 3.31 -20.95
CA SER A 96 -5.39 3.79 -22.30
C SER A 96 -5.16 5.31 -22.40
N SER A 97 -5.80 6.06 -21.52
CA SER A 97 -5.68 7.50 -21.51
C SER A 97 -4.21 7.92 -21.50
N GLY A 98 -3.86 8.89 -22.34
CA GLY A 98 -2.49 9.35 -22.41
C GLY A 98 -1.53 8.26 -22.84
N GLY A 1 -6.57 -18.19 10.51
CA GLY A 1 -5.27 -18.82 10.46
C GLY A 1 -4.42 -18.49 11.68
N SER A 2 -3.50 -19.38 12.01
CA SER A 2 -2.63 -19.17 13.17
C SER A 2 -1.48 -18.23 12.81
N SER A 3 -1.47 -17.06 13.44
CA SER A 3 -0.44 -16.06 13.19
C SER A 3 -0.52 -14.93 14.20
N GLY A 4 0.60 -14.23 14.39
CA GLY A 4 0.63 -13.12 15.33
C GLY A 4 2.02 -12.55 15.51
N SER A 5 2.45 -11.74 14.55
CA SER A 5 3.78 -11.14 14.61
C SER A 5 3.88 -10.14 15.77
N SER A 6 5.10 -9.72 16.08
CA SER A 6 5.33 -8.78 17.17
C SER A 6 4.54 -7.49 16.95
N GLY A 7 4.20 -6.82 18.04
CA GLY A 7 3.45 -5.58 17.95
C GLY A 7 4.23 -4.48 17.27
N LYS A 8 4.21 -4.48 15.94
CA LYS A 8 4.93 -3.48 15.17
C LYS A 8 4.13 -2.18 15.09
N ALA A 9 4.31 -1.32 16.09
CA ALA A 9 3.60 -0.04 16.13
C ALA A 9 3.63 0.65 14.77
N PHE A 10 4.83 0.91 14.27
CA PHE A 10 5.00 1.56 12.98
C PHE A 10 3.95 1.08 11.99
N LEU A 11 3.63 -0.22 12.04
CA LEU A 11 2.64 -0.81 11.15
C LEU A 11 1.23 -0.59 11.68
N GLU A 12 0.99 -1.04 12.90
CA GLU A 12 -0.32 -0.89 13.52
C GLU A 12 -0.97 0.42 13.11
N ASP A 13 -0.28 1.53 13.37
CA ASP A 13 -0.80 2.84 13.02
C ASP A 13 -0.93 3.00 11.50
N MET A 14 0.06 2.49 10.78
CA MET A 14 0.05 2.56 9.32
C MET A 14 -1.20 1.92 8.75
N LYS A 15 -1.39 0.64 9.03
CA LYS A 15 -2.56 -0.09 8.55
C LYS A 15 -3.80 0.81 8.51
N LYS A 16 -4.01 1.55 9.60
CA LYS A 16 -5.15 2.46 9.69
C LYS A 16 -5.06 3.55 8.64
N TYR A 17 -4.12 4.47 8.83
CA TYR A 17 -3.93 5.57 7.89
C TYR A 17 -4.05 5.09 6.45
N ALA A 18 -3.14 4.21 6.05
CA ALA A 18 -3.13 3.67 4.70
C ALA A 18 -4.55 3.35 4.24
N GLU A 19 -5.25 2.55 5.04
CA GLU A 19 -6.63 2.16 4.72
C GLU A 19 -7.49 3.39 4.45
N THR A 20 -7.79 4.14 5.51
CA THR A 20 -8.62 5.33 5.40
C THR A 20 -8.03 6.31 4.37
N PHE A 21 -6.78 6.08 3.99
CA PHE A 21 -6.10 6.94 3.03
C PHE A 21 -6.25 6.37 1.61
N LEU A 22 -6.56 5.09 1.53
CA LEU A 22 -6.72 4.42 0.23
C LEU A 22 -8.14 3.89 0.07
N GLU A 23 -9.00 4.21 1.03
CA GLU A 23 -10.39 3.76 1.00
C GLU A 23 -11.07 4.17 -0.30
N PRO A 24 -11.07 5.50 -0.57
CA PRO A 24 -11.69 6.05 -1.77
C PRO A 24 -10.92 5.70 -3.04
N TRP A 25 -9.75 5.07 -2.86
CA TRP A 25 -8.91 4.68 -3.98
C TRP A 25 -9.03 3.19 -4.26
N PHE A 26 -9.30 2.42 -3.21
CA PHE A 26 -9.44 0.98 -3.33
C PHE A 26 -10.82 0.51 -2.85
N LYS A 27 -11.30 1.12 -1.77
CA LYS A 27 -12.60 0.77 -1.22
C LYS A 27 -13.72 1.37 -2.06
N ALA A 28 -14.74 0.57 -2.34
CA ALA A 28 -15.88 1.03 -3.13
C ALA A 28 -16.30 2.44 -2.73
N PRO A 29 -16.97 3.14 -3.65
CA PRO A 29 -17.30 2.61 -4.98
C PRO A 29 -16.06 2.44 -5.85
N ASN A 30 -14.91 2.86 -5.34
CA ASN A 30 -13.66 2.76 -6.08
C ASN A 30 -13.12 1.33 -6.05
N LYS A 31 -12.42 0.95 -7.11
CA LYS A 31 -11.84 -0.38 -7.20
C LYS A 31 -10.98 -0.52 -8.45
N GLY A 32 -10.13 -1.54 -8.47
CA GLY A 32 -9.25 -1.76 -9.61
C GLY A 32 -7.94 -2.40 -9.22
N THR A 33 -6.91 -2.20 -10.04
CA THR A 33 -5.60 -2.77 -9.78
C THR A 33 -4.63 -1.70 -9.28
N PHE A 34 -3.46 -2.13 -8.84
CA PHE A 34 -2.45 -1.21 -8.34
C PHE A 34 -1.11 -1.92 -8.13
N GLN A 35 -0.05 -1.14 -7.93
CA GLN A 35 1.27 -1.70 -7.74
C GLN A 35 2.00 -0.99 -6.60
N ILE A 36 2.33 -1.74 -5.55
CA ILE A 36 3.03 -1.18 -4.40
C ILE A 36 4.54 -1.23 -4.58
N VAL A 37 5.22 -0.20 -4.11
CA VAL A 37 6.68 -0.14 -4.23
C VAL A 37 7.30 0.50 -2.99
N TYR A 38 8.25 -0.20 -2.39
CA TYR A 38 8.93 0.29 -1.19
C TYR A 38 10.12 1.18 -1.55
N LYS A 39 10.07 2.43 -1.12
CA LYS A 39 11.14 3.38 -1.39
C LYS A 39 11.75 3.90 -0.11
N SER A 40 12.98 3.46 0.18
CA SER A 40 13.67 3.88 1.40
C SER A 40 15.06 4.42 1.06
N ARG A 41 15.65 5.14 2.01
CA ARG A 41 16.97 5.72 1.81
C ARG A 41 17.93 5.27 2.93
N ASN A 42 17.61 5.65 4.16
CA ASN A 42 18.44 5.30 5.30
C ASN A 42 17.60 4.62 6.39
N ASN A 43 16.79 3.65 5.98
CA ASN A 43 15.94 2.92 6.92
C ASN A 43 16.10 1.42 6.74
N SER A 44 17.11 0.86 7.38
CA SER A 44 17.37 -0.59 7.28
C SER A 44 17.12 -1.27 8.62
N HIS A 45 15.99 -0.94 9.24
CA HIS A 45 15.62 -1.52 10.53
C HIS A 45 14.40 -2.43 10.37
N VAL A 46 13.31 -1.87 9.88
CA VAL A 46 12.08 -2.64 9.68
C VAL A 46 12.04 -3.27 8.30
N ASN A 47 11.59 -4.52 8.24
CA ASN A 47 11.49 -5.24 6.98
C ASN A 47 10.58 -4.52 6.00
N ARG A 48 11.05 -4.35 4.77
CA ARG A 48 10.29 -3.67 3.74
C ARG A 48 9.19 -4.57 3.19
N GLU A 49 9.43 -5.88 3.23
CA GLU A 49 8.46 -6.85 2.74
C GLU A 49 7.14 -6.74 3.50
N GLU A 50 7.21 -6.89 4.82
CA GLU A 50 6.02 -6.82 5.66
C GLU A 50 5.19 -5.58 5.30
N VAL A 51 5.87 -4.45 5.13
CA VAL A 51 5.19 -3.20 4.80
C VAL A 51 4.44 -3.32 3.48
N ILE A 52 5.15 -3.77 2.44
CA ILE A 52 4.55 -3.94 1.12
C ILE A 52 3.48 -5.02 1.13
N ARG A 53 3.91 -6.25 1.42
CA ARG A 53 2.99 -7.38 1.46
C ARG A 53 1.71 -7.03 2.23
N GLU A 54 1.88 -6.47 3.42
CA GLU A 54 0.75 -6.08 4.25
C GLU A 54 -0.08 -5.00 3.57
N LEU A 55 0.57 -3.89 3.21
CA LEU A 55 -0.11 -2.78 2.55
C LEU A 55 -1.08 -3.29 1.50
N ALA A 56 -0.70 -4.36 0.81
CA ALA A 56 -1.55 -4.96 -0.22
C ALA A 56 -2.68 -5.76 0.41
N GLY A 57 -2.33 -6.63 1.35
CA GLY A 57 -3.33 -7.47 2.00
C GLY A 57 -4.49 -6.65 2.55
N ILE A 58 -4.23 -5.39 2.86
CA ILE A 58 -5.25 -4.50 3.40
C ILE A 58 -6.12 -3.93 2.29
N VAL A 59 -5.48 -3.59 1.17
CA VAL A 59 -6.20 -3.03 0.03
C VAL A 59 -7.35 -3.93 -0.40
N CYS A 60 -7.26 -5.20 -0.03
CA CYS A 60 -8.30 -6.17 -0.37
C CYS A 60 -9.50 -6.05 0.56
N THR A 61 -9.23 -6.02 1.86
CA THR A 61 -10.29 -5.90 2.86
C THR A 61 -11.28 -4.80 2.48
N LEU A 62 -10.81 -3.83 1.70
CA LEU A 62 -11.66 -2.73 1.27
C LEU A 62 -12.67 -3.19 0.23
N ASN A 63 -12.18 -3.64 -0.92
CA ASN A 63 -13.04 -4.12 -1.99
C ASN A 63 -12.49 -5.40 -2.60
N SER A 64 -13.36 -6.41 -2.73
CA SER A 64 -12.95 -7.69 -3.29
C SER A 64 -12.50 -7.53 -4.75
N GLU A 65 -13.00 -6.49 -5.40
CA GLU A 65 -12.65 -6.22 -6.79
C GLU A 65 -11.22 -5.72 -6.90
N ASN A 66 -10.65 -5.29 -5.77
CA ASN A 66 -9.28 -4.79 -5.75
C ASN A 66 -8.28 -5.91 -5.96
N LYS A 67 -7.36 -5.71 -6.88
CA LYS A 67 -6.34 -6.72 -7.20
C LYS A 67 -5.05 -6.05 -7.65
N VAL A 68 -4.05 -6.03 -6.76
CA VAL A 68 -2.76 -5.43 -7.07
C VAL A 68 -2.10 -6.13 -8.26
N ASP A 69 -1.86 -5.38 -9.32
CA ASP A 69 -1.24 -5.92 -10.52
C ASP A 69 0.08 -5.20 -10.83
N LEU A 70 1.03 -5.92 -11.39
CA LEU A 70 2.33 -5.36 -11.74
C LEU A 70 2.51 -5.27 -13.25
N THR A 71 1.45 -5.62 -13.98
CA THR A 71 1.48 -5.57 -15.44
C THR A 71 0.65 -4.42 -15.97
N ASN A 72 -0.61 -4.36 -15.56
CA ASN A 72 -1.52 -3.30 -15.99
C ASN A 72 -2.22 -2.66 -14.81
N PRO A 73 -1.44 -2.11 -13.87
CA PRO A 73 -1.96 -1.46 -12.67
C PRO A 73 -2.66 -0.14 -12.99
N GLN A 74 -3.72 0.16 -12.23
CA GLN A 74 -4.47 1.39 -12.43
C GLN A 74 -3.99 2.49 -11.50
N TYR A 75 -3.60 2.10 -10.29
CA TYR A 75 -3.11 3.05 -9.30
C TYR A 75 -1.79 2.59 -8.69
N THR A 76 -0.79 3.46 -8.74
CA THR A 76 0.53 3.13 -8.20
C THR A 76 0.70 3.69 -6.80
N VAL A 77 0.71 2.82 -5.81
CA VAL A 77 0.86 3.22 -4.42
C VAL A 77 2.30 3.05 -3.95
N VAL A 78 3.05 4.14 -3.91
CA VAL A 78 4.44 4.11 -3.49
C VAL A 78 4.58 4.55 -2.04
N VAL A 79 5.44 3.87 -1.29
CA VAL A 79 5.67 4.19 0.11
C VAL A 79 7.10 4.67 0.34
N GLU A 80 7.24 5.98 0.55
CA GLU A 80 8.56 6.57 0.78
C GLU A 80 8.80 6.79 2.27
N ILE A 81 10.07 6.77 2.67
CA ILE A 81 10.44 6.98 4.07
C ILE A 81 11.21 8.27 4.25
N ILE A 82 10.50 9.33 4.65
CA ILE A 82 11.12 10.63 4.86
C ILE A 82 11.33 10.90 6.35
N LYS A 83 12.54 10.60 6.82
CA LYS A 83 12.87 10.81 8.23
C LYS A 83 12.09 9.86 9.12
N ALA A 84 12.04 8.60 8.73
CA ALA A 84 11.32 7.58 9.49
C ALA A 84 9.82 7.86 9.51
N VAL A 85 9.31 8.35 8.38
CA VAL A 85 7.88 8.64 8.25
C VAL A 85 7.27 7.91 7.07
N CYS A 86 6.16 7.24 7.32
CA CYS A 86 5.47 6.49 6.26
C CYS A 86 4.69 7.43 5.34
N CYS A 87 5.24 7.67 4.16
CA CYS A 87 4.60 8.56 3.19
C CYS A 87 4.03 7.76 2.02
N LEU A 88 2.71 7.74 1.91
CA LEU A 88 2.05 7.02 0.83
C LEU A 88 1.66 7.96 -0.30
N SER A 89 2.12 7.64 -1.51
CA SER A 89 1.82 8.46 -2.68
C SER A 89 1.10 7.63 -3.74
N VAL A 90 -0.10 8.08 -4.10
CA VAL A 90 -0.89 7.40 -5.11
C VAL A 90 -0.82 8.11 -6.45
N VAL A 91 -0.76 7.33 -7.53
CA VAL A 91 -0.68 7.88 -8.88
C VAL A 91 -1.65 7.18 -9.82
N LYS A 92 -2.64 7.93 -10.30
CA LYS A 92 -3.64 7.38 -11.21
C LYS A 92 -3.11 7.34 -12.64
N SER A 93 -2.90 6.13 -13.15
CA SER A 93 -2.39 5.95 -14.50
C SER A 93 -3.39 5.18 -15.36
N GLY A 94 -3.51 5.57 -16.62
CA GLY A 94 -4.43 4.91 -17.52
C GLY A 94 -5.49 5.84 -18.07
N PRO A 95 -5.99 5.53 -19.27
CA PRO A 95 -7.02 6.34 -19.94
C PRO A 95 -8.37 6.25 -19.23
N SER A 96 -9.32 7.06 -19.69
CA SER A 96 -10.66 7.06 -19.10
C SER A 96 -11.34 5.71 -19.27
N SER A 97 -12.33 5.44 -18.43
CA SER A 97 -13.06 4.18 -18.49
C SER A 97 -14.57 4.42 -18.40
N GLY A 98 -15.20 4.59 -19.56
CA GLY A 98 -16.63 4.83 -19.59
C GLY A 98 -17.23 4.57 -20.96
N GLY A 1 0.63 -21.29 12.12
CA GLY A 1 0.84 -20.04 11.42
C GLY A 1 0.98 -18.86 12.36
N SER A 2 2.09 -18.82 13.10
CA SER A 2 2.34 -17.74 14.05
C SER A 2 2.54 -16.41 13.31
N SER A 3 2.55 -15.32 14.08
CA SER A 3 2.73 -14.00 13.51
C SER A 3 4.21 -13.67 13.33
N GLY A 4 4.99 -13.95 14.36
CA GLY A 4 6.42 -13.69 14.30
C GLY A 4 6.84 -12.56 15.22
N SER A 5 6.46 -11.33 14.85
CA SER A 5 6.80 -10.16 15.64
C SER A 5 5.55 -9.38 16.03
N SER A 6 5.38 -9.14 17.33
CA SER A 6 4.23 -8.42 17.84
C SER A 6 4.02 -7.12 17.06
N GLY A 7 2.82 -6.55 17.18
CA GLY A 7 2.52 -5.32 16.48
C GLY A 7 3.63 -4.31 16.57
N LYS A 8 3.57 -3.29 15.71
CA LYS A 8 4.60 -2.24 15.69
C LYS A 8 3.98 -0.88 15.40
N ALA A 9 4.00 0.00 16.40
CA ALA A 9 3.45 1.34 16.25
C ALA A 9 3.72 1.90 14.85
N PHE A 10 4.81 1.45 14.25
CA PHE A 10 5.18 1.90 12.91
C PHE A 10 4.23 1.35 11.87
N LEU A 11 4.08 0.03 11.84
CA LEU A 11 3.19 -0.63 10.88
C LEU A 11 1.73 -0.46 11.29
N GLU A 12 1.41 -0.93 12.50
CA GLU A 12 0.04 -0.84 13.02
C GLU A 12 -0.63 0.44 12.53
N ASP A 13 0.09 1.56 12.64
CA ASP A 13 -0.44 2.85 12.22
C ASP A 13 -0.69 2.87 10.71
N MET A 14 0.38 2.87 9.93
CA MET A 14 0.27 2.88 8.48
C MET A 14 -0.95 2.10 8.02
N LYS A 15 -1.17 0.93 8.62
CA LYS A 15 -2.30 0.08 8.28
C LYS A 15 -3.61 0.88 8.33
N LYS A 16 -4.00 1.30 9.53
CA LYS A 16 -5.22 2.07 9.70
C LYS A 16 -5.29 3.22 8.72
N TYR A 17 -4.30 4.11 8.78
CA TYR A 17 -4.24 5.26 7.89
C TYR A 17 -4.38 4.83 6.43
N ALA A 18 -3.34 4.15 5.92
CA ALA A 18 -3.35 3.69 4.54
C ALA A 18 -4.74 3.21 4.12
N GLU A 19 -5.51 2.74 5.09
CA GLU A 19 -6.86 2.25 4.83
C GLU A 19 -7.83 3.41 4.59
N THR A 20 -8.12 4.16 5.64
CA THR A 20 -9.04 5.29 5.54
C THR A 20 -8.54 6.30 4.51
N PHE A 21 -7.30 6.13 4.07
CA PHE A 21 -6.71 7.02 3.08
C PHE A 21 -6.90 6.47 1.67
N LEU A 22 -6.73 5.17 1.52
CA LEU A 22 -6.88 4.51 0.23
C LEU A 22 -8.30 3.97 0.05
N GLU A 23 -9.14 4.22 1.04
CA GLU A 23 -10.53 3.76 0.99
C GLU A 23 -11.19 4.18 -0.32
N PRO A 24 -11.22 5.49 -0.57
CA PRO A 24 -11.82 6.05 -1.79
C PRO A 24 -11.02 5.72 -3.04
N TRP A 25 -9.85 5.11 -2.84
CA TRP A 25 -8.99 4.74 -3.96
C TRP A 25 -9.05 3.24 -4.21
N PHE A 26 -9.42 2.48 -3.19
CA PHE A 26 -9.51 1.03 -3.31
C PHE A 26 -10.88 0.53 -2.84
N LYS A 27 -11.36 1.10 -1.73
CA LYS A 27 -12.65 0.71 -1.18
C LYS A 27 -13.79 1.31 -1.99
N ALA A 28 -14.81 0.50 -2.26
CA ALA A 28 -15.97 0.96 -3.02
C ALA A 28 -16.38 2.37 -2.62
N PRO A 29 -17.09 3.06 -3.52
CA PRO A 29 -17.43 2.53 -4.84
C PRO A 29 -16.21 2.39 -5.75
N ASN A 30 -15.05 2.82 -5.24
CA ASN A 30 -13.82 2.73 -6.01
C ASN A 30 -13.24 1.32 -5.97
N LYS A 31 -12.53 0.94 -7.03
CA LYS A 31 -11.93 -0.37 -7.12
C LYS A 31 -11.05 -0.50 -8.37
N GLY A 32 -10.17 -1.49 -8.37
CA GLY A 32 -9.29 -1.69 -9.50
C GLY A 32 -7.98 -2.35 -9.11
N THR A 33 -6.95 -2.14 -9.93
CA THR A 33 -5.64 -2.71 -9.66
C THR A 33 -4.66 -1.64 -9.19
N PHE A 34 -3.48 -2.09 -8.74
CA PHE A 34 -2.46 -1.17 -8.25
C PHE A 34 -1.12 -1.88 -8.11
N GLN A 35 -0.08 -1.12 -7.80
CA GLN A 35 1.26 -1.67 -7.64
C GLN A 35 2.01 -0.98 -6.51
N ILE A 36 2.24 -1.70 -5.41
CA ILE A 36 2.94 -1.16 -4.27
C ILE A 36 4.45 -1.25 -4.45
N VAL A 37 5.16 -0.20 -4.04
CA VAL A 37 6.61 -0.17 -4.15
C VAL A 37 7.25 0.47 -2.93
N TYR A 38 8.23 -0.22 -2.34
CA TYR A 38 8.91 0.29 -1.16
C TYR A 38 10.17 1.07 -1.54
N LYS A 39 10.07 2.40 -1.52
CA LYS A 39 11.19 3.25 -1.87
C LYS A 39 11.73 3.96 -0.63
N SER A 40 13.03 3.77 -0.38
CA SER A 40 13.67 4.39 0.79
C SER A 40 15.04 4.94 0.41
N ARG A 41 15.35 6.13 0.91
CA ARG A 41 16.63 6.77 0.62
C ARG A 41 17.35 7.12 1.92
N ASN A 42 16.76 8.02 2.70
CA ASN A 42 17.35 8.44 3.96
C ASN A 42 17.75 7.24 4.81
N ASN A 43 16.76 6.51 5.30
CA ASN A 43 17.01 5.33 6.13
C ASN A 43 15.76 4.47 6.25
N SER A 44 15.96 3.18 6.49
CA SER A 44 14.84 2.25 6.62
C SER A 44 14.86 1.56 7.99
N HIS A 45 15.82 0.66 8.17
CA HIS A 45 15.96 -0.07 9.42
C HIS A 45 14.72 -0.91 9.70
N VAL A 46 14.06 -1.36 8.63
CA VAL A 46 12.86 -2.18 8.75
C VAL A 46 12.56 -2.92 7.46
N ASN A 47 12.21 -4.19 7.58
CA ASN A 47 11.90 -5.02 6.41
C ASN A 47 10.89 -4.31 5.50
N ARG A 48 11.09 -4.45 4.20
CA ARG A 48 10.20 -3.83 3.23
C ARG A 48 9.09 -4.79 2.80
N GLU A 49 9.40 -6.08 2.86
CA GLU A 49 8.43 -7.11 2.48
C GLU A 49 7.18 -7.02 3.34
N GLU A 50 7.38 -6.93 4.66
CA GLU A 50 6.26 -6.83 5.59
C GLU A 50 5.39 -5.62 5.28
N VAL A 51 6.03 -4.48 5.07
CA VAL A 51 5.31 -3.25 4.76
C VAL A 51 4.51 -3.38 3.48
N ILE A 52 5.15 -3.87 2.43
CA ILE A 52 4.49 -4.06 1.14
C ILE A 52 3.39 -5.11 1.23
N ARG A 53 3.78 -6.36 1.35
CA ARG A 53 2.83 -7.46 1.44
C ARG A 53 1.61 -7.05 2.27
N GLU A 54 1.86 -6.49 3.45
CA GLU A 54 0.78 -6.05 4.33
C GLU A 54 -0.11 -5.04 3.63
N LEU A 55 0.46 -3.87 3.33
CA LEU A 55 -0.28 -2.80 2.66
C LEU A 55 -1.26 -3.38 1.64
N ALA A 56 -0.81 -4.41 0.92
CA ALA A 56 -1.64 -5.05 -0.09
C ALA A 56 -2.76 -5.86 0.55
N GLY A 57 -2.40 -6.69 1.53
CA GLY A 57 -3.38 -7.51 2.22
C GLY A 57 -4.57 -6.71 2.69
N ILE A 58 -4.35 -5.44 3.01
CA ILE A 58 -5.42 -4.57 3.47
C ILE A 58 -6.34 -4.17 2.32
N VAL A 59 -5.76 -3.64 1.26
CA VAL A 59 -6.53 -3.21 0.09
C VAL A 59 -7.68 -4.17 -0.18
N CYS A 60 -7.36 -5.45 -0.31
CA CYS A 60 -8.36 -6.48 -0.58
C CYS A 60 -9.47 -6.43 0.48
N THR A 61 -9.10 -6.14 1.72
CA THR A 61 -10.05 -6.07 2.81
C THR A 61 -11.13 -5.02 2.53
N LEU A 62 -10.79 -4.03 1.72
CA LEU A 62 -11.71 -2.96 1.37
C LEU A 62 -12.74 -3.45 0.35
N ASN A 63 -12.27 -3.71 -0.87
CA ASN A 63 -13.14 -4.19 -1.94
C ASN A 63 -12.57 -5.44 -2.59
N SER A 64 -13.34 -6.53 -2.55
CA SER A 64 -12.92 -7.79 -3.12
C SER A 64 -12.53 -7.61 -4.59
N GLU A 65 -13.05 -6.56 -5.21
CA GLU A 65 -12.75 -6.28 -6.61
C GLU A 65 -11.31 -5.82 -6.79
N ASN A 66 -10.74 -5.27 -5.71
CA ASN A 66 -9.37 -4.79 -5.73
C ASN A 66 -8.39 -5.93 -5.98
N LYS A 67 -7.47 -5.74 -6.91
CA LYS A 67 -6.47 -6.75 -7.24
C LYS A 67 -5.13 -6.10 -7.56
N VAL A 68 -4.17 -6.27 -6.64
CA VAL A 68 -2.84 -5.71 -6.83
C VAL A 68 -2.12 -6.36 -8.00
N ASP A 69 -1.79 -5.57 -9.01
CA ASP A 69 -1.10 -6.08 -10.18
C ASP A 69 0.15 -5.25 -10.48
N LEU A 70 1.16 -5.90 -11.05
CA LEU A 70 2.41 -5.23 -11.38
C LEU A 70 2.62 -5.19 -12.89
N THR A 71 1.62 -5.65 -13.64
CA THR A 71 1.71 -5.66 -15.10
C THR A 71 0.87 -4.53 -15.69
N ASN A 72 -0.39 -4.46 -15.29
CA ASN A 72 -1.29 -3.42 -15.78
C ASN A 72 -2.03 -2.73 -14.64
N PRO A 73 -1.25 -2.21 -13.68
CA PRO A 73 -1.81 -1.51 -12.51
C PRO A 73 -2.44 -0.18 -12.87
N GLN A 74 -3.53 0.16 -12.19
CA GLN A 74 -4.23 1.41 -12.44
C GLN A 74 -3.75 2.51 -11.51
N TYR A 75 -3.52 2.15 -10.26
CA TYR A 75 -3.05 3.11 -9.25
C TYR A 75 -1.74 2.65 -8.63
N THR A 76 -0.73 3.50 -8.69
CA THR A 76 0.58 3.18 -8.13
C THR A 76 0.72 3.75 -6.72
N VAL A 77 0.74 2.86 -5.73
CA VAL A 77 0.87 3.28 -4.33
C VAL A 77 2.30 3.08 -3.85
N VAL A 78 3.06 4.18 -3.81
CA VAL A 78 4.45 4.12 -3.35
C VAL A 78 4.56 4.52 -1.88
N VAL A 79 5.42 3.82 -1.15
CA VAL A 79 5.62 4.10 0.26
C VAL A 79 7.04 4.61 0.52
N GLU A 80 7.18 5.91 0.70
CA GLU A 80 8.47 6.53 0.96
C GLU A 80 8.70 6.72 2.46
N ILE A 81 9.95 6.65 2.87
CA ILE A 81 10.31 6.81 4.28
C ILE A 81 10.91 8.19 4.54
N ILE A 82 10.10 9.09 5.09
CA ILE A 82 10.56 10.44 5.38
C ILE A 82 10.38 10.76 6.86
N LYS A 83 11.46 11.22 7.49
CA LYS A 83 11.43 11.58 8.91
C LYS A 83 11.00 10.38 9.75
N ALA A 84 11.42 9.18 9.34
CA ALA A 84 11.09 7.96 10.06
C ALA A 84 9.58 7.73 10.10
N VAL A 85 8.89 8.27 9.10
CA VAL A 85 7.44 8.13 9.02
C VAL A 85 7.02 7.57 7.67
N CYS A 86 6.00 6.70 7.68
CA CYS A 86 5.50 6.09 6.45
C CYS A 86 4.73 7.11 5.61
N CYS A 87 5.24 7.40 4.42
CA CYS A 87 4.61 8.35 3.53
C CYS A 87 4.06 7.66 2.28
N LEU A 88 2.74 7.52 2.22
CA LEU A 88 2.09 6.86 1.09
C LEU A 88 1.73 7.89 0.01
N SER A 89 2.19 7.64 -1.21
CA SER A 89 1.91 8.53 -2.33
C SER A 89 1.18 7.79 -3.45
N VAL A 90 0.01 8.29 -3.81
CA VAL A 90 -0.79 7.68 -4.86
C VAL A 90 -0.53 8.35 -6.21
N VAL A 91 -0.36 7.54 -7.25
CA VAL A 91 -0.11 8.05 -8.59
C VAL A 91 -0.96 7.34 -9.63
N LYS A 92 -1.91 8.05 -10.22
CA LYS A 92 -2.79 7.48 -11.22
C LYS A 92 -2.13 7.49 -12.60
N SER A 93 -1.83 6.31 -13.11
CA SER A 93 -1.18 6.18 -14.42
C SER A 93 -1.90 5.14 -15.28
N GLY A 94 -2.24 5.54 -16.51
CA GLY A 94 -2.94 4.64 -17.41
C GLY A 94 -3.29 5.31 -18.72
N PRO A 95 -2.38 5.24 -19.70
CA PRO A 95 -2.58 5.83 -21.02
C PRO A 95 -3.65 5.10 -21.83
N SER A 96 -4.79 5.76 -22.04
CA SER A 96 -5.89 5.16 -22.79
C SER A 96 -5.37 4.36 -23.98
N SER A 97 -4.69 5.04 -24.89
CA SER A 97 -4.13 4.39 -26.08
C SER A 97 -3.09 5.27 -26.75
N GLY A 98 -2.25 4.67 -27.59
CA GLY A 98 -1.22 5.42 -28.28
C GLY A 98 -1.79 6.45 -29.22
N GLY A 1 6.47 -15.28 15.27
CA GLY A 1 6.32 -14.38 14.14
C GLY A 1 5.76 -13.02 14.53
N SER A 2 4.58 -12.70 14.03
CA SER A 2 3.95 -11.42 14.33
C SER A 2 2.46 -11.59 14.56
N SER A 3 1.96 -10.99 15.64
CA SER A 3 0.53 -11.08 15.98
C SER A 3 -0.30 -10.25 15.01
N GLY A 4 0.16 -9.02 14.74
CA GLY A 4 -0.57 -8.15 13.84
C GLY A 4 -0.89 -6.81 14.47
N SER A 5 -1.85 -6.81 15.39
CA SER A 5 -2.26 -5.58 16.07
C SER A 5 -1.21 -5.15 17.09
N SER A 6 -0.99 -6.00 18.10
CA SER A 6 -0.02 -5.70 19.14
C SER A 6 1.39 -6.12 18.71
N GLY A 7 1.73 -5.83 17.46
CA GLY A 7 3.04 -6.18 16.96
C GLY A 7 3.97 -4.98 16.85
N LYS A 8 4.12 -4.46 15.64
CA LYS A 8 4.98 -3.31 15.41
C LYS A 8 4.15 -2.04 15.16
N ALA A 9 3.94 -1.27 16.21
CA ALA A 9 3.17 -0.03 16.11
C ALA A 9 3.47 0.69 14.80
N PHE A 10 4.75 0.84 14.50
CA PHE A 10 5.17 1.52 13.28
C PHE A 10 4.24 1.19 12.12
N LEU A 11 3.88 -0.08 12.01
CA LEU A 11 2.98 -0.53 10.94
C LEU A 11 1.53 -0.20 11.27
N GLU A 12 1.08 -0.64 12.45
CA GLU A 12 -0.28 -0.38 12.88
C GLU A 12 -0.77 0.98 12.39
N ASP A 13 -0.14 2.03 12.87
CA ASP A 13 -0.51 3.40 12.47
C ASP A 13 -0.67 3.49 10.95
N MET A 14 0.31 2.98 10.22
CA MET A 14 0.26 3.01 8.77
C MET A 14 -0.97 2.28 8.24
N LYS A 15 -1.17 1.05 8.70
CA LYS A 15 -2.32 0.25 8.28
C LYS A 15 -3.62 1.03 8.49
N LYS A 16 -3.79 1.57 9.69
CA LYS A 16 -4.99 2.32 10.03
C LYS A 16 -5.20 3.48 9.04
N TYR A 17 -4.13 4.22 8.78
CA TYR A 17 -4.20 5.35 7.86
C TYR A 17 -4.34 4.87 6.43
N ALA A 18 -3.28 4.26 5.90
CA ALA A 18 -3.29 3.75 4.53
C ALA A 18 -4.68 3.24 4.14
N GLU A 19 -5.38 2.65 5.11
CA GLU A 19 -6.71 2.12 4.86
C GLU A 19 -7.72 3.25 4.67
N THR A 20 -8.03 3.96 5.76
CA THR A 20 -8.98 5.06 5.71
C THR A 20 -8.54 6.12 4.70
N PHE A 21 -7.30 6.01 4.24
CA PHE A 21 -6.76 6.96 3.27
C PHE A 21 -6.95 6.45 1.84
N LEU A 22 -6.68 5.17 1.63
CA LEU A 22 -6.82 4.56 0.32
C LEU A 22 -8.23 4.03 0.11
N GLU A 23 -9.07 4.17 1.14
CA GLU A 23 -10.44 3.70 1.07
C GLU A 23 -11.10 4.12 -0.24
N PRO A 24 -11.10 5.44 -0.51
CA PRO A 24 -11.68 5.99 -1.73
C PRO A 24 -10.87 5.64 -2.98
N TRP A 25 -9.71 5.03 -2.76
CA TRP A 25 -8.85 4.64 -3.88
C TRP A 25 -8.92 3.15 -4.12
N PHE A 26 -9.32 2.39 -3.10
CA PHE A 26 -9.43 0.95 -3.22
C PHE A 26 -10.80 0.47 -2.75
N LYS A 27 -11.28 1.04 -1.65
CA LYS A 27 -12.59 0.67 -1.09
C LYS A 27 -13.72 1.30 -1.91
N ALA A 28 -14.73 0.51 -2.21
CA ALA A 28 -15.87 0.99 -2.97
C ALA A 28 -16.30 2.38 -2.52
N PRO A 29 -17.00 3.10 -3.40
CA PRO A 29 -17.35 2.60 -4.74
C PRO A 29 -16.14 2.48 -5.65
N ASN A 30 -14.98 2.88 -5.14
CA ASN A 30 -13.75 2.83 -5.91
C ASN A 30 -13.15 1.42 -5.88
N LYS A 31 -12.44 1.06 -6.95
CA LYS A 31 -11.82 -0.26 -7.03
C LYS A 31 -10.91 -0.34 -8.25
N GLY A 32 -10.16 -1.43 -8.36
CA GLY A 32 -9.25 -1.62 -9.48
C GLY A 32 -7.95 -2.26 -9.08
N THR A 33 -6.93 -2.08 -9.91
CA THR A 33 -5.61 -2.65 -9.64
C THR A 33 -4.64 -1.58 -9.16
N PHE A 34 -3.48 -2.01 -8.69
CA PHE A 34 -2.45 -1.10 -8.20
C PHE A 34 -1.10 -1.80 -8.07
N GLN A 35 -0.06 -1.01 -7.79
CA GLN A 35 1.28 -1.56 -7.63
C GLN A 35 2.01 -0.91 -6.46
N ILE A 36 2.30 -1.70 -5.43
CA ILE A 36 2.99 -1.20 -4.25
C ILE A 36 4.51 -1.24 -4.44
N VAL A 37 5.19 -0.22 -3.92
CA VAL A 37 6.64 -0.15 -4.03
C VAL A 37 7.25 0.47 -2.77
N TYR A 38 8.25 -0.21 -2.21
CA TYR A 38 8.92 0.28 -1.01
C TYR A 38 10.15 1.11 -1.37
N LYS A 39 10.08 2.41 -1.08
CA LYS A 39 11.17 3.32 -1.36
C LYS A 39 11.78 3.87 -0.07
N SER A 40 13.06 3.59 0.14
CA SER A 40 13.75 4.05 1.34
C SER A 40 14.95 4.92 0.97
N ARG A 41 15.09 6.06 1.66
CA ARG A 41 16.19 6.97 1.40
C ARG A 41 17.13 7.05 2.60
N ASN A 42 16.55 7.15 3.79
CA ASN A 42 17.33 7.23 5.02
C ASN A 42 17.97 5.88 5.34
N ASN A 43 17.13 4.87 5.57
CA ASN A 43 17.61 3.53 5.88
C ASN A 43 16.46 2.52 5.85
N SER A 44 16.75 1.33 5.34
CA SER A 44 15.74 0.28 5.25
C SER A 44 15.90 -0.72 6.39
N HIS A 45 15.36 -0.36 7.55
CA HIS A 45 15.44 -1.22 8.73
C HIS A 45 14.28 -2.23 8.73
N VAL A 46 13.06 -1.73 8.61
CA VAL A 46 11.88 -2.57 8.61
C VAL A 46 11.79 -3.39 7.32
N ASN A 47 11.56 -4.69 7.46
CA ASN A 47 11.45 -5.57 6.31
C ASN A 47 10.39 -5.07 5.33
N ARG A 48 10.86 -4.48 4.23
CA ARG A 48 9.95 -3.95 3.21
C ARG A 48 8.82 -4.93 2.93
N GLU A 49 9.16 -6.20 2.79
CA GLU A 49 8.16 -7.23 2.52
C GLU A 49 6.93 -7.04 3.40
N GLU A 50 7.15 -6.96 4.72
CA GLU A 50 6.07 -6.79 5.67
C GLU A 50 5.19 -5.60 5.28
N VAL A 51 5.83 -4.49 4.91
CA VAL A 51 5.12 -3.29 4.51
C VAL A 51 4.35 -3.51 3.21
N ILE A 52 5.07 -3.81 2.14
CA ILE A 52 4.45 -4.04 0.83
C ILE A 52 3.40 -5.12 0.93
N ARG A 53 3.81 -6.33 1.30
CA ARG A 53 2.90 -7.45 1.41
C ARG A 53 1.63 -7.05 2.18
N GLU A 54 1.82 -6.59 3.41
CA GLU A 54 0.69 -6.17 4.24
C GLU A 54 -0.17 -5.15 3.51
N LEU A 55 0.40 -3.99 3.22
CA LEU A 55 -0.32 -2.93 2.51
C LEU A 55 -1.30 -3.50 1.51
N ALA A 56 -0.87 -4.56 0.82
CA ALA A 56 -1.72 -5.22 -0.17
C ALA A 56 -2.86 -5.99 0.50
N GLY A 57 -2.51 -6.82 1.46
CA GLY A 57 -3.51 -7.59 2.17
C GLY A 57 -4.67 -6.76 2.64
N ILE A 58 -4.41 -5.49 2.94
CA ILE A 58 -5.44 -4.58 3.41
C ILE A 58 -6.33 -4.11 2.25
N VAL A 59 -5.70 -3.66 1.17
CA VAL A 59 -6.43 -3.19 0.01
C VAL A 59 -7.56 -4.15 -0.36
N CYS A 60 -7.23 -5.43 -0.47
CA CYS A 60 -8.22 -6.44 -0.80
C CYS A 60 -9.34 -6.49 0.23
N THR A 61 -8.99 -6.24 1.49
CA THR A 61 -9.96 -6.25 2.58
C THR A 61 -11.05 -5.21 2.34
N LEU A 62 -10.70 -4.12 1.67
CA LEU A 62 -11.66 -3.06 1.38
C LEU A 62 -12.69 -3.52 0.37
N ASN A 63 -12.24 -3.74 -0.86
CA ASN A 63 -13.13 -4.18 -1.94
C ASN A 63 -12.58 -5.43 -2.63
N SER A 64 -13.34 -6.52 -2.58
CA SER A 64 -12.92 -7.77 -3.20
C SER A 64 -12.57 -7.56 -4.67
N GLU A 65 -13.11 -6.50 -5.25
CA GLU A 65 -12.86 -6.20 -6.66
C GLU A 65 -11.41 -5.74 -6.85
N ASN A 66 -10.81 -5.21 -5.80
CA ASN A 66 -9.44 -4.73 -5.85
C ASN A 66 -8.48 -5.90 -6.10
N LYS A 67 -7.50 -5.67 -6.99
CA LYS A 67 -6.52 -6.69 -7.30
C LYS A 67 -5.17 -6.06 -7.64
N VAL A 68 -4.21 -6.18 -6.72
CA VAL A 68 -2.89 -5.62 -6.92
C VAL A 68 -2.19 -6.27 -8.11
N ASP A 69 -1.83 -5.44 -9.09
CA ASP A 69 -1.16 -5.92 -10.29
C ASP A 69 0.11 -5.12 -10.56
N LEU A 70 1.12 -5.79 -11.11
CA LEU A 70 2.39 -5.14 -11.42
C LEU A 70 2.56 -4.99 -12.93
N THR A 71 1.54 -5.37 -13.69
CA THR A 71 1.58 -5.27 -15.15
C THR A 71 0.72 -4.12 -15.64
N ASN A 72 -0.55 -4.11 -15.26
CA ASN A 72 -1.48 -3.07 -15.67
C ASN A 72 -2.15 -2.43 -14.47
N PRO A 73 -1.34 -1.91 -13.54
CA PRO A 73 -1.83 -1.26 -12.32
C PRO A 73 -2.51 0.08 -12.61
N GLN A 74 -3.64 0.30 -11.95
CA GLN A 74 -4.40 1.54 -12.14
C GLN A 74 -3.95 2.60 -11.14
N TYR A 75 -3.41 2.15 -10.01
CA TYR A 75 -2.95 3.06 -8.98
C TYR A 75 -1.60 2.62 -8.42
N THR A 76 -0.64 3.55 -8.39
CA THR A 76 0.69 3.24 -7.88
C THR A 76 0.87 3.77 -6.46
N VAL A 77 0.80 2.85 -5.49
CA VAL A 77 0.94 3.21 -4.09
C VAL A 77 2.38 2.99 -3.62
N VAL A 78 3.15 4.07 -3.55
CA VAL A 78 4.53 4.00 -3.11
C VAL A 78 4.69 4.49 -1.67
N VAL A 79 5.63 3.89 -0.94
CA VAL A 79 5.88 4.27 0.45
C VAL A 79 7.30 4.78 0.63
N GLU A 80 7.43 6.11 0.71
CA GLU A 80 8.74 6.73 0.89
C GLU A 80 9.03 6.96 2.37
N ILE A 81 10.29 6.79 2.75
CA ILE A 81 10.70 6.99 4.14
C ILE A 81 11.53 8.26 4.29
N ILE A 82 10.96 9.27 4.93
CA ILE A 82 11.64 10.54 5.14
C ILE A 82 11.70 10.88 6.63
N LYS A 83 12.84 10.58 7.25
CA LYS A 83 13.03 10.86 8.67
C LYS A 83 12.11 10.00 9.52
N ALA A 84 12.08 8.70 9.22
CA ALA A 84 11.25 7.77 9.97
C ALA A 84 9.77 8.11 9.82
N VAL A 85 9.35 8.41 8.60
CA VAL A 85 7.96 8.76 8.33
C VAL A 85 7.44 8.03 7.10
N CYS A 86 6.20 7.55 7.19
CA CYS A 86 5.58 6.82 6.08
C CYS A 86 4.88 7.79 5.13
N CYS A 87 5.42 7.89 3.92
CA CYS A 87 4.85 8.79 2.90
C CYS A 87 4.18 7.99 1.79
N LEU A 88 2.86 7.88 1.86
CA LEU A 88 2.10 7.13 0.85
C LEU A 88 1.69 8.05 -0.31
N SER A 89 2.16 7.71 -1.50
CA SER A 89 1.84 8.51 -2.69
C SER A 89 1.09 7.66 -3.71
N VAL A 90 -0.13 8.08 -4.03
CA VAL A 90 -0.95 7.37 -5.00
C VAL A 90 -1.01 8.11 -6.33
N VAL A 91 -0.61 7.42 -7.40
CA VAL A 91 -0.60 8.01 -8.73
C VAL A 91 -1.46 7.19 -9.69
N LYS A 92 -2.29 7.88 -10.46
CA LYS A 92 -3.16 7.22 -11.43
C LYS A 92 -2.55 7.25 -12.82
N SER A 93 -2.12 6.09 -13.31
CA SER A 93 -1.51 5.98 -14.63
C SER A 93 -2.30 5.01 -15.51
N GLY A 94 -3.21 4.26 -14.90
CA GLY A 94 -4.00 3.31 -15.64
C GLY A 94 -4.79 3.95 -16.77
N PRO A 95 -5.66 4.90 -16.42
CA PRO A 95 -6.48 5.62 -17.39
C PRO A 95 -5.66 6.56 -18.26
N SER A 96 -4.35 6.55 -18.06
CA SER A 96 -3.45 7.41 -18.83
C SER A 96 -3.96 7.58 -20.26
N SER A 97 -4.20 6.46 -20.93
CA SER A 97 -4.69 6.49 -22.31
C SER A 97 -5.41 5.19 -22.65
N GLY A 98 -6.70 5.28 -22.94
CA GLY A 98 -7.48 4.11 -23.28
C GLY A 98 -8.72 3.97 -22.43
N GLY A 1 11.53 -16.21 3.53
CA GLY A 1 11.22 -16.39 4.93
C GLY A 1 12.19 -15.66 5.84
N SER A 2 11.84 -14.43 6.21
CA SER A 2 12.70 -13.62 7.07
C SER A 2 12.20 -13.67 8.52
N SER A 3 12.89 -14.45 9.34
CA SER A 3 12.51 -14.59 10.75
C SER A 3 12.18 -13.23 11.36
N GLY A 4 11.09 -13.18 12.12
CA GLY A 4 10.67 -11.94 12.75
C GLY A 4 9.41 -12.10 13.57
N SER A 5 8.65 -11.01 13.67
CA SER A 5 7.40 -11.04 14.43
C SER A 5 6.47 -9.93 13.96
N SER A 6 5.16 -10.16 14.14
CA SER A 6 4.16 -9.17 13.73
C SER A 6 3.85 -8.20 14.86
N GLY A 7 3.43 -6.99 14.50
CA GLY A 7 3.11 -5.99 15.49
C GLY A 7 4.20 -4.94 15.62
N LYS A 8 3.93 -3.74 15.10
CA LYS A 8 4.90 -2.65 15.16
C LYS A 8 4.19 -1.30 15.09
N ALA A 9 4.30 -0.51 16.15
CA ALA A 9 3.67 0.81 16.20
C ALA A 9 3.81 1.53 14.87
N PHE A 10 4.96 1.35 14.22
CA PHE A 10 5.22 1.98 12.93
C PHE A 10 4.26 1.46 11.86
N LEU A 11 4.07 0.14 11.85
CA LEU A 11 3.18 -0.49 10.88
C LEU A 11 1.71 -0.30 11.27
N GLU A 12 1.35 -0.82 12.44
CA GLU A 12 -0.01 -0.71 12.92
C GLU A 12 -0.61 0.65 12.57
N ASP A 13 0.23 1.68 12.57
CA ASP A 13 -0.20 3.03 12.25
C ASP A 13 -0.59 3.14 10.78
N MET A 14 0.36 2.87 9.90
CA MET A 14 0.12 2.93 8.46
C MET A 14 -1.12 2.13 8.08
N LYS A 15 -1.18 0.88 8.55
CA LYS A 15 -2.30 0.02 8.26
C LYS A 15 -3.63 0.77 8.40
N LYS A 16 -3.82 1.40 9.55
CA LYS A 16 -5.04 2.16 9.81
C LYS A 16 -5.21 3.28 8.79
N TYR A 17 -4.26 4.20 8.77
CA TYR A 17 -4.30 5.32 7.84
C TYR A 17 -4.46 4.84 6.41
N ALA A 18 -3.42 4.19 5.89
CA ALA A 18 -3.44 3.68 4.52
C ALA A 18 -4.83 3.17 4.16
N GLU A 19 -5.53 2.62 5.14
CA GLU A 19 -6.88 2.09 4.91
C GLU A 19 -7.88 3.22 4.70
N THR A 20 -8.18 3.95 5.77
CA THR A 20 -9.12 5.06 5.70
C THR A 20 -8.66 6.11 4.70
N PHE A 21 -7.41 5.99 4.24
CA PHE A 21 -6.85 6.94 3.29
C PHE A 21 -7.04 6.43 1.86
N LEU A 22 -6.79 5.15 1.65
CA LEU A 22 -6.93 4.55 0.33
C LEU A 22 -8.35 4.03 0.12
N GLU A 23 -9.18 4.15 1.15
CA GLU A 23 -10.57 3.71 1.06
C GLU A 23 -11.21 4.14 -0.25
N PRO A 24 -11.22 5.46 -0.48
CA PRO A 24 -11.80 6.04 -1.70
C PRO A 24 -10.97 5.73 -2.94
N TRP A 25 -9.81 5.13 -2.74
CA TRP A 25 -8.92 4.77 -3.83
C TRP A 25 -8.96 3.27 -4.11
N PHE A 26 -9.42 2.51 -3.12
CA PHE A 26 -9.50 1.05 -3.25
C PHE A 26 -10.87 0.55 -2.80
N LYS A 27 -11.35 1.09 -1.70
CA LYS A 27 -12.64 0.69 -1.16
C LYS A 27 -13.79 1.31 -1.97
N ALA A 28 -14.80 0.50 -2.27
CA ALA A 28 -15.95 0.96 -3.03
C ALA A 28 -16.38 2.35 -2.59
N PRO A 29 -17.07 3.08 -3.48
CA PRO A 29 -17.40 2.58 -4.82
C PRO A 29 -16.18 2.46 -5.71
N ASN A 30 -15.03 2.86 -5.19
CA ASN A 30 -13.78 2.80 -5.94
C ASN A 30 -13.19 1.40 -5.92
N LYS A 31 -12.50 1.03 -6.98
CA LYS A 31 -11.88 -0.29 -7.08
C LYS A 31 -11.02 -0.40 -8.33
N GLY A 32 -10.14 -1.39 -8.36
CA GLY A 32 -9.28 -1.59 -9.52
C GLY A 32 -7.96 -2.24 -9.15
N THR A 33 -6.95 -2.03 -9.99
CA THR A 33 -5.63 -2.59 -9.74
C THR A 33 -4.65 -1.54 -9.24
N PHE A 34 -3.48 -1.98 -8.80
CA PHE A 34 -2.46 -1.07 -8.29
C PHE A 34 -1.12 -1.78 -8.15
N GLN A 35 -0.06 -1.00 -7.95
CA GLN A 35 1.28 -1.55 -7.79
C GLN A 35 2.02 -0.90 -6.63
N ILE A 36 2.28 -1.67 -5.59
CA ILE A 36 2.98 -1.17 -4.41
C ILE A 36 4.49 -1.20 -4.61
N VAL A 37 5.18 -0.22 -4.04
CA VAL A 37 6.63 -0.14 -4.15
C VAL A 37 7.24 0.47 -2.90
N TYR A 38 8.18 -0.24 -2.29
CA TYR A 38 8.85 0.22 -1.09
C TYR A 38 10.15 0.94 -1.42
N LYS A 39 10.13 2.26 -1.35
CA LYS A 39 11.31 3.07 -1.65
C LYS A 39 11.81 3.79 -0.40
N SER A 40 13.09 3.66 -0.12
CA SER A 40 13.69 4.29 1.05
C SER A 40 15.07 4.86 0.71
N ARG A 41 15.56 5.74 1.58
CA ARG A 41 16.87 6.35 1.38
C ARG A 41 17.95 5.61 2.18
N ASN A 42 17.63 5.30 3.43
CA ASN A 42 18.57 4.60 4.31
C ASN A 42 18.63 3.11 3.96
N ASN A 43 19.48 2.38 4.66
CA ASN A 43 19.63 0.95 4.43
C ASN A 43 18.96 0.15 5.54
N SER A 44 19.44 0.32 6.77
CA SER A 44 18.89 -0.39 7.91
C SER A 44 17.70 0.37 8.49
N HIS A 45 16.50 -0.13 8.21
CA HIS A 45 15.27 0.49 8.70
C HIS A 45 14.13 -0.53 8.79
N VAL A 46 12.97 -0.07 9.23
CA VAL A 46 11.80 -0.94 9.36
C VAL A 46 11.75 -1.96 8.22
N ASN A 47 11.17 -3.11 8.50
CA ASN A 47 11.05 -4.17 7.50
C ASN A 47 10.65 -3.59 6.15
N ARG A 48 10.84 -4.39 5.10
CA ARG A 48 10.50 -3.96 3.75
C ARG A 48 9.24 -4.66 3.25
N GLU A 49 9.32 -5.98 3.12
CA GLU A 49 8.19 -6.77 2.66
C GLU A 49 6.96 -6.54 3.55
N GLU A 50 7.11 -6.83 4.83
CA GLU A 50 6.02 -6.66 5.78
C GLU A 50 5.17 -5.44 5.43
N VAL A 51 5.85 -4.36 5.03
CA VAL A 51 5.16 -3.13 4.67
C VAL A 51 4.36 -3.30 3.38
N ILE A 52 5.04 -3.76 2.33
CA ILE A 52 4.38 -3.99 1.04
C ILE A 52 3.33 -5.07 1.14
N ARG A 53 3.76 -6.29 1.45
CA ARG A 53 2.85 -7.42 1.57
C ARG A 53 1.57 -7.01 2.32
N GLU A 54 1.73 -6.49 3.52
CA GLU A 54 0.59 -6.07 4.33
C GLU A 54 -0.24 -5.03 3.58
N LEU A 55 0.38 -3.91 3.24
CA LEU A 55 -0.31 -2.84 2.52
C LEU A 55 -1.29 -3.41 1.51
N ALA A 56 -0.88 -4.47 0.82
CA ALA A 56 -1.72 -5.11 -0.19
C ALA A 56 -2.82 -5.92 0.47
N GLY A 57 -2.45 -6.76 1.44
CA GLY A 57 -3.42 -7.59 2.13
C GLY A 57 -4.60 -6.78 2.64
N ILE A 58 -4.37 -5.50 2.94
CA ILE A 58 -5.42 -4.62 3.43
C ILE A 58 -6.34 -4.17 2.31
N VAL A 59 -5.73 -3.73 1.20
CA VAL A 59 -6.49 -3.26 0.05
C VAL A 59 -7.65 -4.20 -0.26
N CYS A 60 -7.34 -5.48 -0.43
CA CYS A 60 -8.36 -6.48 -0.72
C CYS A 60 -9.46 -6.46 0.31
N THR A 61 -9.08 -6.29 1.58
CA THR A 61 -10.05 -6.25 2.68
C THR A 61 -11.14 -5.22 2.41
N LEU A 62 -10.77 -4.13 1.74
CA LEU A 62 -11.73 -3.08 1.42
C LEU A 62 -12.72 -3.55 0.36
N ASN A 63 -12.23 -3.74 -0.86
CA ASN A 63 -13.07 -4.18 -1.97
C ASN A 63 -12.49 -5.44 -2.62
N SER A 64 -13.27 -6.51 -2.61
CA SER A 64 -12.84 -7.77 -3.20
C SER A 64 -12.44 -7.58 -4.67
N GLU A 65 -12.97 -6.53 -5.28
CA GLU A 65 -12.69 -6.24 -6.67
C GLU A 65 -11.25 -5.75 -6.84
N ASN A 66 -10.69 -5.19 -5.77
CA ASN A 66 -9.32 -4.68 -5.80
C ASN A 66 -8.33 -5.82 -5.99
N LYS A 67 -7.43 -5.64 -6.95
CA LYS A 67 -6.41 -6.65 -7.24
C LYS A 67 -5.08 -6.00 -7.62
N VAL A 68 -4.10 -6.12 -6.73
CA VAL A 68 -2.78 -5.55 -6.97
C VAL A 68 -2.10 -6.20 -8.17
N ASP A 69 -1.85 -5.39 -9.21
CA ASP A 69 -1.21 -5.89 -10.42
C ASP A 69 0.09 -5.14 -10.69
N LEU A 70 1.07 -5.83 -11.26
CA LEU A 70 2.35 -5.22 -11.57
C LEU A 70 2.56 -5.15 -13.08
N THR A 71 1.54 -5.53 -13.84
CA THR A 71 1.62 -5.52 -15.30
C THR A 71 0.79 -4.37 -15.87
N ASN A 72 -0.48 -4.31 -15.46
CA ASN A 72 -1.38 -3.26 -15.93
C ASN A 72 -2.05 -2.55 -14.76
N PRO A 73 -1.23 -2.04 -13.84
CA PRO A 73 -1.72 -1.32 -12.65
C PRO A 73 -2.33 0.03 -13.00
N GLN A 74 -3.38 0.41 -12.28
CA GLN A 74 -4.05 1.68 -12.52
C GLN A 74 -3.60 2.73 -11.50
N TYR A 75 -3.36 2.29 -10.27
CA TYR A 75 -2.92 3.20 -9.21
C TYR A 75 -1.62 2.72 -8.58
N THR A 76 -0.62 3.59 -8.58
CA THR A 76 0.68 3.26 -8.01
C THR A 76 0.82 3.78 -6.59
N VAL A 77 0.84 2.86 -5.63
CA VAL A 77 0.97 3.24 -4.22
C VAL A 77 2.38 2.99 -3.71
N VAL A 78 3.17 4.06 -3.63
CA VAL A 78 4.55 3.95 -3.16
C VAL A 78 4.66 4.41 -1.71
N VAL A 79 5.59 3.81 -0.97
CA VAL A 79 5.80 4.15 0.43
C VAL A 79 7.22 4.67 0.66
N GLU A 80 7.35 5.99 0.77
CA GLU A 80 8.64 6.61 0.98
C GLU A 80 8.91 6.83 2.47
N ILE A 81 10.15 6.67 2.88
CA ILE A 81 10.53 6.86 4.28
C ILE A 81 11.11 8.25 4.52
N ILE A 82 10.28 9.14 5.05
CA ILE A 82 10.70 10.50 5.33
C ILE A 82 10.49 10.86 6.80
N LYS A 83 11.55 11.35 7.44
CA LYS A 83 11.49 11.73 8.84
C LYS A 83 10.99 10.57 9.69
N ALA A 84 11.35 9.35 9.29
CA ALA A 84 10.95 8.15 10.02
C ALA A 84 9.42 8.01 10.04
N VAL A 85 8.80 8.31 8.90
CA VAL A 85 7.34 8.21 8.80
C VAL A 85 6.93 7.70 7.42
N CYS A 86 6.06 6.70 7.40
CA CYS A 86 5.58 6.12 6.15
C CYS A 86 4.92 7.17 5.28
N CYS A 87 5.37 7.28 4.04
CA CYS A 87 4.82 8.25 3.10
C CYS A 87 4.15 7.56 1.92
N LEU A 88 2.83 7.48 1.96
CA LEU A 88 2.07 6.83 0.89
C LEU A 88 1.75 7.82 -0.22
N SER A 89 2.24 7.52 -1.42
CA SER A 89 2.01 8.39 -2.57
C SER A 89 1.19 7.67 -3.64
N VAL A 90 0.04 8.25 -3.99
CA VAL A 90 -0.85 7.67 -4.98
C VAL A 90 -0.70 8.39 -6.32
N VAL A 91 -0.55 7.62 -7.39
CA VAL A 91 -0.41 8.17 -8.73
C VAL A 91 -1.26 7.41 -9.74
N LYS A 92 -2.16 8.12 -10.40
CA LYS A 92 -3.04 7.51 -11.40
C LYS A 92 -2.40 7.53 -12.78
N SER A 93 -2.14 6.34 -13.32
CA SER A 93 -1.52 6.21 -14.64
C SER A 93 -2.36 5.34 -15.55
N GLY A 94 -2.81 5.90 -16.67
CA GLY A 94 -3.63 5.15 -17.61
C GLY A 94 -2.80 4.51 -18.71
N PRO A 95 -3.25 3.35 -19.19
CA PRO A 95 -2.55 2.61 -20.25
C PRO A 95 -2.63 3.32 -21.60
N SER A 96 -1.93 2.77 -22.59
CA SER A 96 -1.92 3.35 -23.93
C SER A 96 -2.78 2.54 -24.88
N SER A 97 -4.06 2.91 -24.97
CA SER A 97 -5.00 2.21 -25.84
C SER A 97 -5.74 3.20 -26.74
N GLY A 98 -5.20 3.40 -27.94
CA GLY A 98 -5.83 4.31 -28.89
C GLY A 98 -5.92 3.73 -30.29
N GLY A 1 -3.94 -19.98 1.11
CA GLY A 1 -4.06 -20.45 2.47
C GLY A 1 -4.30 -19.33 3.47
N SER A 2 -3.68 -19.45 4.64
CA SER A 2 -3.83 -18.44 5.69
C SER A 2 -2.51 -17.72 5.93
N SER A 3 -2.58 -16.51 6.49
CA SER A 3 -1.40 -15.72 6.78
C SER A 3 -0.98 -15.88 8.24
N GLY A 4 0.14 -15.27 8.60
CA GLY A 4 0.63 -15.34 9.96
C GLY A 4 0.17 -14.18 10.82
N SER A 5 0.54 -14.20 12.09
CA SER A 5 0.16 -13.15 13.01
C SER A 5 0.80 -11.81 12.62
N SER A 6 0.22 -10.72 13.09
CA SER A 6 0.74 -9.39 12.79
C SER A 6 0.45 -8.42 13.94
N GLY A 7 1.23 -7.34 13.99
CA GLY A 7 1.05 -6.36 15.04
C GLY A 7 2.31 -5.57 15.32
N LYS A 8 2.26 -4.26 15.05
CA LYS A 8 3.42 -3.39 15.27
C LYS A 8 3.00 -1.93 15.27
N ALA A 9 3.09 -1.28 16.43
CA ALA A 9 2.72 0.12 16.55
C ALA A 9 3.14 0.91 15.31
N PHE A 10 4.26 0.52 14.72
CA PHE A 10 4.76 1.20 13.53
C PHE A 10 3.88 0.90 12.32
N LEU A 11 3.72 -0.38 12.02
CA LEU A 11 2.89 -0.80 10.89
C LEU A 11 1.43 -0.40 11.09
N GLU A 12 0.88 -0.77 12.24
CA GLU A 12 -0.51 -0.44 12.56
C GLU A 12 -0.81 1.01 12.24
N ASP A 13 0.04 1.91 12.73
CA ASP A 13 -0.14 3.34 12.50
C ASP A 13 -0.10 3.65 11.00
N MET A 14 0.55 2.78 10.23
CA MET A 14 0.65 2.96 8.79
C MET A 14 -0.60 2.44 8.09
N LYS A 15 -0.87 1.16 8.26
CA LYS A 15 -2.04 0.53 7.65
C LYS A 15 -3.32 1.26 8.02
N LYS A 16 -3.45 1.60 9.30
CA LYS A 16 -4.62 2.31 9.80
C LYS A 16 -4.87 3.57 8.98
N TYR A 17 -3.80 4.21 8.52
CA TYR A 17 -3.91 5.42 7.73
C TYR A 17 -4.20 5.10 6.27
N ALA A 18 -3.31 4.30 5.66
CA ALA A 18 -3.47 3.91 4.27
C ALA A 18 -4.88 3.38 4.00
N GLU A 19 -5.47 2.76 5.01
CA GLU A 19 -6.82 2.20 4.89
C GLU A 19 -7.84 3.30 4.61
N THR A 20 -8.11 4.13 5.62
CA THR A 20 -9.07 5.21 5.49
C THR A 20 -8.58 6.24 4.47
N PHE A 21 -7.33 6.13 4.07
CA PHE A 21 -6.74 7.05 3.10
C PHE A 21 -6.90 6.52 1.68
N LEU A 22 -6.84 5.20 1.54
CA LEU A 22 -6.97 4.55 0.24
C LEU A 22 -8.39 4.01 0.04
N GLU A 23 -9.21 4.13 1.07
CA GLU A 23 -10.59 3.65 1.02
C GLU A 23 -11.25 4.05 -0.31
N PRO A 24 -11.28 5.36 -0.58
CA PRO A 24 -11.87 5.90 -1.82
C PRO A 24 -11.05 5.56 -3.05
N TRP A 25 -9.88 4.96 -2.84
CA TRP A 25 -9.00 4.59 -3.93
C TRP A 25 -9.01 3.08 -4.15
N PHE A 26 -9.45 2.34 -3.12
CA PHE A 26 -9.50 0.89 -3.21
C PHE A 26 -10.85 0.37 -2.70
N LYS A 27 -11.33 0.95 -1.61
CA LYS A 27 -12.61 0.55 -1.02
C LYS A 27 -13.77 1.11 -1.83
N ALA A 28 -14.76 0.26 -2.11
CA ALA A 28 -15.93 0.68 -2.87
C ALA A 28 -16.41 2.06 -2.43
N PRO A 29 -17.14 2.74 -3.33
CA PRO A 29 -17.49 2.20 -4.65
C PRO A 29 -16.27 2.10 -5.57
N ASN A 30 -15.12 2.55 -5.07
CA ASN A 30 -13.89 2.53 -5.85
C ASN A 30 -13.25 1.15 -5.81
N LYS A 31 -12.53 0.79 -6.86
CA LYS A 31 -11.86 -0.50 -6.94
C LYS A 31 -10.97 -0.58 -8.19
N GLY A 32 -10.16 -1.62 -8.26
CA GLY A 32 -9.27 -1.80 -9.40
C GLY A 32 -7.94 -2.42 -9.02
N THR A 33 -6.93 -2.19 -9.84
CA THR A 33 -5.61 -2.74 -9.58
C THR A 33 -4.65 -1.65 -9.11
N PHE A 34 -3.46 -2.06 -8.66
CA PHE A 34 -2.46 -1.12 -8.18
C PHE A 34 -1.09 -1.79 -8.06
N GLN A 35 -0.05 -0.98 -7.92
CA GLN A 35 1.31 -1.50 -7.80
C GLN A 35 2.02 -0.87 -6.60
N ILE A 36 2.31 -1.69 -5.60
CA ILE A 36 3.00 -1.21 -4.40
C ILE A 36 4.50 -1.20 -4.60
N VAL A 37 5.15 -0.13 -4.13
CA VAL A 37 6.60 0.00 -4.26
C VAL A 37 7.20 0.62 -3.00
N TYR A 38 8.13 -0.09 -2.38
CA TYR A 38 8.77 0.39 -1.17
C TYR A 38 10.11 1.07 -1.50
N LYS A 39 10.15 2.38 -1.33
CA LYS A 39 11.36 3.15 -1.61
C LYS A 39 11.95 3.74 -0.33
N SER A 40 13.17 3.33 0.01
CA SER A 40 13.83 3.81 1.21
C SER A 40 15.31 4.05 0.95
N ARG A 41 15.94 4.84 1.82
CA ARG A 41 17.36 5.15 1.69
C ARG A 41 18.20 3.88 1.65
N ASN A 42 19.49 4.03 1.39
CA ASN A 42 20.40 2.89 1.33
C ASN A 42 20.10 1.90 2.44
N ASN A 43 20.03 2.39 3.68
CA ASN A 43 19.73 1.54 4.82
C ASN A 43 18.24 1.47 5.08
N SER A 44 17.82 0.43 5.80
CA SER A 44 16.41 0.24 6.12
C SER A 44 16.24 -0.42 7.48
N HIS A 45 15.22 -0.01 8.22
CA HIS A 45 14.94 -0.57 9.54
C HIS A 45 13.71 -1.47 9.51
N VAL A 46 12.57 -0.89 9.14
CA VAL A 46 11.32 -1.64 9.07
C VAL A 46 11.35 -2.63 7.90
N ASN A 47 10.77 -3.81 8.13
CA ASN A 47 10.72 -4.84 7.10
C ASN A 47 10.18 -4.28 5.79
N ARG A 48 10.99 -4.36 4.73
CA ARG A 48 10.58 -3.86 3.43
C ARG A 48 9.38 -4.63 2.90
N GLU A 49 9.43 -5.96 2.99
CA GLU A 49 8.35 -6.80 2.51
C GLU A 49 7.09 -6.58 3.35
N GLU A 50 7.23 -6.69 4.67
CA GLU A 50 6.11 -6.50 5.58
C GLU A 50 5.22 -5.34 5.12
N VAL A 51 5.82 -4.17 4.96
CA VAL A 51 5.09 -2.99 4.52
C VAL A 51 4.37 -3.24 3.20
N ILE A 52 5.09 -3.85 2.25
CA ILE A 52 4.52 -4.15 0.95
C ILE A 52 3.42 -5.20 1.06
N ARG A 53 3.83 -6.45 1.30
CA ARG A 53 2.89 -7.55 1.42
C ARG A 53 1.67 -7.14 2.25
N GLU A 54 1.92 -6.43 3.35
CA GLU A 54 0.85 -5.98 4.22
C GLU A 54 -0.06 -4.99 3.50
N LEU A 55 0.51 -3.86 3.09
CA LEU A 55 -0.24 -2.83 2.39
C LEU A 55 -1.20 -3.45 1.37
N ALA A 56 -0.75 -4.52 0.71
CA ALA A 56 -1.57 -5.20 -0.28
C ALA A 56 -2.69 -6.00 0.40
N GLY A 57 -2.34 -6.73 1.45
CA GLY A 57 -3.32 -7.53 2.16
C GLY A 57 -4.50 -6.71 2.63
N ILE A 58 -4.26 -5.41 2.84
CA ILE A 58 -5.32 -4.52 3.30
C ILE A 58 -6.26 -4.14 2.15
N VAL A 59 -5.69 -3.58 1.09
CA VAL A 59 -6.46 -3.16 -0.06
C VAL A 59 -7.59 -4.16 -0.35
N CYS A 60 -7.32 -5.44 -0.10
CA CYS A 60 -8.31 -6.49 -0.33
C CYS A 60 -9.45 -6.39 0.68
N THR A 61 -9.10 -6.23 1.95
CA THR A 61 -10.10 -6.12 3.00
C THR A 61 -11.10 -5.01 2.71
N LEU A 62 -10.73 -4.11 1.81
CA LEU A 62 -11.59 -3.00 1.44
C LEU A 62 -12.60 -3.43 0.36
N ASN A 63 -12.09 -3.98 -0.73
CA ASN A 63 -12.95 -4.43 -1.82
C ASN A 63 -12.36 -5.67 -2.49
N SER A 64 -13.09 -6.77 -2.44
CA SER A 64 -12.65 -8.03 -3.03
C SER A 64 -12.25 -7.82 -4.49
N GLU A 65 -12.95 -6.91 -5.16
CA GLU A 65 -12.67 -6.61 -6.57
C GLU A 65 -11.25 -6.09 -6.74
N ASN A 66 -10.69 -5.52 -5.68
CA ASN A 66 -9.34 -4.97 -5.71
C ASN A 66 -8.32 -6.08 -5.96
N LYS A 67 -7.37 -5.81 -6.85
CA LYS A 67 -6.33 -6.78 -7.18
C LYS A 67 -5.04 -6.08 -7.57
N VAL A 68 -4.06 -6.10 -6.67
CA VAL A 68 -2.78 -5.47 -6.91
C VAL A 68 -2.08 -6.08 -8.12
N ASP A 69 -1.76 -5.26 -9.11
CA ASP A 69 -1.09 -5.73 -10.31
C ASP A 69 0.18 -4.94 -10.57
N LEU A 70 1.15 -5.57 -11.23
CA LEU A 70 2.42 -4.92 -11.53
C LEU A 70 2.58 -4.72 -13.05
N THR A 71 1.56 -5.14 -13.80
CA THR A 71 1.59 -5.01 -15.25
C THR A 71 0.62 -3.93 -15.71
N ASN A 72 -0.64 -4.06 -15.32
CA ASN A 72 -1.67 -3.10 -15.70
C ASN A 72 -2.26 -2.42 -14.47
N PRO A 73 -1.38 -1.88 -13.61
CA PRO A 73 -1.78 -1.18 -12.39
C PRO A 73 -2.47 0.15 -12.68
N GLN A 74 -3.62 0.36 -12.05
CA GLN A 74 -4.38 1.59 -12.24
C GLN A 74 -3.96 2.65 -11.22
N TYR A 75 -3.50 2.19 -10.06
CA TYR A 75 -3.06 3.10 -9.00
C TYR A 75 -1.73 2.65 -8.41
N THR A 76 -0.76 3.57 -8.39
CA THR A 76 0.56 3.27 -7.85
C THR A 76 0.69 3.76 -6.41
N VAL A 77 0.78 2.82 -5.47
CA VAL A 77 0.90 3.16 -4.07
C VAL A 77 2.32 2.92 -3.57
N VAL A 78 3.10 3.99 -3.47
CA VAL A 78 4.49 3.90 -3.01
C VAL A 78 4.61 4.33 -1.55
N VAL A 79 5.58 3.76 -0.86
CA VAL A 79 5.81 4.08 0.55
C VAL A 79 7.25 4.53 0.78
N GLU A 80 7.44 5.84 0.92
CA GLU A 80 8.76 6.40 1.15
C GLU A 80 9.05 6.53 2.64
N ILE A 81 10.33 6.49 2.99
CA ILE A 81 10.74 6.60 4.39
C ILE A 81 11.58 7.85 4.62
N ILE A 82 10.96 8.87 5.20
CA ILE A 82 11.65 10.13 5.48
C ILE A 82 11.66 10.44 6.96
N LYS A 83 12.77 10.15 7.62
CA LYS A 83 12.91 10.40 9.05
C LYS A 83 11.96 9.51 9.86
N ALA A 84 12.02 8.21 9.59
CA ALA A 84 11.19 7.24 10.29
C ALA A 84 9.70 7.59 10.11
N VAL A 85 9.34 7.98 8.90
CA VAL A 85 7.96 8.34 8.60
C VAL A 85 7.48 7.66 7.32
N CYS A 86 6.23 7.20 7.33
CA CYS A 86 5.66 6.54 6.17
C CYS A 86 4.94 7.54 5.26
N CYS A 87 5.44 7.67 4.03
CA CYS A 87 4.85 8.60 3.07
C CYS A 87 4.20 7.83 1.91
N LEU A 88 2.88 7.72 1.94
CA LEU A 88 2.14 7.03 0.90
C LEU A 88 1.81 7.97 -0.25
N SER A 89 2.22 7.60 -1.45
CA SER A 89 1.97 8.41 -2.64
C SER A 89 1.08 7.67 -3.62
N VAL A 90 -0.08 8.25 -3.92
CA VAL A 90 -1.02 7.65 -4.85
C VAL A 90 -0.97 8.32 -6.21
N VAL A 91 -0.88 7.51 -7.27
CA VAL A 91 -0.82 8.04 -8.63
C VAL A 91 -1.65 7.19 -9.58
N LYS A 92 -2.57 7.83 -10.30
CA LYS A 92 -3.42 7.14 -11.25
C LYS A 92 -2.78 7.09 -12.63
N SER A 93 -2.49 5.89 -13.10
CA SER A 93 -1.88 5.70 -14.41
C SER A 93 -2.68 4.72 -15.26
N GLY A 94 -2.93 5.10 -16.51
CA GLY A 94 -3.69 4.25 -17.42
C GLY A 94 -3.05 4.12 -18.77
N PRO A 95 -3.87 3.85 -19.81
CA PRO A 95 -3.39 3.70 -21.17
C PRO A 95 -2.91 5.02 -21.78
N SER A 96 -1.60 5.16 -21.91
CA SER A 96 -1.02 6.38 -22.47
C SER A 96 -1.46 6.58 -23.91
N SER A 97 -1.14 5.61 -24.76
CA SER A 97 -1.49 5.68 -26.17
C SER A 97 -3.01 5.60 -26.36
N GLY A 98 -3.55 6.48 -27.19
CA GLY A 98 -4.98 6.49 -27.44
C GLY A 98 -5.69 7.62 -26.70
N GLY A 1 16.68 -14.42 12.15
CA GLY A 1 15.27 -14.21 12.34
C GLY A 1 14.68 -15.18 13.35
N SER A 2 15.24 -15.20 14.55
CA SER A 2 14.77 -16.10 15.60
C SER A 2 13.71 -15.41 16.47
N SER A 3 13.97 -14.15 16.82
CA SER A 3 13.04 -13.38 17.64
C SER A 3 12.18 -12.48 16.78
N GLY A 4 10.97 -12.18 17.26
CA GLY A 4 10.07 -11.32 16.51
C GLY A 4 8.90 -10.85 17.36
N SER A 5 8.88 -9.56 17.66
CA SER A 5 7.80 -8.98 18.47
C SER A 5 6.51 -8.88 17.67
N SER A 6 5.39 -9.09 18.35
CA SER A 6 4.08 -9.03 17.70
C SER A 6 3.48 -7.63 17.83
N GLY A 7 2.72 -7.22 16.82
CA GLY A 7 2.09 -5.91 16.85
C GLY A 7 3.10 -4.79 16.81
N LYS A 8 3.50 -4.39 15.61
CA LYS A 8 4.47 -3.31 15.44
C LYS A 8 3.77 -2.00 15.11
N ALA A 9 3.68 -1.11 16.08
CA ALA A 9 3.04 0.18 15.89
C ALA A 9 3.43 0.79 14.56
N PHE A 10 4.74 0.86 14.30
CA PHE A 10 5.25 1.42 13.05
C PHE A 10 4.33 1.09 11.88
N LEU A 11 3.94 -0.18 11.79
CA LEU A 11 3.05 -0.64 10.72
C LEU A 11 1.60 -0.26 11.02
N GLU A 12 1.09 -0.72 12.15
CA GLU A 12 -0.28 -0.42 12.54
C GLU A 12 -0.64 1.03 12.21
N ASP A 13 0.15 1.96 12.70
CA ASP A 13 -0.09 3.38 12.45
C ASP A 13 -0.20 3.66 10.96
N MET A 14 0.54 2.89 10.16
CA MET A 14 0.52 3.05 8.71
C MET A 14 -0.74 2.43 8.10
N LYS A 15 -0.86 1.12 8.22
CA LYS A 15 -2.02 0.40 7.69
C LYS A 15 -3.32 1.06 8.13
N LYS A 16 -3.37 1.43 9.42
CA LYS A 16 -4.56 2.07 9.97
C LYS A 16 -4.93 3.32 9.18
N TYR A 17 -3.92 3.99 8.64
CA TYR A 17 -4.14 5.20 7.85
C TYR A 17 -4.35 4.86 6.38
N ALA A 18 -3.35 4.21 5.78
CA ALA A 18 -3.43 3.82 4.38
C ALA A 18 -4.82 3.31 4.02
N GLU A 19 -5.47 2.66 4.99
CA GLU A 19 -6.81 2.12 4.77
C GLU A 19 -7.84 3.24 4.64
N THR A 20 -8.02 4.00 5.71
CA THR A 20 -8.97 5.10 5.71
C THR A 20 -8.60 6.15 4.68
N PHE A 21 -7.36 6.09 4.19
CA PHE A 21 -6.88 7.04 3.21
C PHE A 21 -7.06 6.48 1.79
N LEU A 22 -6.85 5.18 1.64
CA LEU A 22 -6.98 4.52 0.35
C LEU A 22 -8.40 4.00 0.15
N GLU A 23 -9.23 4.15 1.17
CA GLU A 23 -10.62 3.69 1.12
C GLU A 23 -11.25 4.10 -0.21
N PRO A 24 -11.29 5.41 -0.49
CA PRO A 24 -11.86 5.95 -1.71
C PRO A 24 -11.03 5.61 -2.95
N TRP A 25 -9.87 5.01 -2.72
CA TRP A 25 -8.99 4.63 -3.82
C TRP A 25 -9.03 3.13 -4.06
N PHE A 26 -9.46 2.38 -3.05
CA PHE A 26 -9.55 0.93 -3.14
C PHE A 26 -10.93 0.44 -2.70
N LYS A 27 -11.43 1.00 -1.61
CA LYS A 27 -12.73 0.62 -1.07
C LYS A 27 -13.85 1.23 -1.92
N ALA A 28 -14.86 0.41 -2.23
CA ALA A 28 -15.98 0.86 -3.02
C ALA A 28 -16.44 2.25 -2.59
N PRO A 29 -17.13 2.96 -3.49
CA PRO A 29 -17.45 2.46 -4.83
C PRO A 29 -16.20 2.35 -5.71
N ASN A 30 -15.07 2.80 -5.18
CA ASN A 30 -13.81 2.76 -5.92
C ASN A 30 -13.21 1.36 -5.89
N LYS A 31 -12.50 1.00 -6.96
CA LYS A 31 -11.87 -0.31 -7.06
C LYS A 31 -10.98 -0.40 -8.28
N GLY A 32 -10.20 -1.47 -8.37
CA GLY A 32 -9.32 -1.65 -9.50
C GLY A 32 -8.00 -2.31 -9.11
N THR A 33 -6.96 -2.07 -9.92
CA THR A 33 -5.65 -2.64 -9.65
C THR A 33 -4.69 -1.59 -9.12
N PHE A 34 -3.53 -2.03 -8.64
CA PHE A 34 -2.52 -1.12 -8.10
C PHE A 34 -1.19 -1.82 -7.95
N GLN A 35 -0.15 -1.05 -7.64
CA GLN A 35 1.19 -1.59 -7.46
C GLN A 35 1.92 -0.90 -6.32
N ILE A 36 2.28 -1.68 -5.30
CA ILE A 36 2.98 -1.13 -4.14
C ILE A 36 4.49 -1.18 -4.34
N VAL A 37 5.18 -0.18 -3.80
CA VAL A 37 6.63 -0.10 -3.92
C VAL A 37 7.26 0.51 -2.66
N TYR A 38 8.11 -0.27 -2.01
CA TYR A 38 8.78 0.19 -0.80
C TYR A 38 10.02 1.01 -1.13
N LYS A 39 9.94 2.31 -0.87
CA LYS A 39 11.06 3.21 -1.14
C LYS A 39 11.66 3.73 0.15
N SER A 40 12.91 3.36 0.42
CA SER A 40 13.60 3.79 1.63
C SER A 40 15.02 4.24 1.31
N ARG A 41 15.44 5.32 1.95
CA ARG A 41 16.78 5.87 1.73
C ARG A 41 17.71 5.50 2.88
N ASN A 42 17.35 5.93 4.09
CA ASN A 42 18.14 5.65 5.28
C ASN A 42 18.31 4.15 5.47
N ASN A 43 19.18 3.77 6.42
CA ASN A 43 19.43 2.37 6.69
C ASN A 43 18.13 1.58 6.79
N SER A 44 18.15 0.34 6.29
CA SER A 44 16.97 -0.51 6.32
C SER A 44 16.80 -1.17 7.68
N HIS A 45 15.62 -1.04 8.27
CA HIS A 45 15.33 -1.62 9.57
C HIS A 45 14.11 -2.53 9.50
N VAL A 46 12.97 -1.96 9.12
CA VAL A 46 11.74 -2.72 9.01
C VAL A 46 11.69 -3.51 7.71
N ASN A 47 11.28 -4.78 7.81
CA ASN A 47 11.19 -5.64 6.64
C ASN A 47 10.33 -5.02 5.55
N ARG A 48 10.96 -4.28 4.65
CA ARG A 48 10.24 -3.64 3.56
C ARG A 48 9.06 -4.49 3.10
N GLU A 49 9.32 -5.78 2.90
CA GLU A 49 8.28 -6.70 2.46
C GLU A 49 7.01 -6.53 3.27
N GLU A 50 7.15 -6.55 4.60
CA GLU A 50 6.02 -6.41 5.49
C GLU A 50 5.10 -5.28 5.02
N VAL A 51 5.64 -4.08 4.89
CA VAL A 51 4.87 -2.93 4.45
C VAL A 51 4.17 -3.22 3.13
N ILE A 52 4.94 -3.70 2.15
CA ILE A 52 4.39 -4.02 0.84
C ILE A 52 3.27 -5.06 0.94
N ARG A 53 3.66 -6.30 1.19
CA ARG A 53 2.69 -7.39 1.33
C ARG A 53 1.49 -6.95 2.16
N GLU A 54 1.77 -6.48 3.38
CA GLU A 54 0.71 -6.02 4.28
C GLU A 54 -0.21 -5.03 3.58
N LEU A 55 0.37 -3.95 3.08
CA LEU A 55 -0.39 -2.91 2.39
C LEU A 55 -1.36 -3.53 1.38
N ALA A 56 -0.91 -4.61 0.74
CA ALA A 56 -1.74 -5.29 -0.25
C ALA A 56 -2.87 -6.07 0.42
N GLY A 57 -2.53 -6.74 1.52
CA GLY A 57 -3.53 -7.52 2.24
C GLY A 57 -4.67 -6.67 2.77
N ILE A 58 -4.39 -5.38 2.97
CA ILE A 58 -5.40 -4.45 3.47
C ILE A 58 -6.33 -3.99 2.36
N VAL A 59 -5.75 -3.75 1.19
CA VAL A 59 -6.52 -3.30 0.04
C VAL A 59 -7.65 -4.27 -0.29
N CYS A 60 -7.29 -5.54 -0.45
CA CYS A 60 -8.27 -6.57 -0.77
C CYS A 60 -9.38 -6.61 0.28
N THR A 61 -9.03 -6.29 1.52
CA THR A 61 -9.99 -6.28 2.61
C THR A 61 -11.10 -5.27 2.37
N LEU A 62 -10.75 -4.15 1.74
CA LEU A 62 -11.72 -3.11 1.45
C LEU A 62 -12.72 -3.57 0.40
N ASN A 63 -12.24 -3.77 -0.83
CA ASN A 63 -13.09 -4.22 -1.92
C ASN A 63 -12.50 -5.45 -2.60
N SER A 64 -13.25 -6.54 -2.60
CA SER A 64 -12.80 -7.79 -3.22
C SER A 64 -12.36 -7.54 -4.66
N GLU A 65 -13.02 -6.60 -5.32
CA GLU A 65 -12.70 -6.28 -6.71
C GLU A 65 -11.26 -5.77 -6.83
N ASN A 66 -10.73 -5.23 -5.74
CA ASN A 66 -9.37 -4.72 -5.73
C ASN A 66 -8.36 -5.85 -5.91
N LYS A 67 -7.42 -5.65 -6.83
CA LYS A 67 -6.39 -6.65 -7.09
C LYS A 67 -5.08 -5.98 -7.49
N VAL A 68 -4.10 -6.04 -6.59
CA VAL A 68 -2.80 -5.45 -6.85
C VAL A 68 -2.10 -6.12 -8.03
N ASP A 69 -1.78 -5.33 -9.05
CA ASP A 69 -1.11 -5.84 -10.24
C ASP A 69 0.19 -5.10 -10.49
N LEU A 70 1.14 -5.78 -11.13
CA LEU A 70 2.44 -5.19 -11.43
C LEU A 70 2.62 -5.03 -12.94
N THR A 71 1.58 -5.36 -13.70
CA THR A 71 1.62 -5.25 -15.16
C THR A 71 0.70 -4.15 -15.65
N ASN A 72 -0.57 -4.24 -15.29
CA ASN A 72 -1.56 -3.24 -15.70
C ASN A 72 -2.15 -2.53 -14.49
N PRO A 73 -1.27 -2.01 -13.63
CA PRO A 73 -1.67 -1.29 -12.42
C PRO A 73 -2.31 0.07 -12.73
N GLN A 74 -3.43 0.35 -12.09
CA GLN A 74 -4.14 1.61 -12.30
C GLN A 74 -3.73 2.65 -11.27
N TYR A 75 -3.37 2.18 -10.08
CA TYR A 75 -2.95 3.07 -9.01
C TYR A 75 -1.64 2.60 -8.37
N THR A 76 -0.63 3.46 -8.42
CA THR A 76 0.68 3.13 -7.87
C THR A 76 0.83 3.70 -6.46
N VAL A 77 0.83 2.83 -5.46
CA VAL A 77 0.97 3.25 -4.07
C VAL A 77 2.41 3.04 -3.58
N VAL A 78 3.18 4.12 -3.56
CA VAL A 78 4.57 4.05 -3.10
C VAL A 78 4.70 4.54 -1.67
N VAL A 79 5.61 3.92 -0.92
CA VAL A 79 5.84 4.30 0.48
C VAL A 79 7.27 4.77 0.69
N GLU A 80 7.44 6.09 0.79
CA GLU A 80 8.75 6.67 0.99
C GLU A 80 9.07 6.82 2.49
N ILE A 81 10.30 6.52 2.86
CA ILE A 81 10.72 6.61 4.25
C ILE A 81 11.61 7.83 4.47
N ILE A 82 11.08 8.83 5.19
CA ILE A 82 11.82 10.05 5.47
C ILE A 82 11.76 10.39 6.95
N LYS A 83 12.87 10.17 7.65
CA LYS A 83 12.94 10.45 9.08
C LYS A 83 11.98 9.56 9.87
N ALA A 84 11.86 8.31 9.43
CA ALA A 84 10.99 7.36 10.10
C ALA A 84 9.52 7.72 9.89
N VAL A 85 9.17 8.07 8.64
CA VAL A 85 7.80 8.43 8.31
C VAL A 85 7.33 7.68 7.06
N CYS A 86 6.14 7.11 7.14
CA CYS A 86 5.58 6.36 6.02
C CYS A 86 4.76 7.28 5.11
N CYS A 87 5.39 7.74 4.03
CA CYS A 87 4.72 8.62 3.08
C CYS A 87 4.10 7.83 1.94
N LEU A 88 2.78 7.76 1.92
CA LEU A 88 2.06 7.03 0.88
C LEU A 88 1.64 7.96 -0.25
N SER A 89 2.17 7.71 -1.44
CA SER A 89 1.85 8.53 -2.60
C SER A 89 1.11 7.72 -3.66
N VAL A 90 -0.10 8.16 -4.00
CA VAL A 90 -0.91 7.47 -5.01
C VAL A 90 -0.79 8.15 -6.36
N VAL A 91 -0.33 7.40 -7.36
CA VAL A 91 -0.18 7.92 -8.71
C VAL A 91 -1.00 7.11 -9.71
N LYS A 92 -2.02 7.74 -10.27
CA LYS A 92 -2.90 7.09 -11.24
C LYS A 92 -2.26 7.10 -12.62
N SER A 93 -1.86 5.93 -13.10
CA SER A 93 -1.23 5.80 -14.41
C SER A 93 -2.05 4.87 -15.31
N GLY A 94 -2.63 5.44 -16.35
CA GLY A 94 -3.43 4.65 -17.28
C GLY A 94 -4.07 5.49 -18.35
N PRO A 95 -3.32 5.78 -19.42
CA PRO A 95 -3.80 6.60 -20.55
C PRO A 95 -4.86 5.87 -21.37
N SER A 96 -6.12 6.24 -21.17
CA SER A 96 -7.22 5.62 -21.90
C SER A 96 -7.09 5.87 -23.40
N SER A 97 -7.47 4.88 -24.20
CA SER A 97 -7.38 4.99 -25.65
C SER A 97 -8.45 4.13 -26.31
N GLY A 98 -9.42 4.77 -26.94
CA GLY A 98 -10.50 4.05 -27.61
C GLY A 98 -11.83 4.24 -26.94
N GLY A 1 15.87 -6.56 9.45
CA GLY A 1 15.53 -7.28 8.24
C GLY A 1 15.15 -8.72 8.52
N SER A 2 14.23 -8.92 9.45
CA SER A 2 13.79 -10.28 9.81
C SER A 2 12.29 -10.41 9.62
N SER A 3 11.88 -11.53 9.01
CA SER A 3 10.47 -11.80 8.77
C SER A 3 10.00 -13.04 9.52
N GLY A 4 8.84 -12.92 10.17
CA GLY A 4 8.30 -14.05 10.92
C GLY A 4 7.04 -13.69 11.68
N SER A 5 7.07 -12.54 12.36
CA SER A 5 5.93 -12.08 13.13
C SER A 5 5.73 -10.58 12.96
N SER A 6 4.49 -10.19 12.68
CA SER A 6 4.16 -8.78 12.48
C SER A 6 3.70 -8.15 13.79
N GLY A 7 4.27 -6.99 14.11
CA GLY A 7 3.92 -6.29 15.33
C GLY A 7 4.82 -5.11 15.62
N LYS A 8 4.40 -3.93 15.19
CA LYS A 8 5.18 -2.72 15.40
C LYS A 8 4.36 -1.47 15.11
N ALA A 9 4.32 -0.55 16.07
CA ALA A 9 3.56 0.68 15.90
C ALA A 9 3.67 1.21 14.47
N PHE A 10 4.89 1.42 14.01
CA PHE A 10 5.13 1.92 12.66
C PHE A 10 4.08 1.37 11.69
N LEU A 11 3.96 0.05 11.65
CA LEU A 11 2.99 -0.60 10.75
C LEU A 11 1.57 -0.40 11.26
N GLU A 12 1.35 -0.68 12.55
CA GLU A 12 0.04 -0.53 13.15
C GLU A 12 -0.71 0.66 12.54
N ASP A 13 -0.17 1.85 12.73
CA ASP A 13 -0.78 3.06 12.20
C ASP A 13 -0.80 3.03 10.67
N MET A 14 0.36 2.79 10.07
CA MET A 14 0.46 2.73 8.61
C MET A 14 -0.77 2.07 8.00
N LYS A 15 -1.35 1.13 8.75
CA LYS A 15 -2.53 0.41 8.27
C LYS A 15 -3.78 1.27 8.42
N LYS A 16 -4.16 1.54 9.67
CA LYS A 16 -5.34 2.36 9.95
C LYS A 16 -5.36 3.60 9.07
N TYR A 17 -4.19 4.07 8.67
CA TYR A 17 -4.08 5.24 7.83
C TYR A 17 -4.23 4.88 6.35
N ALA A 18 -3.25 4.15 5.83
CA ALA A 18 -3.27 3.72 4.44
C ALA A 18 -4.65 3.19 4.05
N GLU A 19 -5.36 2.63 5.03
CA GLU A 19 -6.68 2.08 4.78
C GLU A 19 -7.72 3.19 4.62
N THR A 20 -8.02 3.88 5.72
CA THR A 20 -9.00 4.96 5.71
C THR A 20 -8.61 6.04 4.70
N PHE A 21 -7.36 5.97 4.24
CA PHE A 21 -6.86 6.94 3.27
C PHE A 21 -7.04 6.44 1.85
N LEU A 22 -6.76 5.16 1.63
CA LEU A 22 -6.89 4.55 0.31
C LEU A 22 -8.31 4.03 0.10
N GLU A 23 -9.14 4.16 1.12
CA GLU A 23 -10.52 3.70 1.04
C GLU A 23 -11.16 4.11 -0.29
N PRO A 24 -11.16 5.43 -0.55
CA PRO A 24 -11.74 5.98 -1.78
C PRO A 24 -10.90 5.63 -3.02
N TRP A 25 -9.75 5.02 -2.79
CA TRP A 25 -8.86 4.64 -3.88
C TRP A 25 -8.91 3.14 -4.12
N PHE A 26 -9.35 2.40 -3.11
CA PHE A 26 -9.44 0.94 -3.21
C PHE A 26 -10.81 0.46 -2.76
N LYS A 27 -11.30 1.03 -1.67
CA LYS A 27 -12.60 0.65 -1.12
C LYS A 27 -13.74 1.26 -1.95
N ALA A 28 -14.74 0.44 -2.25
CA ALA A 28 -15.89 0.90 -3.03
C ALA A 28 -16.33 2.30 -2.60
N PRO A 29 -17.02 3.01 -3.49
CA PRO A 29 -17.35 2.50 -4.83
C PRO A 29 -16.12 2.38 -5.72
N ASN A 30 -14.98 2.83 -5.21
CA ASN A 30 -13.73 2.77 -5.97
C ASN A 30 -13.14 1.36 -5.93
N LYS A 31 -12.44 1.00 -7.00
CA LYS A 31 -11.81 -0.32 -7.10
C LYS A 31 -10.91 -0.40 -8.33
N GLY A 32 -10.14 -1.48 -8.41
CA GLY A 32 -9.25 -1.68 -9.55
C GLY A 32 -7.94 -2.31 -9.14
N THR A 33 -6.91 -2.10 -9.96
CA THR A 33 -5.59 -2.66 -9.69
C THR A 33 -4.63 -1.60 -9.18
N PHE A 34 -3.47 -2.03 -8.70
CA PHE A 34 -2.46 -1.11 -8.18
C PHE A 34 -1.11 -1.80 -8.06
N GLN A 35 -0.08 -1.02 -7.74
CA GLN A 35 1.27 -1.55 -7.61
C GLN A 35 1.99 -0.90 -6.42
N ILE A 36 2.24 -1.69 -5.39
CA ILE A 36 2.91 -1.20 -4.19
C ILE A 36 4.43 -1.25 -4.37
N VAL A 37 5.11 -0.20 -3.91
CA VAL A 37 6.56 -0.12 -4.02
C VAL A 37 7.17 0.43 -2.73
N TYR A 38 8.11 -0.33 -2.16
CA TYR A 38 8.77 0.08 -0.93
C TYR A 38 10.03 0.89 -1.22
N LYS A 39 9.95 2.19 -0.99
CA LYS A 39 11.07 3.08 -1.22
C LYS A 39 11.67 3.57 0.09
N SER A 40 12.89 3.11 0.39
CA SER A 40 13.57 3.50 1.62
C SER A 40 15.02 3.86 1.34
N ARG A 41 15.63 4.60 2.28
CA ARG A 41 17.02 5.00 2.13
C ARG A 41 17.96 3.98 2.77
N ASN A 42 19.26 4.25 2.67
CA ASN A 42 20.27 3.35 3.24
C ASN A 42 19.80 2.79 4.57
N ASN A 43 19.25 3.67 5.42
CA ASN A 43 18.76 3.25 6.73
C ASN A 43 18.15 1.85 6.68
N SER A 44 17.15 1.68 5.83
CA SER A 44 16.49 0.40 5.68
C SER A 44 16.29 -0.28 7.03
N HIS A 45 15.96 0.52 8.04
CA HIS A 45 15.74 0.00 9.39
C HIS A 45 14.64 -1.06 9.41
N VAL A 46 13.47 -0.69 8.89
CA VAL A 46 12.35 -1.61 8.83
C VAL A 46 12.40 -2.49 7.59
N ASN A 47 11.82 -3.68 7.69
CA ASN A 47 11.80 -4.61 6.56
C ASN A 47 11.15 -3.98 5.34
N ARG A 48 11.00 -4.77 4.28
CA ARG A 48 10.39 -4.29 3.04
C ARG A 48 9.18 -5.13 2.67
N GLU A 49 9.24 -6.42 2.98
CA GLU A 49 8.15 -7.33 2.68
C GLU A 49 6.91 -6.99 3.51
N GLU A 50 7.00 -7.16 4.82
CA GLU A 50 5.89 -6.87 5.72
C GLU A 50 5.13 -5.63 5.25
N VAL A 51 5.86 -4.55 5.00
CA VAL A 51 5.25 -3.31 4.54
C VAL A 51 4.45 -3.52 3.26
N ILE A 52 5.11 -4.08 2.25
CA ILE A 52 4.44 -4.35 0.98
C ILE A 52 3.36 -5.40 1.12
N ARG A 53 3.76 -6.61 1.46
CA ARG A 53 2.81 -7.71 1.64
C ARG A 53 1.57 -7.24 2.37
N GLU A 54 1.77 -6.60 3.52
CA GLU A 54 0.66 -6.10 4.33
C GLU A 54 -0.14 -5.05 3.56
N LEU A 55 0.50 -3.93 3.27
CA LEU A 55 -0.15 -2.85 2.53
C LEU A 55 -1.12 -3.40 1.49
N ALA A 56 -0.74 -4.50 0.85
CA ALA A 56 -1.57 -5.12 -0.16
C ALA A 56 -2.73 -5.89 0.48
N GLY A 57 -2.40 -6.74 1.45
CA GLY A 57 -3.41 -7.52 2.12
C GLY A 57 -4.58 -6.68 2.59
N ILE A 58 -4.32 -5.42 2.90
CA ILE A 58 -5.35 -4.50 3.36
C ILE A 58 -6.21 -4.02 2.21
N VAL A 59 -5.55 -3.63 1.11
CA VAL A 59 -6.26 -3.14 -0.07
C VAL A 59 -7.43 -4.05 -0.43
N CYS A 60 -7.16 -5.34 -0.57
CA CYS A 60 -8.19 -6.31 -0.90
C CYS A 60 -9.30 -6.30 0.14
N THR A 61 -8.91 -6.27 1.41
CA THR A 61 -9.87 -6.27 2.51
C THR A 61 -10.99 -5.25 2.25
N LEU A 62 -10.63 -4.12 1.68
CA LEU A 62 -11.60 -3.07 1.38
C LEU A 62 -12.61 -3.55 0.34
N ASN A 63 -12.13 -3.73 -0.89
CA ASN A 63 -12.99 -4.20 -1.98
C ASN A 63 -12.41 -5.43 -2.65
N SER A 64 -13.17 -6.51 -2.67
CA SER A 64 -12.73 -7.75 -3.28
C SER A 64 -12.30 -7.53 -4.73
N GLU A 65 -12.95 -6.58 -5.39
CA GLU A 65 -12.64 -6.26 -6.78
C GLU A 65 -11.21 -5.76 -6.91
N ASN A 66 -10.67 -5.23 -5.82
CA ASN A 66 -9.30 -4.72 -5.81
C ASN A 66 -8.29 -5.84 -6.00
N LYS A 67 -7.33 -5.63 -6.89
CA LYS A 67 -6.29 -6.63 -7.15
C LYS A 67 -4.99 -5.96 -7.57
N VAL A 68 -4.02 -5.97 -6.67
CA VAL A 68 -2.71 -5.36 -6.95
C VAL A 68 -2.05 -6.02 -8.14
N ASP A 69 -1.76 -5.22 -9.16
CA ASP A 69 -1.12 -5.73 -10.38
C ASP A 69 0.18 -4.99 -10.64
N LEU A 70 1.15 -5.71 -11.21
CA LEU A 70 2.45 -5.13 -11.52
C LEU A 70 2.61 -4.91 -13.02
N THR A 71 1.55 -5.20 -13.78
CA THR A 71 1.57 -5.03 -15.22
C THR A 71 0.70 -3.85 -15.65
N ASN A 72 -0.59 -3.93 -15.33
CA ASN A 72 -1.53 -2.87 -15.69
C ASN A 72 -2.13 -2.24 -14.44
N PRO A 73 -1.26 -1.74 -13.55
CA PRO A 73 -1.68 -1.09 -12.30
C PRO A 73 -2.37 0.25 -12.54
N GLN A 74 -3.59 0.38 -12.03
CA GLN A 74 -4.35 1.62 -12.19
C GLN A 74 -3.90 2.67 -11.18
N TYR A 75 -3.51 2.21 -10.00
CA TYR A 75 -3.06 3.11 -8.94
C TYR A 75 -1.72 2.64 -8.35
N THR A 76 -0.72 3.53 -8.38
CA THR A 76 0.59 3.21 -7.85
C THR A 76 0.77 3.75 -6.44
N VAL A 77 0.75 2.85 -5.46
CA VAL A 77 0.91 3.23 -4.06
C VAL A 77 2.32 3.00 -3.58
N VAL A 78 3.12 4.07 -3.54
CA VAL A 78 4.50 3.98 -3.09
C VAL A 78 4.65 4.49 -1.66
N VAL A 79 5.48 3.80 -0.89
CA VAL A 79 5.73 4.19 0.50
C VAL A 79 7.17 4.64 0.70
N GLU A 80 7.36 5.96 0.77
CA GLU A 80 8.69 6.53 0.96
C GLU A 80 8.95 6.84 2.42
N ILE A 81 10.20 6.70 2.84
CA ILE A 81 10.57 6.97 4.23
C ILE A 81 11.43 8.23 4.33
N ILE A 82 10.87 9.27 4.93
CA ILE A 82 11.59 10.53 5.09
C ILE A 82 11.64 10.94 6.56
N LYS A 83 12.73 10.58 7.23
CA LYS A 83 12.91 10.90 8.64
C LYS A 83 11.94 10.12 9.52
N ALA A 84 11.86 8.81 9.28
CA ALA A 84 10.97 7.95 10.05
C ALA A 84 9.52 8.37 9.88
N VAL A 85 9.14 8.69 8.65
CA VAL A 85 7.78 9.11 8.35
C VAL A 85 7.20 8.32 7.19
N CYS A 86 5.99 7.78 7.38
CA CYS A 86 5.33 7.00 6.34
C CYS A 86 4.75 7.91 5.27
N CYS A 87 5.44 7.99 4.13
CA CYS A 87 4.99 8.83 3.02
C CYS A 87 4.32 7.98 1.95
N LEU A 88 3.00 8.09 1.86
CA LEU A 88 2.23 7.34 0.88
C LEU A 88 1.83 8.23 -0.30
N SER A 89 2.31 7.87 -1.49
CA SER A 89 2.01 8.65 -2.70
C SER A 89 1.19 7.81 -3.67
N VAL A 90 0.01 8.32 -4.03
CA VAL A 90 -0.87 7.61 -4.96
C VAL A 90 -0.86 8.29 -6.33
N VAL A 91 -0.54 7.51 -7.36
CA VAL A 91 -0.51 8.02 -8.72
C VAL A 91 -1.48 7.27 -9.62
N LYS A 92 -2.41 8.03 -10.22
CA LYS A 92 -3.40 7.45 -11.12
C LYS A 92 -2.98 7.59 -12.57
N SER A 93 -2.57 6.47 -13.18
CA SER A 93 -2.14 6.47 -14.57
C SER A 93 -2.93 5.45 -15.38
N GLY A 94 -3.35 5.85 -16.58
CA GLY A 94 -4.11 4.97 -17.43
C GLY A 94 -3.24 4.23 -18.42
N PRO A 95 -3.55 2.94 -18.64
CA PRO A 95 -2.79 2.09 -19.57
C PRO A 95 -3.01 2.50 -21.03
N SER A 96 -3.98 3.37 -21.26
CA SER A 96 -4.30 3.83 -22.61
C SER A 96 -4.08 5.34 -22.73
N SER A 97 -3.94 5.82 -23.96
CA SER A 97 -3.72 7.23 -24.20
C SER A 97 -5.03 7.92 -24.58
N GLY A 98 -5.30 9.06 -23.95
CA GLY A 98 -6.51 9.81 -24.22
C GLY A 98 -7.02 10.57 -23.02
N GLY A 1 4.59 -13.66 8.74
CA GLY A 1 4.45 -14.82 7.87
C GLY A 1 3.15 -15.56 8.10
N SER A 2 2.98 -16.67 7.40
CA SER A 2 1.77 -17.47 7.52
C SER A 2 1.27 -17.49 8.96
N SER A 3 2.16 -17.80 9.89
CA SER A 3 1.81 -17.85 11.30
C SER A 3 1.15 -16.55 11.74
N GLY A 4 1.79 -15.43 11.44
CA GLY A 4 1.25 -14.14 11.81
C GLY A 4 2.30 -13.04 11.80
N SER A 5 1.98 -11.93 11.16
CA SER A 5 2.91 -10.80 11.08
C SER A 5 3.26 -10.28 12.47
N SER A 6 4.53 -9.97 12.67
CA SER A 6 4.99 -9.46 13.97
C SER A 6 4.46 -8.06 14.21
N GLY A 7 3.44 -7.96 15.06
CA GLY A 7 2.84 -6.67 15.37
C GLY A 7 3.89 -5.61 15.66
N LYS A 8 3.61 -4.38 15.25
CA LYS A 8 4.53 -3.27 15.46
C LYS A 8 3.83 -1.94 15.27
N ALA A 9 3.71 -1.17 16.35
CA ALA A 9 3.06 0.13 16.30
C ALA A 9 3.34 0.82 14.97
N PHE A 10 4.61 0.95 14.62
CA PHE A 10 5.02 1.60 13.38
C PHE A 10 4.08 1.21 12.25
N LEU A 11 3.87 -0.09 12.08
CA LEU A 11 2.99 -0.59 11.02
C LEU A 11 1.54 -0.45 11.42
N GLU A 12 1.22 -0.87 12.64
CA GLU A 12 -0.16 -0.80 13.14
C GLU A 12 -0.84 0.48 12.66
N ASP A 13 -0.23 1.62 12.98
CA ASP A 13 -0.78 2.91 12.58
C ASP A 13 -0.93 3.00 11.06
N MET A 14 0.19 2.88 10.35
CA MET A 14 0.17 2.94 8.90
C MET A 14 -1.04 2.21 8.32
N LYS A 15 -1.16 0.93 8.67
CA LYS A 15 -2.28 0.12 8.20
C LYS A 15 -3.58 0.91 8.23
N LYS A 16 -3.90 1.47 9.39
CA LYS A 16 -5.12 2.25 9.56
C LYS A 16 -5.15 3.43 8.58
N TYR A 17 -4.22 4.36 8.75
CA TYR A 17 -4.15 5.53 7.88
C TYR A 17 -4.25 5.12 6.41
N ALA A 18 -3.27 4.37 5.94
CA ALA A 18 -3.25 3.92 4.55
C ALA A 18 -4.63 3.47 4.10
N GLU A 19 -5.32 2.70 4.96
CA GLU A 19 -6.65 2.21 4.64
C GLU A 19 -7.64 3.37 4.55
N THR A 20 -7.97 3.97 5.69
CA THR A 20 -8.90 5.08 5.73
C THR A 20 -8.56 6.12 4.67
N PHE A 21 -7.32 6.10 4.20
CA PHE A 21 -6.86 7.05 3.19
C PHE A 21 -7.04 6.47 1.79
N LEU A 22 -6.84 5.16 1.67
CA LEU A 22 -6.97 4.49 0.38
C LEU A 22 -8.38 3.92 0.20
N GLU A 23 -9.25 4.21 1.15
CA GLU A 23 -10.63 3.73 1.10
C GLU A 23 -11.28 4.11 -0.22
N PRO A 24 -11.32 5.41 -0.53
CA PRO A 24 -11.91 5.93 -1.76
C PRO A 24 -11.09 5.57 -2.99
N TRP A 25 -9.92 4.99 -2.76
CA TRP A 25 -9.03 4.60 -3.85
C TRP A 25 -9.11 3.10 -4.10
N PHE A 26 -9.44 2.35 -3.05
CA PHE A 26 -9.54 0.90 -3.15
C PHE A 26 -10.91 0.41 -2.67
N LYS A 27 -11.38 1.00 -1.58
CA LYS A 27 -12.68 0.63 -1.02
C LYS A 27 -13.82 1.21 -1.84
N ALA A 28 -14.83 0.39 -2.11
CA ALA A 28 -15.99 0.82 -2.90
C ALA A 28 -16.42 2.22 -2.48
N PRO A 29 -17.14 2.90 -3.40
CA PRO A 29 -17.48 2.36 -4.71
C PRO A 29 -16.27 2.22 -5.62
N ASN A 30 -15.13 2.70 -5.14
CA ASN A 30 -13.89 2.63 -5.92
C ASN A 30 -13.29 1.24 -5.86
N LYS A 31 -12.59 0.86 -6.92
CA LYS A 31 -11.96 -0.46 -7.00
C LYS A 31 -11.12 -0.58 -8.27
N GLY A 32 -10.20 -1.55 -8.27
CA GLY A 32 -9.34 -1.77 -9.42
C GLY A 32 -8.02 -2.39 -9.05
N THR A 33 -7.01 -2.17 -9.89
CA THR A 33 -5.68 -2.73 -9.65
C THR A 33 -4.71 -1.64 -9.18
N PHE A 34 -3.54 -2.07 -8.72
CA PHE A 34 -2.53 -1.13 -8.25
C PHE A 34 -1.18 -1.82 -8.09
N GLN A 35 -0.11 -1.03 -8.04
CA GLN A 35 1.24 -1.57 -7.90
C GLN A 35 1.96 -0.91 -6.74
N ILE A 36 2.24 -1.70 -5.70
CA ILE A 36 2.93 -1.20 -4.51
C ILE A 36 4.44 -1.21 -4.72
N VAL A 37 5.09 -0.11 -4.38
CA VAL A 37 6.54 0.00 -4.52
C VAL A 37 7.15 0.68 -3.30
N TYR A 38 8.08 0.00 -2.65
CA TYR A 38 8.76 0.53 -1.47
C TYR A 38 10.03 1.26 -1.86
N LYS A 39 10.06 2.57 -1.60
CA LYS A 39 11.22 3.39 -1.92
C LYS A 39 11.88 3.91 -0.65
N SER A 40 13.04 3.36 -0.31
CA SER A 40 13.77 3.77 0.88
C SER A 40 15.27 3.83 0.60
N ARG A 41 15.96 4.68 1.35
CA ARG A 41 17.40 4.84 1.18
C ARG A 41 18.16 3.94 2.15
N ASN A 42 17.67 3.85 3.39
CA ASN A 42 18.30 3.02 4.41
C ASN A 42 17.27 2.55 5.43
N ASN A 43 17.07 1.24 5.50
CA ASN A 43 16.11 0.66 6.44
C ASN A 43 16.07 1.46 7.74
N SER A 44 14.86 1.82 8.16
CA SER A 44 14.68 2.60 9.38
C SER A 44 14.09 1.73 10.50
N HIS A 45 14.93 0.87 11.06
CA HIS A 45 14.49 -0.03 12.14
C HIS A 45 13.14 -0.65 11.81
N VAL A 46 12.98 -1.08 10.56
CA VAL A 46 11.75 -1.71 10.11
C VAL A 46 11.96 -2.53 8.85
N ASN A 47 11.30 -3.67 8.77
CA ASN A 47 11.42 -4.55 7.61
C ASN A 47 10.98 -3.82 6.34
N ARG A 48 11.12 -4.51 5.20
CA ARG A 48 10.74 -3.93 3.92
C ARG A 48 9.50 -4.62 3.35
N GLU A 49 9.58 -5.95 3.22
CA GLU A 49 8.46 -6.72 2.70
C GLU A 49 7.21 -6.51 3.53
N GLU A 50 7.34 -6.67 4.84
CA GLU A 50 6.22 -6.50 5.75
C GLU A 50 5.32 -5.34 5.31
N VAL A 51 5.95 -4.20 5.03
CA VAL A 51 5.22 -3.02 4.59
C VAL A 51 4.43 -3.29 3.32
N ILE A 52 5.15 -3.60 2.24
CA ILE A 52 4.51 -3.89 0.96
C ILE A 52 3.42 -4.96 1.12
N ARG A 53 3.84 -6.16 1.46
CA ARG A 53 2.91 -7.27 1.63
C ARG A 53 1.65 -6.81 2.34
N GLU A 54 1.81 -6.19 3.51
CA GLU A 54 0.69 -5.69 4.29
C GLU A 54 -0.14 -4.70 3.47
N LEU A 55 0.48 -3.58 3.11
CA LEU A 55 -0.21 -2.56 2.33
C LEU A 55 -1.21 -3.18 1.36
N ALA A 56 -0.81 -4.31 0.76
CA ALA A 56 -1.68 -5.01 -0.19
C ALA A 56 -2.77 -5.78 0.53
N GLY A 57 -2.37 -6.60 1.50
CA GLY A 57 -3.33 -7.39 2.25
C GLY A 57 -4.52 -6.56 2.73
N ILE A 58 -4.26 -5.28 2.99
CA ILE A 58 -5.31 -4.38 3.47
C ILE A 58 -6.22 -3.96 2.32
N VAL A 59 -5.62 -3.62 1.18
CA VAL A 59 -6.39 -3.21 0.01
C VAL A 59 -7.53 -4.17 -0.28
N CYS A 60 -7.21 -5.45 -0.34
CA CYS A 60 -8.23 -6.48 -0.61
C CYS A 60 -9.32 -6.45 0.46
N THR A 61 -8.92 -6.22 1.69
CA THR A 61 -9.88 -6.16 2.81
C THR A 61 -10.99 -5.16 2.53
N LEU A 62 -10.63 -4.03 1.93
CA LEU A 62 -11.59 -2.99 1.60
C LEU A 62 -12.61 -3.48 0.58
N ASN A 63 -12.14 -3.71 -0.65
CA ASN A 63 -13.01 -4.19 -1.72
C ASN A 63 -12.43 -5.44 -2.37
N SER A 64 -13.16 -6.54 -2.27
CA SER A 64 -12.72 -7.81 -2.85
C SER A 64 -12.37 -7.65 -4.32
N GLU A 65 -13.04 -6.70 -4.98
CA GLU A 65 -12.81 -6.44 -6.39
C GLU A 65 -11.38 -5.95 -6.63
N ASN A 66 -10.79 -5.36 -5.59
CA ASN A 66 -9.43 -4.84 -5.69
C ASN A 66 -8.43 -5.98 -5.91
N LYS A 67 -7.48 -5.74 -6.79
CA LYS A 67 -6.45 -6.74 -7.09
C LYS A 67 -5.14 -6.07 -7.50
N VAL A 68 -4.16 -6.11 -6.62
CA VAL A 68 -2.85 -5.52 -6.89
C VAL A 68 -2.19 -6.18 -8.10
N ASP A 69 -1.93 -5.38 -9.13
CA ASP A 69 -1.30 -5.88 -10.34
C ASP A 69 0.02 -5.15 -10.61
N LEU A 70 0.97 -5.86 -11.21
CA LEU A 70 2.28 -5.28 -11.52
C LEU A 70 2.45 -5.10 -13.03
N THR A 71 1.42 -5.47 -13.78
CA THR A 71 1.45 -5.35 -15.23
C THR A 71 0.60 -4.19 -15.71
N ASN A 72 -0.68 -4.21 -15.35
CA ASN A 72 -1.61 -3.15 -15.75
C ASN A 72 -2.19 -2.45 -14.53
N PRO A 73 -1.30 -1.93 -13.67
CA PRO A 73 -1.70 -1.23 -12.45
C PRO A 73 -2.35 0.12 -12.74
N GLN A 74 -3.57 0.31 -12.25
CA GLN A 74 -4.30 1.55 -12.46
C GLN A 74 -3.86 2.62 -11.47
N TYR A 75 -3.54 2.20 -10.25
CA TYR A 75 -3.10 3.12 -9.21
C TYR A 75 -1.77 2.67 -8.61
N THR A 76 -0.79 3.58 -8.60
CA THR A 76 0.52 3.28 -8.06
C THR A 76 0.65 3.79 -6.63
N VAL A 77 0.75 2.86 -5.68
CA VAL A 77 0.89 3.22 -4.27
C VAL A 77 2.30 2.95 -3.78
N VAL A 78 3.11 4.01 -3.69
CA VAL A 78 4.48 3.89 -3.22
C VAL A 78 4.60 4.31 -1.76
N VAL A 79 5.49 3.64 -1.04
CA VAL A 79 5.71 3.93 0.38
C VAL A 79 7.14 4.39 0.63
N GLU A 80 7.33 5.70 0.78
CA GLU A 80 8.65 6.26 1.03
C GLU A 80 8.93 6.34 2.52
N ILE A 81 10.19 6.10 2.89
CA ILE A 81 10.60 6.14 4.29
C ILE A 81 11.53 7.32 4.55
N ILE A 82 11.02 8.33 5.24
CA ILE A 82 11.80 9.51 5.57
C ILE A 82 11.71 9.85 7.05
N LYS A 83 12.80 9.58 7.78
CA LYS A 83 12.84 9.85 9.22
C LYS A 83 11.86 8.97 9.96
N ALA A 84 11.81 7.69 9.60
CA ALA A 84 10.91 6.74 10.26
C ALA A 84 9.46 7.13 10.03
N VAL A 85 9.11 7.45 8.79
CA VAL A 85 7.75 7.85 8.46
C VAL A 85 7.27 7.15 7.19
N CYS A 86 5.99 6.81 7.16
CA CYS A 86 5.40 6.13 6.00
C CYS A 86 4.70 7.13 5.09
N CYS A 87 5.37 7.52 4.01
CA CYS A 87 4.80 8.47 3.07
C CYS A 87 4.17 7.74 1.88
N LEU A 88 2.85 7.58 1.93
CA LEU A 88 2.12 6.90 0.87
C LEU A 88 1.74 7.89 -0.24
N SER A 89 2.27 7.65 -1.44
CA SER A 89 1.99 8.52 -2.58
C SER A 89 1.24 7.75 -3.66
N VAL A 90 0.04 8.22 -3.99
CA VAL A 90 -0.79 7.59 -5.01
C VAL A 90 -0.62 8.28 -6.36
N VAL A 91 -0.43 7.49 -7.41
CA VAL A 91 -0.27 8.03 -8.75
C VAL A 91 -1.11 7.26 -9.76
N LYS A 92 -2.05 7.96 -10.38
CA LYS A 92 -2.93 7.35 -11.37
C LYS A 92 -2.28 7.32 -12.75
N SER A 93 -1.98 6.12 -13.23
CA SER A 93 -1.34 5.96 -14.54
C SER A 93 -2.21 5.13 -15.47
N GLY A 94 -2.96 5.81 -16.33
CA GLY A 94 -3.83 5.13 -17.27
C GLY A 94 -3.22 5.01 -18.65
N PRO A 95 -3.51 3.89 -19.34
CA PRO A 95 -2.99 3.63 -20.69
C PRO A 95 -3.61 4.55 -21.73
N SER A 96 -2.78 5.06 -22.64
CA SER A 96 -3.25 5.96 -23.68
C SER A 96 -3.01 5.35 -25.06
N SER A 97 -3.92 4.48 -25.49
CA SER A 97 -3.80 3.83 -26.80
C SER A 97 -3.88 4.85 -27.92
N GLY A 98 -3.29 4.50 -29.06
CA GLY A 98 -3.31 5.40 -30.21
C GLY A 98 -1.94 5.52 -30.86
N GLY A 1 0.96 -22.97 7.07
CA GLY A 1 1.80 -22.82 8.24
C GLY A 1 2.47 -21.46 8.30
N SER A 2 1.68 -20.40 8.11
CA SER A 2 2.20 -19.04 8.15
C SER A 2 2.37 -18.56 9.58
N SER A 3 3.49 -17.89 9.85
CA SER A 3 3.76 -17.37 11.18
C SER A 3 2.50 -16.83 11.84
N GLY A 4 1.76 -16.00 11.08
CA GLY A 4 0.54 -15.43 11.60
C GLY A 4 0.59 -13.91 11.67
N SER A 5 -0.36 -13.31 12.36
CA SER A 5 -0.43 -11.86 12.49
C SER A 5 0.63 -11.36 13.48
N SER A 6 1.12 -10.14 13.24
CA SER A 6 2.13 -9.55 14.09
C SER A 6 1.65 -8.22 14.67
N GLY A 7 2.46 -7.64 15.55
CA GLY A 7 2.10 -6.37 16.16
C GLY A 7 3.25 -5.39 16.18
N LYS A 8 3.22 -4.42 15.27
CA LYS A 8 4.27 -3.41 15.18
C LYS A 8 3.68 -2.03 14.93
N ALA A 9 3.66 -1.20 15.98
CA ALA A 9 3.13 0.15 15.87
C ALA A 9 3.43 0.76 14.51
N PHE A 10 4.72 0.90 14.20
CA PHE A 10 5.14 1.46 12.92
C PHE A 10 4.18 1.08 11.81
N LEU A 11 3.78 -0.20 11.80
CA LEU A 11 2.86 -0.70 10.78
C LEU A 11 1.42 -0.31 11.10
N GLU A 12 0.99 -0.62 12.32
CA GLU A 12 -0.37 -0.29 12.75
C GLU A 12 -0.72 1.14 12.39
N ASP A 13 0.13 2.08 12.80
CA ASP A 13 -0.10 3.49 12.52
C ASP A 13 -0.19 3.74 11.02
N MET A 14 0.41 2.85 10.24
CA MET A 14 0.40 2.97 8.78
C MET A 14 -0.89 2.39 8.20
N LYS A 15 -1.08 1.09 8.38
CA LYS A 15 -2.28 0.40 7.88
C LYS A 15 -3.54 1.17 8.27
N LYS A 16 -3.61 1.59 9.53
CA LYS A 16 -4.76 2.33 10.02
C LYS A 16 -5.05 3.54 9.14
N TYR A 17 -3.99 4.15 8.61
CA TYR A 17 -4.14 5.32 7.75
C TYR A 17 -4.32 4.90 6.30
N ALA A 18 -3.29 4.26 5.74
CA ALA A 18 -3.35 3.80 4.35
C ALA A 18 -4.73 3.27 4.00
N GLU A 19 -5.39 2.65 4.97
CA GLU A 19 -6.72 2.10 4.76
C GLU A 19 -7.75 3.22 4.58
N THR A 20 -8.01 3.95 5.66
CA THR A 20 -8.97 5.04 5.63
C THR A 20 -8.58 6.10 4.61
N PHE A 21 -7.33 6.02 4.14
CA PHE A 21 -6.83 6.98 3.15
C PHE A 21 -7.00 6.44 1.74
N LEU A 22 -6.81 5.13 1.58
CA LEU A 22 -6.95 4.50 0.28
C LEU A 22 -8.37 3.96 0.08
N GLU A 23 -9.20 4.11 1.10
CA GLU A 23 -10.57 3.65 1.04
C GLU A 23 -11.22 4.04 -0.29
N PRO A 24 -11.24 5.35 -0.57
CA PRO A 24 -11.82 5.89 -1.81
C PRO A 24 -10.99 5.54 -3.04
N TRP A 25 -9.83 4.94 -2.81
CA TRP A 25 -8.95 4.55 -3.90
C TRP A 25 -8.98 3.04 -4.12
N PHE A 26 -9.43 2.30 -3.11
CA PHE A 26 -9.52 0.85 -3.19
C PHE A 26 -10.88 0.36 -2.70
N LYS A 27 -11.34 0.93 -1.61
CA LYS A 27 -12.64 0.56 -1.04
C LYS A 27 -13.79 1.15 -1.85
N ALA A 28 -14.78 0.33 -2.15
CA ALA A 28 -15.95 0.77 -2.91
C ALA A 28 -16.40 2.16 -2.45
N PRO A 29 -17.13 2.86 -3.33
CA PRO A 29 -17.47 2.34 -4.66
C PRO A 29 -16.27 2.25 -5.59
N ASN A 30 -15.11 2.69 -5.08
CA ASN A 30 -13.88 2.66 -5.87
C ASN A 30 -13.25 1.27 -5.83
N LYS A 31 -12.56 0.90 -6.90
CA LYS A 31 -11.90 -0.40 -6.99
C LYS A 31 -11.03 -0.49 -8.24
N GLY A 32 -10.23 -1.55 -8.33
CA GLY A 32 -9.37 -1.73 -9.48
C GLY A 32 -8.04 -2.36 -9.10
N THR A 33 -7.03 -2.13 -9.93
CA THR A 33 -5.70 -2.69 -9.69
C THR A 33 -4.73 -1.61 -9.22
N PHE A 34 -3.54 -2.04 -8.79
CA PHE A 34 -2.53 -1.10 -8.32
C PHE A 34 -1.18 -1.81 -8.17
N GLN A 35 -0.13 -1.03 -7.92
CA GLN A 35 1.21 -1.57 -7.76
C GLN A 35 1.93 -0.92 -6.58
N ILE A 36 2.18 -1.73 -5.54
CA ILE A 36 2.86 -1.22 -4.35
C ILE A 36 4.38 -1.23 -4.53
N VAL A 37 5.03 -0.18 -4.07
CA VAL A 37 6.48 -0.06 -4.17
C VAL A 37 7.07 0.58 -2.93
N TYR A 38 8.03 -0.10 -2.31
CA TYR A 38 8.68 0.40 -1.11
C TYR A 38 10.01 1.05 -1.44
N LYS A 39 10.03 2.38 -1.42
CA LYS A 39 11.25 3.14 -1.72
C LYS A 39 11.87 3.69 -0.45
N SER A 40 13.01 3.12 -0.06
CA SER A 40 13.71 3.56 1.15
C SER A 40 15.22 3.55 0.93
N ARG A 41 15.95 4.23 1.82
CA ARG A 41 17.40 4.30 1.72
C ARG A 41 18.04 3.10 2.41
N ASN A 42 17.55 2.77 3.59
CA ASN A 42 18.09 1.63 4.34
C ASN A 42 17.11 1.20 5.43
N ASN A 43 16.83 -0.10 5.46
CA ASN A 43 15.91 -0.65 6.46
C ASN A 43 16.62 -0.88 7.79
N SER A 44 16.31 -0.05 8.78
CA SER A 44 16.92 -0.16 10.10
C SER A 44 16.07 -1.03 11.01
N HIS A 45 14.77 -0.72 11.08
CA HIS A 45 13.85 -1.47 11.93
C HIS A 45 12.70 -2.04 11.10
N VAL A 46 12.13 -1.21 10.24
CA VAL A 46 11.02 -1.63 9.39
C VAL A 46 11.52 -2.40 8.17
N ASN A 47 10.82 -3.47 7.82
CA ASN A 47 11.20 -4.29 6.68
C ASN A 47 10.54 -3.77 5.40
N ARG A 48 10.95 -4.32 4.27
CA ARG A 48 10.41 -3.91 2.97
C ARG A 48 9.13 -4.68 2.65
N GLU A 49 9.14 -5.97 2.97
CA GLU A 49 7.98 -6.82 2.72
C GLU A 49 6.84 -6.48 3.68
N GLU A 50 7.12 -6.58 4.98
CA GLU A 50 6.12 -6.29 6.01
C GLU A 50 5.22 -5.15 5.56
N VAL A 51 5.81 -4.07 5.08
CA VAL A 51 5.05 -2.91 4.62
C VAL A 51 4.30 -3.22 3.34
N ILE A 52 5.01 -3.72 2.34
CA ILE A 52 4.41 -4.05 1.05
C ILE A 52 3.33 -5.12 1.22
N ARG A 53 3.77 -6.35 1.50
CA ARG A 53 2.84 -7.46 1.69
C ARG A 53 1.54 -6.99 2.35
N GLU A 54 1.67 -6.39 3.53
CA GLU A 54 0.51 -5.90 4.27
C GLU A 54 -0.27 -4.89 3.43
N LEU A 55 0.39 -3.80 3.05
CA LEU A 55 -0.24 -2.76 2.25
C LEU A 55 -1.23 -3.37 1.26
N ALA A 56 -0.84 -4.48 0.66
CA ALA A 56 -1.69 -5.16 -0.31
C ALA A 56 -2.79 -5.96 0.39
N GLY A 57 -2.41 -6.71 1.41
CA GLY A 57 -3.38 -7.50 2.15
C GLY A 57 -4.54 -6.68 2.67
N ILE A 58 -4.27 -5.40 2.93
CA ILE A 58 -5.30 -4.49 3.44
C ILE A 58 -6.24 -4.04 2.32
N VAL A 59 -5.66 -3.76 1.15
CA VAL A 59 -6.45 -3.31 0.01
C VAL A 59 -7.58 -4.29 -0.30
N CYS A 60 -7.22 -5.57 -0.44
CA CYS A 60 -8.20 -6.60 -0.73
C CYS A 60 -9.30 -6.63 0.32
N THR A 61 -8.92 -6.36 1.57
CA THR A 61 -9.88 -6.36 2.67
C THR A 61 -11.00 -5.35 2.42
N LEU A 62 -10.65 -4.24 1.80
CA LEU A 62 -11.64 -3.20 1.50
C LEU A 62 -12.66 -3.68 0.47
N ASN A 63 -12.19 -3.87 -0.76
CA ASN A 63 -13.06 -4.34 -1.83
C ASN A 63 -12.47 -5.58 -2.50
N SER A 64 -13.22 -6.68 -2.47
CA SER A 64 -12.77 -7.93 -3.07
C SER A 64 -12.44 -7.73 -4.54
N GLU A 65 -13.00 -6.68 -5.13
CA GLU A 65 -12.77 -6.38 -6.54
C GLU A 65 -11.34 -5.87 -6.75
N ASN A 66 -10.73 -5.36 -5.69
CA ASN A 66 -9.38 -4.83 -5.76
C ASN A 66 -8.37 -5.95 -5.97
N LYS A 67 -7.41 -5.72 -6.86
CA LYS A 67 -6.39 -6.71 -7.16
C LYS A 67 -5.08 -6.03 -7.56
N VAL A 68 -4.08 -6.11 -6.69
CA VAL A 68 -2.78 -5.51 -6.94
C VAL A 68 -2.11 -6.15 -8.16
N ASP A 69 -1.82 -5.34 -9.16
CA ASP A 69 -1.18 -5.83 -10.38
C ASP A 69 0.14 -5.10 -10.64
N LEU A 70 1.09 -5.80 -11.24
CA LEU A 70 2.39 -5.22 -11.53
C LEU A 70 2.60 -5.10 -13.04
N THR A 71 1.58 -5.46 -13.81
CA THR A 71 1.66 -5.39 -15.26
C THR A 71 0.83 -4.23 -15.80
N ASN A 72 -0.41 -4.14 -15.35
CA ASN A 72 -1.31 -3.08 -15.79
C ASN A 72 -2.00 -2.42 -14.60
N PRO A 73 -1.19 -1.92 -13.65
CA PRO A 73 -1.70 -1.26 -12.44
C PRO A 73 -2.35 0.09 -12.75
N GLN A 74 -3.52 0.34 -12.17
CA GLN A 74 -4.23 1.59 -12.38
C GLN A 74 -3.82 2.63 -11.34
N TYR A 75 -3.43 2.16 -10.16
CA TYR A 75 -3.01 3.06 -9.08
C TYR A 75 -1.66 2.64 -8.53
N THR A 76 -0.78 3.61 -8.32
CA THR A 76 0.55 3.34 -7.80
C THR A 76 0.68 3.81 -6.35
N VAL A 77 0.82 2.87 -5.43
CA VAL A 77 0.94 3.18 -4.02
C VAL A 77 2.35 2.89 -3.51
N VAL A 78 3.16 3.94 -3.39
CA VAL A 78 4.53 3.79 -2.92
C VAL A 78 4.67 4.28 -1.48
N VAL A 79 5.56 3.66 -0.73
CA VAL A 79 5.80 4.03 0.66
C VAL A 79 7.24 4.48 0.88
N GLU A 80 7.44 5.79 0.95
CA GLU A 80 8.77 6.35 1.15
C GLU A 80 9.05 6.54 2.64
N ILE A 81 10.33 6.41 3.01
CA ILE A 81 10.74 6.58 4.40
C ILE A 81 11.64 7.79 4.57
N ILE A 82 11.15 8.78 5.30
CA ILE A 82 11.91 10.00 5.54
C ILE A 82 11.97 10.33 7.02
N LYS A 83 13.04 9.93 7.68
CA LYS A 83 13.23 10.19 9.10
C LYS A 83 12.24 9.36 9.93
N ALA A 84 12.03 8.12 9.50
CA ALA A 84 11.11 7.22 10.21
C ALA A 84 9.66 7.66 10.02
N VAL A 85 9.33 8.07 8.80
CA VAL A 85 7.97 8.50 8.49
C VAL A 85 7.44 7.81 7.24
N CYS A 86 6.22 7.28 7.33
CA CYS A 86 5.59 6.59 6.22
C CYS A 86 4.91 7.58 5.27
N CYS A 87 5.45 7.71 4.07
CA CYS A 87 4.90 8.62 3.08
C CYS A 87 4.25 7.86 1.92
N LEU A 88 2.94 7.72 1.98
CA LEU A 88 2.20 7.01 0.95
C LEU A 88 1.82 7.94 -0.20
N SER A 89 2.32 7.64 -1.39
CA SER A 89 2.04 8.45 -2.57
C SER A 89 1.20 7.68 -3.58
N VAL A 90 0.03 8.22 -3.90
CA VAL A 90 -0.88 7.59 -4.85
C VAL A 90 -0.88 8.32 -6.19
N VAL A 91 -0.51 7.61 -7.25
CA VAL A 91 -0.47 8.19 -8.59
C VAL A 91 -1.30 7.37 -9.57
N LYS A 92 -2.21 8.04 -10.26
CA LYS A 92 -3.08 7.38 -11.23
C LYS A 92 -2.43 7.38 -12.61
N SER A 93 -2.08 6.18 -13.09
CA SER A 93 -1.45 6.04 -14.40
C SER A 93 -2.32 5.19 -15.33
N GLY A 94 -2.30 5.52 -16.62
CA GLY A 94 -3.09 4.79 -17.58
C GLY A 94 -3.44 5.62 -18.80
N PRO A 95 -2.42 6.01 -19.58
CA PRO A 95 -2.61 6.82 -20.79
C PRO A 95 -3.30 6.04 -21.91
N SER A 96 -4.13 6.73 -22.68
CA SER A 96 -4.85 6.10 -23.78
C SER A 96 -5.37 7.15 -24.76
N SER A 97 -5.92 6.69 -25.87
CA SER A 97 -6.45 7.59 -26.89
C SER A 97 -7.97 7.67 -26.81
N GLY A 98 -8.51 8.86 -27.05
CA GLY A 98 -9.95 9.05 -27.00
C GLY A 98 -10.47 9.12 -25.58
N GLY A 1 5.88 -14.28 13.87
CA GLY A 1 5.41 -15.38 14.68
C GLY A 1 6.44 -16.49 14.79
N SER A 2 7.64 -16.16 15.25
CA SER A 2 8.71 -17.13 15.39
C SER A 2 9.14 -17.26 16.85
N SER A 3 9.29 -16.12 17.52
CA SER A 3 9.71 -16.11 18.92
C SER A 3 9.37 -14.77 19.56
N GLY A 4 8.68 -14.83 20.71
CA GLY A 4 8.30 -13.62 21.41
C GLY A 4 7.70 -12.58 20.48
N SER A 5 6.38 -12.63 20.31
CA SER A 5 5.68 -11.69 19.45
C SER A 5 6.09 -10.25 19.77
N SER A 6 5.76 -9.34 18.86
CA SER A 6 6.10 -7.92 19.04
C SER A 6 5.23 -7.04 18.16
N GLY A 7 4.49 -6.14 18.79
CA GLY A 7 3.62 -5.24 18.04
C GLY A 7 4.37 -4.04 17.48
N LYS A 8 4.59 -4.03 16.17
CA LYS A 8 5.29 -2.95 15.51
C LYS A 8 4.33 -1.79 15.21
N ALA A 9 4.17 -0.89 16.17
CA ALA A 9 3.29 0.25 16.00
C ALA A 9 3.43 0.86 14.61
N PHE A 10 4.68 1.01 14.16
CA PHE A 10 4.96 1.57 12.85
C PHE A 10 3.95 1.06 11.81
N LEU A 11 3.72 -0.24 11.82
CA LEU A 11 2.78 -0.86 10.89
C LEU A 11 1.34 -0.68 11.36
N GLU A 12 1.11 -0.94 12.65
CA GLU A 12 -0.23 -0.80 13.21
C GLU A 12 -0.87 0.52 12.79
N ASP A 13 -0.19 1.62 13.09
CA ASP A 13 -0.69 2.94 12.75
C ASP A 13 -0.87 3.08 11.23
N MET A 14 0.20 2.83 10.49
CA MET A 14 0.16 2.92 9.04
C MET A 14 -1.11 2.28 8.48
N LYS A 15 -1.27 0.98 8.73
CA LYS A 15 -2.44 0.25 8.26
C LYS A 15 -3.68 1.13 8.31
N LYS A 16 -4.15 1.41 9.52
CA LYS A 16 -5.34 2.23 9.71
C LYS A 16 -5.35 3.40 8.72
N TYR A 17 -4.38 4.30 8.86
CA TYR A 17 -4.28 5.46 8.00
C TYR A 17 -4.41 5.05 6.53
N ALA A 18 -3.40 4.34 6.03
CA ALA A 18 -3.40 3.88 4.64
C ALA A 18 -4.77 3.36 4.24
N GLU A 19 -5.47 2.74 5.18
CA GLU A 19 -6.79 2.19 4.92
C GLU A 19 -7.81 3.32 4.71
N THR A 20 -8.14 4.01 5.80
CA THR A 20 -9.10 5.10 5.74
C THR A 20 -8.68 6.16 4.72
N PHE A 21 -7.42 6.08 4.29
CA PHE A 21 -6.88 7.03 3.32
C PHE A 21 -7.03 6.49 1.90
N LEU A 22 -6.82 5.19 1.74
CA LEU A 22 -6.92 4.55 0.43
C LEU A 22 -8.34 4.05 0.19
N GLU A 23 -9.21 4.21 1.19
CA GLU A 23 -10.58 3.77 1.08
C GLU A 23 -11.18 4.18 -0.27
N PRO A 24 -11.17 5.49 -0.55
CA PRO A 24 -11.70 6.03 -1.80
C PRO A 24 -10.84 5.66 -3.01
N TRP A 25 -9.69 5.04 -2.75
CA TRP A 25 -8.78 4.63 -3.82
C TRP A 25 -8.84 3.12 -4.03
N PHE A 26 -9.33 2.41 -3.03
CA PHE A 26 -9.45 0.95 -3.11
C PHE A 26 -10.81 0.49 -2.62
N LYS A 27 -11.28 1.07 -1.52
CA LYS A 27 -12.57 0.71 -0.96
C LYS A 27 -13.70 1.32 -1.77
N ALA A 28 -14.73 0.52 -2.03
CA ALA A 28 -15.89 0.98 -2.79
C ALA A 28 -16.30 2.38 -2.37
N PRO A 29 -17.00 3.09 -3.26
CA PRO A 29 -17.37 2.56 -4.58
C PRO A 29 -16.17 2.41 -5.50
N ASN A 30 -15.01 2.90 -5.05
CA ASN A 30 -13.80 2.82 -5.84
C ASN A 30 -13.21 1.41 -5.81
N LYS A 31 -12.51 1.04 -6.87
CA LYS A 31 -11.90 -0.29 -6.96
C LYS A 31 -11.06 -0.42 -8.22
N GLY A 32 -10.19 -1.43 -8.26
CA GLY A 32 -9.34 -1.63 -9.41
C GLY A 32 -8.02 -2.28 -9.04
N THR A 33 -7.02 -2.09 -9.90
CA THR A 33 -5.70 -2.67 -9.66
C THR A 33 -4.72 -1.61 -9.18
N PHE A 34 -3.54 -2.05 -8.75
CA PHE A 34 -2.52 -1.14 -8.26
C PHE A 34 -1.18 -1.86 -8.07
N GLN A 35 -0.12 -1.09 -7.85
CA GLN A 35 1.21 -1.66 -7.66
C GLN A 35 1.94 -0.97 -6.52
N ILE A 36 2.20 -1.71 -5.46
CA ILE A 36 2.89 -1.16 -4.29
C ILE A 36 4.41 -1.21 -4.48
N VAL A 37 5.09 -0.19 -3.97
CA VAL A 37 6.55 -0.13 -4.08
C VAL A 37 7.16 0.50 -2.84
N TYR A 38 8.04 -0.23 -2.18
CA TYR A 38 8.71 0.26 -0.97
C TYR A 38 9.99 1.00 -1.32
N LYS A 39 9.96 2.33 -1.16
CA LYS A 39 11.12 3.15 -1.46
C LYS A 39 11.81 3.61 -0.17
N SER A 40 13.13 3.72 -0.21
CA SER A 40 13.90 4.14 0.95
C SER A 40 15.00 5.11 0.55
N ARG A 41 15.16 6.17 1.33
CA ARG A 41 16.17 7.18 1.05
C ARG A 41 17.26 7.17 2.12
N ASN A 42 16.85 7.36 3.37
CA ASN A 42 17.78 7.38 4.49
C ASN A 42 18.16 5.96 4.90
N ASN A 43 17.19 5.22 5.43
CA ASN A 43 17.42 3.85 5.86
C ASN A 43 16.11 3.14 6.17
N SER A 44 16.06 1.83 5.94
CA SER A 44 14.87 1.04 6.19
C SER A 44 14.73 0.73 7.67
N HIS A 45 15.55 -0.20 8.15
CA HIS A 45 15.53 -0.59 9.55
C HIS A 45 14.16 -1.15 9.93
N VAL A 46 13.55 -1.88 9.01
CA VAL A 46 12.23 -2.47 9.25
C VAL A 46 11.82 -3.37 8.09
N ASN A 47 11.29 -4.54 8.42
CA ASN A 47 10.85 -5.50 7.42
C ASN A 47 10.24 -4.78 6.21
N ARG A 48 11.03 -4.63 5.16
CA ARG A 48 10.57 -3.96 3.95
C ARG A 48 9.44 -4.74 3.29
N GLU A 49 9.66 -6.04 3.10
CA GLU A 49 8.66 -6.90 2.49
C GLU A 49 7.33 -6.81 3.23
N GLU A 50 7.38 -7.02 4.55
CA GLU A 50 6.18 -6.96 5.37
C GLU A 50 5.32 -5.76 5.00
N VAL A 51 5.90 -4.57 5.13
CA VAL A 51 5.19 -3.34 4.81
C VAL A 51 4.45 -3.45 3.47
N ILE A 52 5.12 -4.04 2.49
CA ILE A 52 4.52 -4.22 1.16
C ILE A 52 3.43 -5.29 1.19
N ARG A 53 3.83 -6.53 1.44
CA ARG A 53 2.89 -7.64 1.49
C ARG A 53 1.67 -7.28 2.35
N GLU A 54 1.88 -6.41 3.34
CA GLU A 54 0.80 -5.99 4.22
C GLU A 54 -0.07 -4.95 3.55
N LEU A 55 0.55 -3.83 3.16
CA LEU A 55 -0.18 -2.75 2.49
C LEU A 55 -1.15 -3.30 1.45
N ALA A 56 -0.75 -4.39 0.80
CA ALA A 56 -1.59 -5.01 -0.22
C ALA A 56 -2.71 -5.82 0.42
N GLY A 57 -2.37 -6.59 1.45
CA GLY A 57 -3.37 -7.40 2.13
C GLY A 57 -4.53 -6.59 2.64
N ILE A 58 -4.29 -5.32 2.93
CA ILE A 58 -5.33 -4.44 3.43
C ILE A 58 -6.26 -4.00 2.30
N VAL A 59 -5.69 -3.66 1.16
CA VAL A 59 -6.47 -3.23 0.01
C VAL A 59 -7.62 -4.19 -0.27
N CYS A 60 -7.30 -5.47 -0.44
CA CYS A 60 -8.30 -6.49 -0.70
C CYS A 60 -9.38 -6.48 0.37
N THR A 61 -8.97 -6.26 1.62
CA THR A 61 -9.89 -6.24 2.74
C THR A 61 -10.99 -5.19 2.53
N LEU A 62 -10.63 -4.11 1.85
CA LEU A 62 -11.59 -3.04 1.57
C LEU A 62 -12.62 -3.48 0.53
N ASN A 63 -12.15 -3.72 -0.69
CA ASN A 63 -13.02 -4.15 -1.77
C ASN A 63 -12.47 -5.40 -2.45
N SER A 64 -13.25 -6.48 -2.40
CA SER A 64 -12.84 -7.74 -3.00
C SER A 64 -12.48 -7.55 -4.47
N GLU A 65 -13.06 -6.52 -5.08
CA GLU A 65 -12.80 -6.23 -6.48
C GLU A 65 -11.36 -5.76 -6.69
N ASN A 66 -10.78 -5.20 -5.64
CA ASN A 66 -9.41 -4.70 -5.70
C ASN A 66 -8.42 -5.85 -5.93
N LYS A 67 -7.50 -5.65 -6.86
CA LYS A 67 -6.50 -6.66 -7.17
C LYS A 67 -5.18 -6.02 -7.57
N VAL A 68 -4.20 -6.08 -6.66
CA VAL A 68 -2.89 -5.50 -6.91
C VAL A 68 -2.20 -6.19 -8.08
N ASP A 69 -1.90 -5.42 -9.13
CA ASP A 69 -1.24 -5.96 -10.32
C ASP A 69 0.05 -5.20 -10.60
N LEU A 70 1.03 -5.91 -11.17
CA LEU A 70 2.31 -5.31 -11.50
C LEU A 70 2.51 -5.24 -13.01
N THR A 71 1.49 -5.66 -13.76
CA THR A 71 1.55 -5.64 -15.21
C THR A 71 0.75 -4.48 -15.79
N ASN A 72 -0.49 -4.34 -15.33
CA ASN A 72 -1.36 -3.26 -15.80
C ASN A 72 -2.07 -2.58 -14.63
N PRO A 73 -1.26 -2.07 -13.69
CA PRO A 73 -1.78 -1.37 -12.50
C PRO A 73 -2.40 -0.04 -12.84
N GLN A 74 -3.55 0.26 -12.22
CA GLN A 74 -4.24 1.52 -12.46
C GLN A 74 -3.77 2.60 -11.49
N TYR A 75 -3.47 2.18 -10.26
CA TYR A 75 -3.01 3.12 -9.24
C TYR A 75 -1.70 2.65 -8.62
N THR A 76 -0.71 3.52 -8.61
CA THR A 76 0.59 3.20 -8.05
C THR A 76 0.75 3.76 -6.64
N VAL A 77 0.78 2.87 -5.65
CA VAL A 77 0.92 3.27 -4.27
C VAL A 77 2.34 3.03 -3.76
N VAL A 78 3.13 4.11 -3.71
CA VAL A 78 4.51 4.01 -3.26
C VAL A 78 4.64 4.53 -1.82
N VAL A 79 5.60 3.96 -1.09
CA VAL A 79 5.84 4.36 0.29
C VAL A 79 7.27 4.84 0.49
N GLU A 80 7.45 6.15 0.55
CA GLU A 80 8.77 6.74 0.73
C GLU A 80 9.07 6.92 2.22
N ILE A 81 10.32 6.63 2.60
CA ILE A 81 10.74 6.76 3.98
C ILE A 81 11.58 8.02 4.19
N ILE A 82 11.03 8.97 4.93
CA ILE A 82 11.73 10.22 5.20
C ILE A 82 11.73 10.55 6.69
N LYS A 83 12.88 10.36 7.33
CA LYS A 83 13.01 10.63 8.76
C LYS A 83 12.08 9.74 9.58
N ALA A 84 11.95 8.49 9.13
CA ALA A 84 11.09 7.53 9.83
C ALA A 84 9.62 7.88 9.65
N VAL A 85 9.26 8.30 8.44
CA VAL A 85 7.88 8.66 8.14
C VAL A 85 7.39 7.95 6.88
N CYS A 86 6.24 7.29 7.00
CA CYS A 86 5.66 6.56 5.87
C CYS A 86 4.87 7.51 4.97
N CYS A 87 5.46 7.87 3.84
CA CYS A 87 4.80 8.76 2.89
C CYS A 87 4.16 7.98 1.75
N LEU A 88 2.83 7.88 1.79
CA LEU A 88 2.09 7.15 0.76
C LEU A 88 1.71 8.07 -0.39
N SER A 89 2.21 7.76 -1.58
CA SER A 89 1.93 8.56 -2.76
C SER A 89 1.16 7.75 -3.79
N VAL A 90 -0.04 8.21 -4.13
CA VAL A 90 -0.88 7.53 -5.11
C VAL A 90 -0.84 8.24 -6.46
N VAL A 91 -0.39 7.53 -7.49
CA VAL A 91 -0.31 8.09 -8.83
C VAL A 91 -1.23 7.35 -9.80
N LYS A 92 -2.05 8.09 -10.52
CA LYS A 92 -2.97 7.51 -11.47
C LYS A 92 -2.43 7.63 -12.89
N SER A 93 -1.97 6.51 -13.44
CA SER A 93 -1.42 6.50 -14.80
C SER A 93 -2.23 5.56 -15.70
N GLY A 94 -2.55 4.39 -15.18
CA GLY A 94 -3.32 3.42 -15.95
C GLY A 94 -4.33 4.07 -16.86
N PRO A 95 -3.98 4.18 -18.16
CA PRO A 95 -4.85 4.80 -19.16
C PRO A 95 -6.08 3.94 -19.47
N SER A 96 -7.15 4.19 -18.73
CA SER A 96 -8.40 3.43 -18.92
C SER A 96 -8.95 3.65 -20.32
N SER A 97 -9.56 2.61 -20.88
CA SER A 97 -10.15 2.69 -22.22
C SER A 97 -11.65 2.92 -22.15
N GLY A 98 -12.04 4.19 -22.05
CA GLY A 98 -13.45 4.51 -21.99
C GLY A 98 -13.75 5.91 -22.51
N GLY A 1 -4.07 -19.28 14.46
CA GLY A 1 -3.47 -19.80 15.68
C GLY A 1 -2.11 -19.20 15.95
N SER A 2 -1.11 -19.65 15.21
CA SER A 2 0.26 -19.16 15.37
C SER A 2 0.32 -17.65 15.16
N SER A 3 0.73 -16.92 16.18
CA SER A 3 0.83 -15.47 16.10
C SER A 3 2.28 -15.02 16.28
N GLY A 4 2.54 -13.74 15.98
CA GLY A 4 3.88 -13.20 16.11
C GLY A 4 3.88 -11.70 16.33
N SER A 5 3.10 -11.24 17.30
CA SER A 5 3.01 -9.82 17.60
C SER A 5 4.27 -9.32 18.30
N SER A 6 5.08 -8.55 17.59
CA SER A 6 6.32 -8.02 18.15
C SER A 6 6.20 -6.52 18.41
N GLY A 7 5.05 -6.11 18.93
CA GLY A 7 4.84 -4.70 19.22
C GLY A 7 5.49 -3.79 18.19
N LYS A 8 4.79 -3.53 17.10
CA LYS A 8 5.30 -2.67 16.04
C LYS A 8 4.26 -1.63 15.62
N ALA A 9 4.23 -0.52 16.35
CA ALA A 9 3.28 0.54 16.05
C ALA A 9 3.47 1.08 14.64
N PHE A 10 4.73 1.35 14.28
CA PHE A 10 5.05 1.86 12.95
C PHE A 10 4.13 1.27 11.90
N LEU A 11 3.88 -0.02 12.00
CA LEU A 11 3.00 -0.72 11.04
C LEU A 11 1.53 -0.56 11.45
N GLU A 12 1.25 -0.82 12.72
CA GLU A 12 -0.11 -0.72 13.24
C GLU A 12 -0.77 0.58 12.77
N ASP A 13 -0.05 1.69 12.90
CA ASP A 13 -0.56 2.99 12.49
C ASP A 13 -0.61 3.09 10.96
N MET A 14 0.47 2.69 10.31
CA MET A 14 0.56 2.74 8.85
C MET A 14 -0.69 2.13 8.23
N LYS A 15 -1.23 1.10 8.86
CA LYS A 15 -2.41 0.42 8.36
C LYS A 15 -3.66 1.30 8.54
N LYS A 16 -4.06 1.49 9.80
CA LYS A 16 -5.22 2.32 10.10
C LYS A 16 -5.28 3.54 9.20
N TYR A 17 -4.11 3.97 8.73
CA TYR A 17 -4.03 5.14 7.87
C TYR A 17 -4.18 4.75 6.40
N ALA A 18 -3.20 4.03 5.88
CA ALA A 18 -3.21 3.59 4.49
C ALA A 18 -4.61 3.10 4.10
N GLU A 19 -5.36 2.61 5.08
CA GLU A 19 -6.71 2.12 4.83
C GLU A 19 -7.68 3.27 4.62
N THR A 20 -7.97 4.00 5.69
CA THR A 20 -8.89 5.13 5.63
C THR A 20 -8.40 6.18 4.63
N PHE A 21 -7.16 6.02 4.17
CA PHE A 21 -6.58 6.96 3.23
C PHE A 21 -6.78 6.47 1.80
N LEU A 22 -6.69 5.16 1.60
CA LEU A 22 -6.86 4.57 0.27
C LEU A 22 -8.28 4.05 0.09
N GLU A 23 -9.10 4.21 1.13
CA GLU A 23 -10.48 3.75 1.09
C GLU A 23 -11.15 4.16 -0.22
N PRO A 24 -11.16 5.47 -0.50
CA PRO A 24 -11.75 6.02 -1.72
C PRO A 24 -10.96 5.67 -2.97
N TRP A 25 -9.80 5.05 -2.77
CA TRP A 25 -8.94 4.65 -3.89
C TRP A 25 -8.99 3.14 -4.10
N PHE A 26 -9.42 2.42 -3.07
CA PHE A 26 -9.51 0.97 -3.14
C PHE A 26 -10.89 0.48 -2.69
N LYS A 27 -11.38 1.05 -1.60
CA LYS A 27 -12.69 0.68 -1.07
C LYS A 27 -13.81 1.31 -1.89
N ALA A 28 -14.82 0.50 -2.20
CA ALA A 28 -15.96 0.97 -2.98
C ALA A 28 -16.39 2.37 -2.55
N PRO A 29 -17.09 3.08 -3.44
CA PRO A 29 -17.43 2.56 -4.77
C PRO A 29 -16.21 2.43 -5.68
N ASN A 30 -15.06 2.85 -5.18
CA ASN A 30 -13.82 2.79 -5.94
C ASN A 30 -13.25 1.37 -5.93
N LYS A 31 -12.55 1.01 -6.99
CA LYS A 31 -11.95 -0.32 -7.10
C LYS A 31 -11.09 -0.42 -8.36
N GLY A 32 -10.25 -1.45 -8.42
CA GLY A 32 -9.39 -1.65 -9.57
C GLY A 32 -8.08 -2.31 -9.20
N THR A 33 -7.05 -2.04 -9.99
CA THR A 33 -5.72 -2.61 -9.75
C THR A 33 -4.77 -1.57 -9.20
N PHE A 34 -3.60 -2.02 -8.75
CA PHE A 34 -2.59 -1.12 -8.19
C PHE A 34 -1.25 -1.84 -8.04
N GLN A 35 -0.19 -1.06 -7.85
CA GLN A 35 1.15 -1.62 -7.69
C GLN A 35 1.89 -0.93 -6.54
N ILE A 36 2.22 -1.70 -5.52
CA ILE A 36 2.93 -1.16 -4.36
C ILE A 36 4.45 -1.21 -4.58
N VAL A 37 5.14 -0.23 -4.04
CA VAL A 37 6.60 -0.16 -4.16
C VAL A 37 7.24 0.39 -2.90
N TYR A 38 8.21 -0.35 -2.37
CA TYR A 38 8.90 0.06 -1.15
C TYR A 38 10.11 0.93 -1.47
N LYS A 39 10.00 2.22 -1.18
CA LYS A 39 11.08 3.16 -1.44
C LYS A 39 11.65 3.70 -0.13
N SER A 40 12.85 3.25 0.23
CA SER A 40 13.50 3.68 1.45
C SER A 40 14.99 3.90 1.22
N ARG A 41 15.58 4.80 2.00
CA ARG A 41 17.00 5.10 1.88
C ARG A 41 17.84 3.83 1.96
N ASN A 42 19.05 3.88 1.41
CA ASN A 42 19.95 2.73 1.43
C ASN A 42 19.87 1.99 2.76
N ASN A 43 20.04 2.73 3.85
CA ASN A 43 19.99 2.15 5.19
C ASN A 43 18.55 1.85 5.60
N SER A 44 18.14 0.60 5.45
CA SER A 44 16.79 0.19 5.79
C SER A 44 16.71 -0.22 7.26
N HIS A 45 15.81 0.41 7.99
CA HIS A 45 15.62 0.12 9.42
C HIS A 45 14.42 -0.79 9.63
N VAL A 46 13.30 -0.42 9.01
CA VAL A 46 12.06 -1.20 9.14
C VAL A 46 11.94 -2.21 8.02
N ASN A 47 11.20 -3.29 8.27
CA ASN A 47 11.00 -4.34 7.28
C ASN A 47 10.53 -3.75 5.95
N ARG A 48 10.85 -4.43 4.86
CA ARG A 48 10.46 -3.98 3.53
C ARG A 48 9.29 -4.80 2.99
N GLU A 49 9.36 -6.11 3.17
CA GLU A 49 8.30 -7.00 2.71
C GLU A 49 7.02 -6.79 3.51
N GLU A 50 7.13 -6.91 4.83
CA GLU A 50 5.98 -6.73 5.71
C GLU A 50 5.15 -5.52 5.28
N VAL A 51 5.83 -4.42 5.00
CA VAL A 51 5.16 -3.19 4.58
C VAL A 51 4.37 -3.41 3.29
N ILE A 52 5.09 -3.81 2.23
CA ILE A 52 4.46 -4.04 0.94
C ILE A 52 3.35 -5.09 1.05
N ARG A 53 3.74 -6.34 1.31
CA ARG A 53 2.78 -7.43 1.45
C ARG A 53 1.55 -6.97 2.22
N GLU A 54 1.76 -6.58 3.48
CA GLU A 54 0.67 -6.12 4.33
C GLU A 54 -0.19 -5.09 3.60
N LEU A 55 0.40 -3.94 3.28
CA LEU A 55 -0.32 -2.88 2.60
C LEU A 55 -1.28 -3.46 1.55
N ALA A 56 -0.84 -4.49 0.85
CA ALA A 56 -1.66 -5.13 -0.16
C ALA A 56 -2.79 -5.93 0.47
N GLY A 57 -2.45 -6.73 1.47
CA GLY A 57 -3.45 -7.54 2.15
C GLY A 57 -4.62 -6.71 2.66
N ILE A 58 -4.37 -5.42 2.89
CA ILE A 58 -5.41 -4.53 3.38
C ILE A 58 -6.26 -4.00 2.23
N VAL A 59 -5.61 -3.58 1.15
CA VAL A 59 -6.30 -3.06 -0.02
C VAL A 59 -7.45 -3.98 -0.43
N CYS A 60 -7.14 -5.25 -0.63
CA CYS A 60 -8.15 -6.23 -1.03
C CYS A 60 -9.26 -6.32 0.01
N THR A 61 -8.89 -6.23 1.28
CA THR A 61 -9.86 -6.30 2.37
C THR A 61 -11.01 -5.32 2.14
N LEU A 62 -10.67 -4.11 1.67
CA LEU A 62 -11.68 -3.09 1.41
C LEU A 62 -12.68 -3.56 0.38
N ASN A 63 -12.23 -3.70 -0.86
CA ASN A 63 -13.09 -4.15 -1.95
C ASN A 63 -12.52 -5.40 -2.62
N SER A 64 -13.30 -6.48 -2.62
CA SER A 64 -12.87 -7.73 -3.21
C SER A 64 -12.55 -7.55 -4.69
N GLU A 65 -13.06 -6.46 -5.28
CA GLU A 65 -12.83 -6.17 -6.68
C GLU A 65 -11.40 -5.68 -6.91
N ASN A 66 -10.78 -5.17 -5.85
CA ASN A 66 -9.41 -4.67 -5.93
C ASN A 66 -8.42 -5.83 -6.06
N LYS A 67 -7.40 -5.62 -6.87
CA LYS A 67 -6.37 -6.65 -7.08
C LYS A 67 -5.01 -6.01 -7.32
N VAL A 68 -4.02 -6.40 -6.53
CA VAL A 68 -2.67 -5.87 -6.66
C VAL A 68 -1.96 -6.46 -7.88
N ASP A 69 -1.63 -5.60 -8.83
CA ASP A 69 -0.96 -6.02 -10.05
C ASP A 69 0.27 -5.16 -10.33
N LEU A 70 1.30 -5.75 -10.91
CA LEU A 70 2.52 -5.04 -11.24
C LEU A 70 2.73 -4.95 -12.74
N THR A 71 1.75 -5.45 -13.49
CA THR A 71 1.82 -5.43 -14.95
C THR A 71 0.94 -4.33 -15.53
N ASN A 72 -0.34 -4.34 -15.16
CA ASN A 72 -1.29 -3.36 -15.64
C ASN A 72 -2.01 -2.69 -14.48
N PRO A 73 -1.25 -2.14 -13.53
CA PRO A 73 -1.80 -1.46 -12.35
C PRO A 73 -2.46 -0.14 -12.70
N GLN A 74 -3.58 0.14 -12.03
CA GLN A 74 -4.31 1.38 -12.28
C GLN A 74 -3.90 2.47 -11.30
N TYR A 75 -3.47 2.05 -10.11
CA TYR A 75 -3.04 2.99 -9.09
C TYR A 75 -1.71 2.57 -8.48
N THR A 76 -0.71 3.45 -8.58
CA THR A 76 0.61 3.16 -8.05
C THR A 76 0.78 3.73 -6.65
N VAL A 77 0.78 2.83 -5.65
CA VAL A 77 0.93 3.24 -4.26
C VAL A 77 2.36 3.02 -3.76
N VAL A 78 3.14 4.10 -3.73
CA VAL A 78 4.52 4.01 -3.28
C VAL A 78 4.66 4.46 -1.82
N VAL A 79 5.54 3.80 -1.08
CA VAL A 79 5.76 4.13 0.32
C VAL A 79 7.17 4.66 0.54
N GLU A 80 7.28 5.98 0.67
CA GLU A 80 8.57 6.61 0.89
C GLU A 80 8.80 6.91 2.38
N ILE A 81 10.05 6.81 2.81
CA ILE A 81 10.40 7.07 4.20
C ILE A 81 11.25 8.33 4.34
N ILE A 82 10.63 9.39 4.84
CA ILE A 82 11.32 10.66 5.03
C ILE A 82 11.44 11.02 6.50
N LYS A 83 12.63 10.81 7.06
CA LYS A 83 12.87 11.11 8.46
C LYS A 83 12.09 10.17 9.37
N ALA A 84 11.92 8.93 8.92
CA ALA A 84 11.19 7.93 9.70
C ALA A 84 9.69 8.21 9.68
N VAL A 85 9.17 8.57 8.51
CA VAL A 85 7.76 8.87 8.37
C VAL A 85 7.16 8.16 7.16
N CYS A 86 6.15 7.34 7.40
CA CYS A 86 5.49 6.61 6.32
C CYS A 86 4.77 7.56 5.37
N CYS A 87 5.32 7.71 4.17
CA CYS A 87 4.73 8.59 3.17
C CYS A 87 4.16 7.79 2.00
N LEU A 88 2.83 7.79 1.88
CA LEU A 88 2.16 7.06 0.81
C LEU A 88 1.75 8.01 -0.31
N SER A 89 2.31 7.79 -1.50
CA SER A 89 2.00 8.62 -2.66
C SER A 89 1.25 7.82 -3.72
N VAL A 90 0.03 8.24 -4.02
CA VAL A 90 -0.79 7.57 -5.02
C VAL A 90 -0.70 8.27 -6.37
N VAL A 91 -0.58 7.49 -7.44
CA VAL A 91 -0.49 8.03 -8.78
C VAL A 91 -1.39 7.27 -9.75
N LYS A 92 -2.27 7.99 -10.42
CA LYS A 92 -3.20 7.39 -11.37
C LYS A 92 -2.62 7.43 -12.78
N SER A 93 -2.18 6.27 -13.26
CA SER A 93 -1.61 6.17 -14.60
C SER A 93 -2.48 5.31 -15.50
N GLY A 94 -2.72 4.08 -15.08
CA GLY A 94 -3.53 3.17 -15.86
C GLY A 94 -2.74 2.47 -16.97
N PRO A 95 -3.42 2.17 -18.08
CA PRO A 95 -2.79 1.50 -19.22
C PRO A 95 -1.80 2.39 -19.95
N SER A 96 -1.71 3.64 -19.51
CA SER A 96 -0.80 4.61 -20.13
C SER A 96 -1.12 4.80 -21.60
N SER A 97 -2.42 4.90 -21.91
CA SER A 97 -2.87 5.09 -23.28
C SER A 97 -3.91 6.20 -23.37
N GLY A 98 -4.22 6.63 -24.59
CA GLY A 98 -5.19 7.68 -24.78
C GLY A 98 -4.73 9.01 -24.23
N GLY A 1 6.96 -14.72 2.71
CA GLY A 1 6.72 -13.98 3.94
C GLY A 1 6.68 -14.88 5.16
N SER A 2 7.82 -15.01 5.84
CA SER A 2 7.92 -15.85 7.02
C SER A 2 7.31 -15.16 8.23
N SER A 3 7.14 -15.90 9.32
CA SER A 3 6.57 -15.36 10.54
C SER A 3 7.67 -14.87 11.48
N GLY A 4 7.43 -13.73 12.12
CA GLY A 4 8.41 -13.18 13.05
C GLY A 4 7.76 -12.49 14.24
N SER A 5 7.80 -11.16 14.24
CA SER A 5 7.22 -10.39 15.32
C SER A 5 5.70 -10.31 15.20
N SER A 6 5.04 -9.88 16.25
CA SER A 6 3.59 -9.77 16.27
C SER A 6 3.15 -8.33 16.54
N GLY A 7 2.58 -7.69 15.54
CA GLY A 7 2.13 -6.32 15.69
C GLY A 7 3.26 -5.36 15.98
N LYS A 8 3.17 -4.15 15.41
CA LYS A 8 4.21 -3.14 15.61
C LYS A 8 3.60 -1.74 15.60
N ALA A 9 3.70 -1.06 16.74
CA ALA A 9 3.17 0.29 16.87
C ALA A 9 3.37 1.09 15.57
N PHE A 10 4.44 0.78 14.86
CA PHE A 10 4.74 1.46 13.61
C PHE A 10 3.79 1.02 12.50
N LEU A 11 3.65 -0.30 12.34
CA LEU A 11 2.78 -0.86 11.31
C LEU A 11 1.30 -0.66 11.69
N GLU A 12 0.95 -1.10 12.89
CA GLU A 12 -0.43 -0.98 13.36
C GLU A 12 -1.01 0.38 12.98
N ASP A 13 -0.18 1.41 13.03
CA ASP A 13 -0.61 2.77 12.68
C ASP A 13 -0.71 2.94 11.17
N MET A 14 0.38 2.64 10.47
CA MET A 14 0.40 2.77 9.02
C MET A 14 -0.81 2.09 8.39
N LYS A 15 -1.02 0.82 8.72
CA LYS A 15 -2.16 0.08 8.20
C LYS A 15 -3.42 0.93 8.17
N LYS A 16 -3.89 1.31 9.35
CA LYS A 16 -5.10 2.14 9.46
C LYS A 16 -5.03 3.31 8.50
N TYR A 17 -4.13 4.26 8.76
CA TYR A 17 -3.98 5.43 7.91
C TYR A 17 -4.08 5.05 6.44
N ALA A 18 -3.08 4.30 5.96
CA ALA A 18 -3.05 3.89 4.56
C ALA A 18 -4.45 3.46 4.10
N GLU A 19 -5.13 2.67 4.90
CA GLU A 19 -6.46 2.20 4.56
C GLU A 19 -7.44 3.37 4.45
N THR A 20 -7.78 3.96 5.59
CA THR A 20 -8.69 5.10 5.63
C THR A 20 -8.29 6.16 4.62
N PHE A 21 -7.05 6.09 4.16
CA PHE A 21 -6.55 7.06 3.19
C PHE A 21 -6.72 6.54 1.76
N LEU A 22 -6.68 5.22 1.62
CA LEU A 22 -6.84 4.60 0.31
C LEU A 22 -8.25 4.06 0.12
N GLU A 23 -9.11 4.31 1.10
CA GLU A 23 -10.49 3.86 1.05
C GLU A 23 -11.14 4.25 -0.27
N PRO A 24 -11.13 5.57 -0.56
CA PRO A 24 -11.71 6.10 -1.80
C PRO A 24 -10.90 5.72 -3.04
N TRP A 25 -9.76 5.10 -2.82
CA TRP A 25 -8.89 4.67 -3.91
C TRP A 25 -8.96 3.17 -4.12
N PHE A 26 -9.37 2.46 -3.07
CA PHE A 26 -9.48 1.00 -3.13
C PHE A 26 -10.85 0.54 -2.64
N LYS A 27 -11.31 1.14 -1.55
CA LYS A 27 -12.60 0.80 -0.98
C LYS A 27 -13.75 1.39 -1.80
N ALA A 28 -14.76 0.58 -2.07
CA ALA A 28 -15.91 1.03 -2.84
C ALA A 28 -16.34 2.44 -2.43
N PRO A 29 -17.05 3.13 -3.33
CA PRO A 29 -17.42 2.58 -4.64
C PRO A 29 -16.22 2.44 -5.56
N ASN A 30 -15.05 2.87 -5.08
CA ASN A 30 -13.83 2.78 -5.86
C ASN A 30 -13.24 1.37 -5.82
N LYS A 31 -12.56 0.98 -6.89
CA LYS A 31 -11.95 -0.33 -6.97
C LYS A 31 -11.08 -0.46 -8.23
N GLY A 32 -10.26 -1.50 -8.27
CA GLY A 32 -9.40 -1.71 -9.42
C GLY A 32 -8.07 -2.32 -9.04
N THR A 33 -7.05 -2.12 -9.87
CA THR A 33 -5.72 -2.67 -9.62
C THR A 33 -4.76 -1.58 -9.16
N PHE A 34 -3.58 -1.99 -8.72
CA PHE A 34 -2.57 -1.05 -8.24
C PHE A 34 -1.21 -1.72 -8.13
N GLN A 35 -0.17 -0.92 -7.94
CA GLN A 35 1.19 -1.44 -7.82
C GLN A 35 1.94 -0.73 -6.70
N ILE A 36 2.26 -1.48 -5.65
CA ILE A 36 2.98 -0.92 -4.50
C ILE A 36 4.48 -0.93 -4.75
N VAL A 37 5.15 0.10 -4.27
CA VAL A 37 6.60 0.22 -4.43
C VAL A 37 7.26 0.73 -3.15
N TYR A 38 8.13 -0.10 -2.57
CA TYR A 38 8.83 0.27 -1.35
C TYR A 38 10.10 1.06 -1.65
N LYS A 39 10.02 2.38 -1.46
CA LYS A 39 11.16 3.25 -1.71
C LYS A 39 11.82 3.68 -0.41
N SER A 40 13.12 3.42 -0.29
CA SER A 40 13.87 3.78 0.91
C SER A 40 15.25 4.30 0.56
N ARG A 41 15.78 5.18 1.39
CA ARG A 41 17.10 5.76 1.17
C ARG A 41 17.99 5.60 2.40
N ASN A 42 17.39 5.81 3.58
CA ASN A 42 18.13 5.69 4.83
C ASN A 42 18.04 4.27 5.38
N ASN A 43 19.09 3.84 6.06
CA ASN A 43 19.13 2.50 6.64
C ASN A 43 17.82 2.16 7.33
N SER A 44 17.22 1.03 6.93
CA SER A 44 15.96 0.60 7.49
C SER A 44 16.12 -0.71 8.25
N HIS A 45 15.29 -0.92 9.27
CA HIS A 45 15.35 -2.14 10.07
C HIS A 45 14.16 -3.04 9.75
N VAL A 46 12.96 -2.50 9.85
CA VAL A 46 11.74 -3.25 9.58
C VAL A 46 11.77 -3.85 8.18
N ASN A 47 11.52 -5.16 8.10
CA ASN A 47 11.51 -5.85 6.81
C ASN A 47 10.52 -5.22 5.85
N ARG A 48 11.03 -4.47 4.89
CA ARG A 48 10.19 -3.80 3.91
C ARG A 48 9.10 -4.74 3.41
N GLU A 49 9.43 -6.01 3.26
CA GLU A 49 8.47 -7.00 2.78
C GLU A 49 7.19 -6.95 3.62
N GLU A 50 7.35 -6.95 4.93
CA GLU A 50 6.20 -6.90 5.84
C GLU A 50 5.32 -5.69 5.55
N VAL A 51 5.96 -4.58 5.16
CA VAL A 51 5.24 -3.35 4.86
C VAL A 51 4.46 -3.49 3.56
N ILE A 52 5.14 -3.91 2.50
CA ILE A 52 4.51 -4.07 1.20
C ILE A 52 3.45 -5.18 1.25
N ARG A 53 3.89 -6.39 1.51
CA ARG A 53 2.98 -7.53 1.58
C ARG A 53 1.72 -7.17 2.37
N GLU A 54 1.91 -6.53 3.51
CA GLU A 54 0.80 -6.11 4.36
C GLU A 54 -0.09 -5.10 3.65
N LEU A 55 0.49 -3.95 3.32
CA LEU A 55 -0.25 -2.89 2.64
C LEU A 55 -1.23 -3.48 1.63
N ALA A 56 -0.76 -4.44 0.84
CA ALA A 56 -1.59 -5.08 -0.17
C ALA A 56 -2.72 -5.87 0.49
N GLY A 57 -2.38 -6.64 1.52
CA GLY A 57 -3.38 -7.42 2.21
C GLY A 57 -4.56 -6.59 2.70
N ILE A 58 -4.30 -5.31 2.95
CA ILE A 58 -5.34 -4.41 3.43
C ILE A 58 -6.23 -3.94 2.29
N VAL A 59 -5.61 -3.55 1.17
CA VAL A 59 -6.35 -3.10 0.01
C VAL A 59 -7.50 -4.04 -0.32
N CYS A 60 -7.20 -5.34 -0.38
CA CYS A 60 -8.21 -6.35 -0.69
C CYS A 60 -9.33 -6.33 0.36
N THR A 61 -8.95 -6.15 1.61
CA THR A 61 -9.91 -6.12 2.71
C THR A 61 -11.02 -5.10 2.44
N LEU A 62 -10.63 -3.94 1.91
CA LEU A 62 -11.60 -2.88 1.60
C LEU A 62 -12.61 -3.36 0.58
N ASN A 63 -12.16 -3.58 -0.65
CA ASN A 63 -13.03 -4.05 -1.72
C ASN A 63 -12.48 -5.30 -2.38
N SER A 64 -13.25 -6.38 -2.33
CA SER A 64 -12.83 -7.65 -2.91
C SER A 64 -12.45 -7.47 -4.37
N GLU A 65 -13.05 -6.48 -5.02
CA GLU A 65 -12.78 -6.20 -6.42
C GLU A 65 -11.34 -5.73 -6.62
N ASN A 66 -10.75 -5.20 -5.55
CA ASN A 66 -9.38 -4.70 -5.60
C ASN A 66 -8.39 -5.84 -5.83
N LYS A 67 -7.47 -5.64 -6.76
CA LYS A 67 -6.47 -6.65 -7.08
C LYS A 67 -5.15 -6.00 -7.48
N VAL A 68 -4.17 -6.08 -6.60
CA VAL A 68 -2.85 -5.50 -6.86
C VAL A 68 -2.17 -6.21 -8.04
N ASP A 69 -1.85 -5.44 -9.07
CA ASP A 69 -1.20 -5.99 -10.25
C ASP A 69 0.08 -5.20 -10.57
N LEU A 70 1.06 -5.89 -11.15
CA LEU A 70 2.32 -5.26 -11.51
C LEU A 70 2.50 -5.22 -13.02
N THR A 71 1.48 -5.67 -13.75
CA THR A 71 1.52 -5.68 -15.21
C THR A 71 0.67 -4.55 -15.78
N ASN A 72 -0.57 -4.45 -15.31
CA ASN A 72 -1.48 -3.42 -15.79
C ASN A 72 -2.16 -2.71 -14.61
N PRO A 73 -1.35 -2.16 -13.70
CA PRO A 73 -1.85 -1.45 -12.53
C PRO A 73 -2.51 -0.13 -12.87
N GLN A 74 -3.58 0.22 -12.15
CA GLN A 74 -4.30 1.46 -12.39
C GLN A 74 -3.86 2.53 -11.41
N TYR A 75 -3.52 2.13 -10.21
CA TYR A 75 -3.10 3.06 -9.17
C TYR A 75 -1.75 2.66 -8.58
N THR A 76 -0.77 3.55 -8.67
CA THR A 76 0.56 3.27 -8.15
C THR A 76 0.74 3.87 -6.76
N VAL A 77 0.78 3.01 -5.75
CA VAL A 77 0.95 3.44 -4.38
C VAL A 77 2.39 3.24 -3.90
N VAL A 78 3.16 4.32 -3.90
CA VAL A 78 4.55 4.26 -3.47
C VAL A 78 4.71 4.71 -2.02
N VAL A 79 5.54 4.01 -1.26
CA VAL A 79 5.78 4.34 0.13
C VAL A 79 7.22 4.81 0.36
N GLU A 80 7.38 6.10 0.58
CA GLU A 80 8.71 6.67 0.82
C GLU A 80 8.89 7.05 2.28
N ILE A 81 9.96 6.55 2.88
CA ILE A 81 10.25 6.83 4.28
C ILE A 81 10.82 8.24 4.45
N ILE A 82 10.00 9.13 5.00
CA ILE A 82 10.42 10.52 5.22
C ILE A 82 10.48 10.83 6.71
N LYS A 83 11.66 10.64 7.29
CA LYS A 83 11.87 10.92 8.72
C LYS A 83 11.08 9.94 9.58
N ALA A 84 11.15 8.66 9.23
CA ALA A 84 10.46 7.63 9.97
C ALA A 84 8.95 7.72 9.76
N VAL A 85 8.55 8.08 8.55
CA VAL A 85 7.13 8.21 8.22
C VAL A 85 6.82 7.58 6.86
N CYS A 86 5.79 6.74 6.83
CA CYS A 86 5.39 6.07 5.60
C CYS A 86 4.68 7.04 4.66
N CYS A 87 5.42 7.57 3.69
CA CYS A 87 4.86 8.51 2.73
C CYS A 87 4.15 7.77 1.60
N LEU A 88 2.83 7.67 1.70
CA LEU A 88 2.04 6.98 0.69
C LEU A 88 1.62 7.95 -0.41
N SER A 89 2.06 7.66 -1.63
CA SER A 89 1.73 8.51 -2.78
C SER A 89 1.00 7.71 -3.85
N VAL A 90 -0.23 8.13 -4.15
CA VAL A 90 -1.04 7.45 -5.16
C VAL A 90 -0.96 8.18 -6.50
N VAL A 91 -0.64 7.44 -7.55
CA VAL A 91 -0.54 8.00 -8.89
C VAL A 91 -1.37 7.21 -9.89
N LYS A 92 -2.42 7.85 -10.42
CA LYS A 92 -3.30 7.22 -11.39
C LYS A 92 -2.70 7.27 -12.79
N SER A 93 -2.34 6.12 -13.32
CA SER A 93 -1.75 6.04 -14.65
C SER A 93 -2.49 5.00 -15.51
N GLY A 94 -3.12 5.46 -16.59
CA GLY A 94 -3.84 4.57 -17.46
C GLY A 94 -5.31 4.95 -17.60
N PRO A 95 -5.65 5.61 -18.71
CA PRO A 95 -7.02 6.04 -18.99
C PRO A 95 -7.95 4.87 -19.28
N SER A 96 -7.36 3.72 -19.60
CA SER A 96 -8.14 2.52 -19.90
C SER A 96 -8.52 1.78 -18.63
N SER A 97 -9.80 1.48 -18.49
CA SER A 97 -10.31 0.78 -17.32
C SER A 97 -10.37 -0.72 -17.58
N GLY A 98 -10.23 -1.51 -16.51
CA GLY A 98 -10.27 -2.95 -16.64
C GLY A 98 -11.68 -3.51 -16.50
N GLY A 1 -3.23 -14.62 5.47
CA GLY A 1 -2.76 -14.97 6.80
C GLY A 1 -1.25 -15.08 6.86
N SER A 2 -0.76 -15.85 7.84
CA SER A 2 0.67 -16.03 8.02
C SER A 2 1.41 -14.70 7.87
N SER A 3 0.84 -13.64 8.44
CA SER A 3 1.44 -12.32 8.37
C SER A 3 1.35 -11.60 9.71
N GLY A 4 2.42 -10.91 10.08
CA GLY A 4 2.44 -10.19 11.35
C GLY A 4 2.73 -11.09 12.52
N SER A 5 3.68 -10.67 13.36
CA SER A 5 4.07 -11.46 14.53
C SER A 5 4.14 -10.57 15.77
N SER A 6 4.91 -9.49 15.69
CA SER A 6 5.07 -8.58 16.81
C SER A 6 4.46 -7.22 16.49
N GLY A 7 3.48 -6.81 17.28
CA GLY A 7 2.83 -5.53 17.06
C GLY A 7 3.81 -4.38 17.02
N LYS A 8 3.66 -3.51 16.04
CA LYS A 8 4.54 -2.35 15.90
C LYS A 8 3.79 -1.16 15.30
N ALA A 9 3.60 -0.13 16.11
CA ALA A 9 2.91 1.06 15.67
C ALA A 9 3.23 1.38 14.21
N PHE A 10 4.51 1.38 13.87
CA PHE A 10 4.96 1.66 12.51
C PHE A 10 4.00 1.04 11.49
N LEU A 11 3.71 -0.25 11.68
CA LEU A 11 2.81 -0.96 10.79
C LEU A 11 1.36 -0.71 11.16
N GLU A 12 1.00 -1.05 12.39
CA GLU A 12 -0.36 -0.87 12.87
C GLU A 12 -0.92 0.47 12.41
N ASP A 13 -0.32 1.56 12.90
CA ASP A 13 -0.77 2.89 12.54
C ASP A 13 -0.93 3.02 11.02
N MET A 14 0.06 2.55 10.28
CA MET A 14 0.01 2.60 8.82
C MET A 14 -1.25 1.94 8.29
N LYS A 15 -1.51 0.72 8.75
CA LYS A 15 -2.68 -0.02 8.32
C LYS A 15 -3.94 0.84 8.39
N LYS A 16 -4.14 1.48 9.54
CA LYS A 16 -5.30 2.35 9.73
C LYS A 16 -5.32 3.48 8.71
N TYR A 17 -4.27 4.30 8.73
CA TYR A 17 -4.17 5.42 7.79
C TYR A 17 -4.28 4.94 6.35
N ALA A 18 -3.27 4.21 5.90
CA ALA A 18 -3.25 3.69 4.53
C ALA A 18 -4.64 3.22 4.11
N GLU A 19 -5.37 2.62 5.05
CA GLU A 19 -6.71 2.13 4.78
C GLU A 19 -7.70 3.28 4.62
N THR A 20 -8.01 3.94 5.73
CA THR A 20 -8.94 5.06 5.72
C THR A 20 -8.54 6.10 4.69
N PHE A 21 -7.29 6.02 4.22
CA PHE A 21 -6.77 6.96 3.24
C PHE A 21 -6.95 6.42 1.83
N LEU A 22 -6.74 5.11 1.68
CA LEU A 22 -6.87 4.45 0.38
C LEU A 22 -8.28 3.90 0.19
N GLU A 23 -9.15 4.16 1.16
CA GLU A 23 -10.53 3.69 1.10
C GLU A 23 -11.19 4.10 -0.22
N PRO A 24 -11.21 5.42 -0.48
CA PRO A 24 -11.80 5.97 -1.70
C PRO A 24 -11.00 5.63 -2.95
N TRP A 25 -9.83 5.03 -2.75
CA TRP A 25 -8.96 4.64 -3.86
C TRP A 25 -9.02 3.13 -4.11
N PHE A 26 -9.37 2.39 -3.07
CA PHE A 26 -9.47 0.94 -3.16
C PHE A 26 -10.83 0.44 -2.69
N LYS A 27 -11.32 1.02 -1.59
CA LYS A 27 -12.60 0.65 -1.03
C LYS A 27 -13.75 1.24 -1.84
N ALA A 28 -14.76 0.43 -2.11
CA ALA A 28 -15.92 0.89 -2.88
C ALA A 28 -16.35 2.27 -2.45
N PRO A 29 -17.06 2.98 -3.33
CA PRO A 29 -17.42 2.45 -4.66
C PRO A 29 -16.20 2.33 -5.57
N ASN A 30 -15.04 2.74 -5.07
CA ASN A 30 -13.80 2.68 -5.84
C ASN A 30 -13.21 1.27 -5.81
N LYS A 31 -12.49 0.92 -6.87
CA LYS A 31 -11.87 -0.39 -6.96
C LYS A 31 -10.99 -0.49 -8.21
N GLY A 32 -10.19 -1.55 -8.28
CA GLY A 32 -9.32 -1.74 -9.42
C GLY A 32 -7.99 -2.36 -9.04
N THR A 33 -6.98 -2.16 -9.89
CA THR A 33 -5.66 -2.70 -9.62
C THR A 33 -4.69 -1.62 -9.15
N PHE A 34 -3.52 -2.03 -8.69
CA PHE A 34 -2.51 -1.10 -8.21
C PHE A 34 -1.15 -1.77 -8.08
N GLN A 35 -0.13 -0.98 -7.77
CA GLN A 35 1.22 -1.50 -7.62
C GLN A 35 1.94 -0.83 -6.46
N ILE A 36 2.30 -1.63 -5.46
CA ILE A 36 3.01 -1.12 -4.29
C ILE A 36 4.52 -1.17 -4.48
N VAL A 37 5.19 -0.10 -4.09
CA VAL A 37 6.65 -0.02 -4.21
C VAL A 37 7.27 0.56 -2.95
N TYR A 38 8.27 -0.14 -2.41
CA TYR A 38 8.96 0.31 -1.21
C TYR A 38 10.19 1.14 -1.56
N LYS A 39 10.09 2.45 -1.38
CA LYS A 39 11.19 3.35 -1.68
C LYS A 39 11.86 3.83 -0.39
N SER A 40 13.09 3.39 -0.17
CA SER A 40 13.84 3.78 1.02
C SER A 40 15.18 4.40 0.65
N ARG A 41 15.77 5.13 1.59
CA ARG A 41 17.05 5.78 1.36
C ARG A 41 18.05 5.41 2.46
N ASN A 42 17.70 5.73 3.70
CA ASN A 42 18.56 5.44 4.84
C ASN A 42 18.43 3.98 5.27
N ASN A 43 19.56 3.35 5.57
CA ASN A 43 19.56 1.95 5.98
C ASN A 43 18.38 1.65 6.89
N SER A 44 17.37 0.98 6.33
CA SER A 44 16.18 0.63 7.08
C SER A 44 16.28 -0.79 7.64
N HIS A 45 16.19 -0.92 8.95
CA HIS A 45 16.27 -2.21 9.61
C HIS A 45 15.03 -3.06 9.30
N VAL A 46 13.86 -2.48 9.54
CA VAL A 46 12.59 -3.18 9.28
C VAL A 46 12.54 -3.69 7.85
N ASN A 47 12.07 -4.92 7.68
CA ASN A 47 11.95 -5.53 6.37
C ASN A 47 10.81 -4.90 5.57
N ARG A 48 11.09 -4.57 4.32
CA ARG A 48 10.09 -3.96 3.44
C ARG A 48 8.98 -4.95 3.09
N GLU A 49 9.33 -6.24 3.10
CA GLU A 49 8.38 -7.29 2.79
C GLU A 49 7.14 -7.18 3.67
N GLU A 50 7.36 -7.07 4.98
CA GLU A 50 6.25 -6.96 5.92
C GLU A 50 5.36 -5.77 5.59
N VAL A 51 5.98 -4.65 5.24
CA VAL A 51 5.25 -3.44 4.89
C VAL A 51 4.47 -3.62 3.59
N ILE A 52 5.19 -3.85 2.50
CA ILE A 52 4.57 -4.04 1.21
C ILE A 52 3.50 -5.13 1.26
N ARG A 53 3.94 -6.37 1.40
CA ARG A 53 3.02 -7.51 1.47
C ARG A 53 1.79 -7.15 2.28
N GLU A 54 1.99 -6.46 3.40
CA GLU A 54 0.88 -6.06 4.26
C GLU A 54 -0.02 -5.06 3.55
N LEU A 55 0.52 -3.87 3.26
CA LEU A 55 -0.25 -2.83 2.58
C LEU A 55 -1.21 -3.44 1.56
N ALA A 56 -0.72 -4.41 0.80
CA ALA A 56 -1.54 -5.07 -0.20
C ALA A 56 -2.64 -5.91 0.44
N GLY A 57 -2.28 -6.68 1.46
CA GLY A 57 -3.25 -7.51 2.14
C GLY A 57 -4.44 -6.71 2.66
N ILE A 58 -4.23 -5.42 2.88
CA ILE A 58 -5.29 -4.55 3.37
C ILE A 58 -6.20 -4.09 2.24
N VAL A 59 -5.58 -3.59 1.17
CA VAL A 59 -6.34 -3.12 0.01
C VAL A 59 -7.53 -4.03 -0.29
N CYS A 60 -7.33 -5.34 -0.08
CA CYS A 60 -8.38 -6.31 -0.33
C CYS A 60 -9.52 -6.15 0.68
N THR A 61 -9.18 -6.22 1.96
CA THR A 61 -10.17 -6.08 3.02
C THR A 61 -11.20 -5.02 2.67
N LEU A 62 -10.79 -4.04 1.87
CA LEU A 62 -11.68 -2.96 1.45
C LEU A 62 -12.68 -3.44 0.41
N ASN A 63 -12.19 -3.76 -0.78
CA ASN A 63 -13.03 -4.24 -1.87
C ASN A 63 -12.43 -5.48 -2.52
N SER A 64 -13.20 -6.57 -2.54
CA SER A 64 -12.74 -7.82 -3.13
C SER A 64 -12.29 -7.60 -4.57
N GLU A 65 -12.93 -6.65 -5.25
CA GLU A 65 -12.60 -6.35 -6.63
C GLU A 65 -11.16 -5.84 -6.75
N ASN A 66 -10.65 -5.28 -5.66
CA ASN A 66 -9.29 -4.75 -5.63
C ASN A 66 -8.27 -5.87 -5.83
N LYS A 67 -7.35 -5.67 -6.76
CA LYS A 67 -6.32 -6.67 -7.04
C LYS A 67 -5.02 -5.99 -7.50
N VAL A 68 -4.02 -5.98 -6.62
CA VAL A 68 -2.74 -5.37 -6.94
C VAL A 68 -2.08 -6.07 -8.12
N ASP A 69 -1.88 -5.32 -9.20
CA ASP A 69 -1.25 -5.87 -10.40
C ASP A 69 0.03 -5.12 -10.73
N LEU A 70 0.99 -5.82 -11.32
CA LEU A 70 2.28 -5.22 -11.68
C LEU A 70 2.40 -5.09 -13.20
N THR A 71 1.33 -5.45 -13.91
CA THR A 71 1.32 -5.36 -15.36
C THR A 71 0.43 -4.23 -15.84
N ASN A 72 -0.84 -4.26 -15.42
CA ASN A 72 -1.80 -3.22 -15.81
C ASN A 72 -2.33 -2.49 -14.59
N PRO A 73 -1.41 -1.95 -13.77
CA PRO A 73 -1.78 -1.22 -12.55
C PRO A 73 -2.43 0.12 -12.85
N GLN A 74 -3.59 0.35 -12.24
CA GLN A 74 -4.32 1.61 -12.45
C GLN A 74 -3.87 2.67 -11.46
N TYR A 75 -3.53 2.24 -10.25
CA TYR A 75 -3.09 3.15 -9.20
C TYR A 75 -1.80 2.67 -8.56
N THR A 76 -0.76 3.51 -8.64
CA THR A 76 0.54 3.16 -8.07
C THR A 76 0.69 3.74 -6.67
N VAL A 77 0.75 2.87 -5.67
CA VAL A 77 0.90 3.30 -4.28
C VAL A 77 2.33 3.09 -3.80
N VAL A 78 3.10 4.17 -3.78
CA VAL A 78 4.49 4.12 -3.34
C VAL A 78 4.63 4.59 -1.90
N VAL A 79 5.55 3.97 -1.16
CA VAL A 79 5.78 4.33 0.23
C VAL A 79 7.21 4.79 0.45
N GLU A 80 7.41 6.10 0.55
CA GLU A 80 8.73 6.66 0.75
C GLU A 80 9.02 6.83 2.24
N ILE A 81 10.31 6.85 2.59
CA ILE A 81 10.72 7.01 3.98
C ILE A 81 11.58 8.26 4.17
N ILE A 82 11.10 9.17 4.99
CA ILE A 82 11.83 10.41 5.26
C ILE A 82 11.95 10.67 6.75
N LYS A 83 13.10 10.32 7.32
CA LYS A 83 13.34 10.51 8.75
C LYS A 83 12.57 9.48 9.58
N ALA A 84 12.64 8.22 9.16
CA ALA A 84 11.96 7.15 9.87
C ALA A 84 10.45 7.37 9.88
N VAL A 85 9.91 7.74 8.73
CA VAL A 85 8.48 7.99 8.60
C VAL A 85 7.92 7.34 7.34
N CYS A 86 6.60 7.19 7.29
CA CYS A 86 5.94 6.58 6.14
C CYS A 86 5.22 7.64 5.31
N CYS A 87 5.53 7.67 4.01
CA CYS A 87 4.93 8.64 3.11
C CYS A 87 4.29 7.93 1.91
N LEU A 88 2.99 7.68 2.01
CA LEU A 88 2.25 7.02 0.94
C LEU A 88 1.86 8.01 -0.15
N SER A 89 2.20 7.68 -1.39
CA SER A 89 1.87 8.54 -2.52
C SER A 89 1.15 7.76 -3.62
N VAL A 90 -0.08 8.16 -3.91
CA VAL A 90 -0.88 7.51 -4.94
C VAL A 90 -0.74 8.21 -6.29
N VAL A 91 -0.35 7.46 -7.31
CA VAL A 91 -0.18 8.00 -8.65
C VAL A 91 -1.15 7.37 -9.63
N LYS A 92 -2.03 8.18 -10.20
CA LYS A 92 -3.02 7.70 -11.16
C LYS A 92 -2.46 7.72 -12.58
N SER A 93 -2.21 6.53 -13.11
CA SER A 93 -1.67 6.41 -14.47
C SER A 93 -2.62 5.62 -15.37
N GLY A 94 -2.90 6.18 -16.54
CA GLY A 94 -3.79 5.51 -17.49
C GLY A 94 -5.16 6.15 -17.52
N PRO A 95 -5.30 7.21 -18.33
CA PRO A 95 -6.57 7.94 -18.47
C PRO A 95 -7.63 7.12 -19.19
N SER A 96 -8.76 6.89 -18.53
CA SER A 96 -9.84 6.11 -19.13
C SER A 96 -10.89 7.03 -19.74
N SER A 97 -11.24 8.10 -19.02
CA SER A 97 -12.24 9.04 -19.50
C SER A 97 -11.60 10.08 -20.41
N GLY A 98 -12.14 10.22 -21.62
CA GLY A 98 -11.61 11.18 -22.57
C GLY A 98 -12.52 12.38 -22.76
#